data_7XSY
#
_entry.id   7XSY
#
_cell.length_a   148.050
_cell.length_b   149.910
_cell.length_c   162.010
_cell.angle_alpha   90.00
_cell.angle_beta   90.00
_cell.angle_gamma   90.00
#
_symmetry.space_group_name_H-M   'P 21 21 21'
#
loop_
_entity.id
_entity.type
_entity.pdbx_description
1 polymer '1,4-alpha-glucan branching enzyme'
2 non-polymer GLYCEROL
3 water water
#
_entity_poly.entity_id   1
_entity_poly.type   'polypeptide(L)'
_entity_poly.pdbx_seq_one_letter_code
;MGSSHHHHHHSSGLVPRGSHMKEPSLETIKQDYPYQYFGAHPNETETTFRVYAPRATGVNLMREGTGWDCFAEPMTKNED
GVWEITIPENLTWSEYKYYIENSDDYLNQPYGMARIDPFSPQLAVTWGNDGTRNFNSIVCDRNYFQWTHKHIDLPHEPMS
IYEMHLSTFHDGNYRDIAHKIVDHMSYMGFTHVQIMPPFQTPIHQSWGYLVGCPYAIYERHGTVDDFKYLVNHCHAHGIG
VIVDVPLGFGVQDWDCGLANYDGTDLYHHSGSRGWNNQWNSRIYNVGDTYVKNYLIGLCTYLYHELGIDGARIDAVASQI
FFDYDRGFWDWPRNDREQVELENWELFNNLGGDRYFEERGYWLSEAVDFAGLRFLRDLHARLQHTAPKFITIAEESRRVF
PKLACPVDEGGLGFTYAQNMGEMHRIRSYLQIPIEHRLIEHIEILIHNNSAEKMVNAMNTHDECANGKVRLITELGNHIP
LIGLAALCWFRPGAPMIFQGDEFGEEGYFDVFHGVDWSKTGPYAALHQQQISNNFHDLNQLLRHEPALARHGINSMIRNG
SNNERKWFSFIRWGGDVGFESSDPKDHKDDIIFVRNETPYPVECHAEIYVPVAAEYRVIYNSIDQRYIGSQHYNQHDPYW
TIHSAGQFLYFDLHPYQNIALKLKNHP
;
_entity_poly.pdbx_strand_id   A,B,C,D
#
loop_
_chem_comp.id
_chem_comp.type
_chem_comp.name
_chem_comp.formula
GOL non-polymer GLYCEROL 'C3 H8 O3'
#
# COMPACT_ATOMS: atom_id res chain seq x y z
N PRO A 24 48.36 -33.86 39.64
CA PRO A 24 48.42 -32.90 38.52
C PRO A 24 49.82 -32.29 38.32
N SER A 25 50.54 -32.70 37.27
CA SER A 25 51.85 -32.11 36.89
C SER A 25 51.69 -30.63 36.57
N LEU A 26 52.74 -29.85 36.81
CA LEU A 26 52.84 -28.44 36.35
C LEU A 26 52.39 -28.36 34.88
N GLU A 27 52.76 -29.35 34.05
CA GLU A 27 52.54 -29.31 32.58
C GLU A 27 51.05 -29.37 32.25
N THR A 28 50.25 -30.14 32.99
CA THR A 28 48.78 -30.22 32.76
C THR A 28 48.10 -28.99 33.40
N ILE A 29 48.64 -28.44 34.48
CA ILE A 29 48.21 -27.12 35.07
C ILE A 29 48.38 -26.04 33.99
N LYS A 30 49.60 -25.92 33.44
CA LYS A 30 49.98 -24.92 32.41
C LYS A 30 49.11 -25.14 31.16
N GLN A 31 48.71 -26.38 30.88
CA GLN A 31 47.91 -26.68 29.68
C GLN A 31 46.41 -26.44 29.96
N ASP A 32 45.87 -26.98 31.06
CA ASP A 32 44.42 -27.09 31.32
C ASP A 32 43.91 -25.98 32.27
N TYR A 33 44.73 -25.52 33.22
CA TYR A 33 44.36 -24.53 34.27
C TYR A 33 45.42 -23.44 34.32
N PRO A 34 45.75 -22.82 33.17
CA PRO A 34 46.89 -21.91 33.06
C PRO A 34 46.89 -20.69 33.99
N TYR A 35 45.72 -20.35 34.51
CA TYR A 35 45.50 -19.18 35.40
C TYR A 35 45.94 -19.54 36.83
N GLN A 36 46.21 -20.83 37.11
CA GLN A 36 46.74 -21.27 38.43
C GLN A 36 48.27 -21.09 38.47
N TYR A 37 48.91 -20.85 37.33
CA TYR A 37 50.37 -20.69 37.18
C TYR A 37 50.69 -19.24 36.79
N PHE A 38 50.19 -18.78 35.65
CA PHE A 38 50.34 -17.39 35.16
C PHE A 38 49.52 -16.44 36.04
N GLY A 39 49.95 -15.18 36.13
CA GLY A 39 49.24 -14.15 36.91
C GLY A 39 49.84 -13.85 38.29
N ALA A 40 49.00 -13.35 39.20
CA ALA A 40 49.36 -12.99 40.60
C ALA A 40 48.80 -14.05 41.57
N HIS A 41 49.69 -14.68 42.35
CA HIS A 41 49.38 -15.82 43.27
C HIS A 41 49.89 -15.48 44.66
N PRO A 42 49.04 -14.86 45.51
CA PRO A 42 49.40 -14.58 46.90
C PRO A 42 49.12 -15.75 47.85
N ASN A 43 49.90 -15.83 48.94
CA ASN A 43 49.52 -16.54 50.19
C ASN A 43 49.83 -15.60 51.36
N GLU A 44 49.78 -16.14 52.58
CA GLU A 44 50.06 -15.40 53.85
C GLU A 44 51.47 -14.79 53.79
N THR A 45 52.45 -15.52 53.25
CA THR A 45 53.90 -15.20 53.29
C THR A 45 54.29 -14.28 52.13
N GLU A 46 53.95 -14.66 50.89
CA GLU A 46 54.55 -14.09 49.66
C GLU A 46 53.52 -14.03 48.51
N THR A 47 53.91 -13.39 47.40
CA THR A 47 53.10 -13.23 46.15
C THR A 47 53.99 -13.55 44.94
N THR A 48 53.66 -14.59 44.19
CA THR A 48 54.37 -14.92 42.91
C THR A 48 53.56 -14.34 41.72
N PHE A 49 54.28 -13.61 40.84
CA PHE A 49 53.83 -13.12 39.52
C PHE A 49 54.59 -13.85 38.42
N ARG A 50 53.85 -14.35 37.42
CA ARG A 50 54.44 -14.91 36.17
C ARG A 50 53.66 -14.34 34.98
N VAL A 51 54.36 -13.99 33.91
CA VAL A 51 53.76 -13.52 32.63
C VAL A 51 54.62 -14.03 31.48
N TYR A 52 53.99 -14.65 30.50
CA TYR A 52 54.62 -15.10 29.23
C TYR A 52 54.91 -13.88 28.34
N ALA A 53 56.19 -13.70 27.96
CA ALA A 53 56.63 -12.70 26.95
C ALA A 53 57.95 -13.16 26.32
N PRO A 54 57.92 -14.10 25.36
CA PRO A 54 59.11 -14.79 24.92
C PRO A 54 60.06 -13.95 24.06
N ARG A 55 59.65 -12.76 23.62
CA ARG A 55 60.48 -11.87 22.77
C ARG A 55 60.80 -10.59 23.53
N ALA A 56 60.32 -10.48 24.79
CA ALA A 56 60.70 -9.37 25.69
C ALA A 56 62.21 -9.43 25.99
N THR A 57 62.76 -8.24 26.20
CA THR A 57 64.20 -7.96 26.46
C THR A 57 64.35 -7.80 27.97
N GLY A 58 63.35 -7.19 28.61
CA GLY A 58 63.17 -7.16 30.07
C GLY A 58 61.70 -7.14 30.44
N VAL A 59 61.38 -7.55 31.67
CA VAL A 59 60.02 -7.35 32.26
C VAL A 59 60.22 -6.99 33.73
N ASN A 60 59.61 -5.87 34.14
CA ASN A 60 59.74 -5.32 35.51
C ASN A 60 58.36 -5.30 36.18
N LEU A 61 58.29 -5.76 37.42
CA LEU A 61 57.06 -5.66 38.21
C LEU A 61 56.88 -4.21 38.65
N MET A 62 55.84 -3.55 38.13
CA MET A 62 55.37 -2.24 38.62
C MET A 62 54.31 -2.48 39.69
N ARG A 63 54.42 -1.84 40.87
CA ARG A 63 53.36 -1.84 41.93
C ARG A 63 53.38 -0.54 42.73
N GLU A 64 52.31 -0.26 43.48
CA GLU A 64 52.19 0.92 44.38
C GLU A 64 53.26 0.81 45.48
N GLY A 65 53.62 -0.41 45.89
CA GLY A 65 54.72 -0.71 46.84
C GLY A 65 56.00 0.09 46.57
N THR A 66 56.45 0.14 45.32
CA THR A 66 57.72 0.78 44.86
C THR A 66 57.41 2.07 44.07
N GLY A 67 56.27 2.72 44.36
CA GLY A 67 55.87 4.02 43.77
C GLY A 67 55.83 4.02 42.24
N TRP A 68 55.52 2.88 41.63
CA TRP A 68 55.32 2.70 40.16
C TRP A 68 56.61 2.99 39.39
N ASP A 69 57.76 2.75 40.02
CA ASP A 69 59.09 2.76 39.38
C ASP A 69 59.15 1.60 38.37
N CYS A 70 59.40 1.92 37.10
CA CYS A 70 59.39 0.97 35.96
C CYS A 70 60.60 0.04 35.99
N PHE A 71 61.64 0.34 36.79
CA PHE A 71 62.93 -0.41 36.75
C PHE A 71 63.31 -1.00 38.12
N ALA A 72 62.49 -0.78 39.15
CA ALA A 72 62.75 -1.18 40.56
C ALA A 72 62.95 -2.70 40.68
N GLU A 73 62.07 -3.52 40.10
CA GLU A 73 62.03 -4.98 40.40
C GLU A 73 62.09 -5.81 39.12
N PRO A 74 63.27 -5.92 38.45
CA PRO A 74 63.45 -6.86 37.33
C PRO A 74 62.97 -8.29 37.65
N MET A 75 62.22 -8.87 36.71
CA MET A 75 61.70 -10.26 36.78
C MET A 75 62.65 -11.10 35.96
N THR A 76 62.55 -12.42 36.04
CA THR A 76 63.56 -13.37 35.54
C THR A 76 62.96 -14.31 34.50
N LYS A 77 63.39 -14.17 33.24
CA LYS A 77 62.94 -15.05 32.12
C LYS A 77 63.53 -16.46 32.36
N ASN A 78 62.67 -17.47 32.50
CA ASN A 78 63.04 -18.91 32.57
C ASN A 78 63.19 -19.43 31.14
N GLU A 79 63.49 -20.72 30.99
CA GLU A 79 63.72 -21.41 29.69
C GLU A 79 62.59 -21.11 28.70
N ASP A 80 61.32 -21.23 29.12
CA ASP A 80 60.16 -21.33 28.19
C ASP A 80 59.64 -19.94 27.78
N GLY A 81 60.22 -18.84 28.27
CA GLY A 81 59.87 -17.47 27.86
C GLY A 81 58.94 -16.78 28.86
N VAL A 82 58.85 -17.33 30.08
CA VAL A 82 57.99 -16.86 31.19
C VAL A 82 58.84 -16.08 32.18
N TRP A 83 58.53 -14.79 32.34
CA TRP A 83 59.14 -13.93 33.37
C TRP A 83 58.44 -14.20 34.68
N GLU A 84 59.21 -14.47 35.74
CA GLU A 84 58.74 -14.79 37.11
C GLU A 84 59.43 -13.88 38.10
N ILE A 85 58.79 -13.69 39.26
CA ILE A 85 59.41 -13.10 40.47
C ILE A 85 58.53 -13.46 41.65
N THR A 86 59.15 -13.69 42.82
CA THR A 86 58.44 -13.71 44.11
C THR A 86 58.81 -12.46 44.90
N ILE A 87 57.78 -11.71 45.33
CA ILE A 87 57.93 -10.61 46.33
C ILE A 87 57.58 -11.25 47.69
N PRO A 88 58.39 -11.04 48.76
CA PRO A 88 58.07 -11.60 50.08
C PRO A 88 57.04 -10.81 50.91
N GLU A 89 55.93 -10.42 50.30
CA GLU A 89 54.74 -9.82 50.98
C GLU A 89 53.47 -10.52 50.46
N ASN A 90 52.42 -10.58 51.27
CA ASN A 90 51.02 -10.81 50.82
C ASN A 90 50.56 -9.52 50.15
N LEU A 91 50.50 -9.51 48.82
CA LEU A 91 50.12 -8.32 48.01
C LEU A 91 48.61 -8.28 47.73
N THR A 92 47.83 -9.23 48.28
CA THR A 92 46.37 -9.39 48.00
C THR A 92 45.68 -8.02 48.04
N TRP A 93 45.00 -7.65 46.95
CA TRP A 93 44.15 -6.43 46.77
C TRP A 93 44.98 -5.24 46.29
N SER A 94 46.32 -5.33 46.30
CA SER A 94 47.23 -4.25 45.80
C SER A 94 47.26 -4.25 44.27
N GLU A 95 47.68 -3.15 43.66
CA GLU A 95 47.63 -2.94 42.19
C GLU A 95 49.05 -3.10 41.64
N TYR A 96 49.13 -3.46 40.36
CA TYR A 96 50.40 -3.75 39.65
C TYR A 96 50.18 -3.83 38.13
N LYS A 97 51.27 -3.62 37.39
CA LYS A 97 51.39 -3.79 35.92
C LYS A 97 52.74 -4.48 35.64
N TYR A 98 52.99 -4.81 34.38
CA TYR A 98 54.30 -5.27 33.88
C TYR A 98 54.87 -4.19 32.98
N TYR A 99 56.04 -3.64 33.33
CA TYR A 99 56.85 -2.83 32.37
C TYR A 99 57.59 -3.81 31.46
N ILE A 100 57.26 -3.82 30.17
CA ILE A 100 57.71 -4.80 29.16
C ILE A 100 58.53 -4.05 28.11
N GLU A 101 59.76 -4.48 27.90
CA GLU A 101 60.73 -3.92 26.91
C GLU A 101 61.03 -4.97 25.85
N ASN A 102 61.13 -4.52 24.61
CA ASN A 102 61.76 -5.30 23.52
C ASN A 102 62.62 -4.32 22.74
N SER A 103 63.93 -4.33 23.00
CA SER A 103 64.95 -3.51 22.31
C SER A 103 65.77 -4.46 21.42
N ASP A 104 65.18 -4.84 20.30
CA ASP A 104 65.79 -5.70 19.23
C ASP A 104 65.62 -5.00 17.89
N ASP A 105 66.38 -5.43 16.88
CA ASP A 105 66.60 -4.69 15.61
C ASP A 105 65.67 -5.22 14.51
N TYR A 106 64.46 -5.67 14.88
CA TYR A 106 63.38 -6.08 13.95
C TYR A 106 62.15 -5.19 14.15
N GLN A 109 62.22 0.86 15.85
CA GLN A 109 61.29 1.25 16.97
C GLN A 109 61.57 0.36 18.17
N PRO A 110 62.15 0.90 19.28
CA PRO A 110 62.34 0.12 20.51
C PRO A 110 61.08 0.10 21.41
N TYR A 111 60.48 -1.08 21.59
CA TYR A 111 59.19 -1.24 22.32
C TYR A 111 59.46 -1.12 23.82
N GLY A 112 58.60 -0.39 24.53
CA GLY A 112 58.69 -0.23 25.99
C GLY A 112 57.45 0.43 26.53
N MET A 113 56.60 -0.31 27.25
CA MET A 113 55.40 0.27 27.92
C MET A 113 54.90 -0.63 29.06
N ALA A 114 54.13 -0.01 29.95
CA ALA A 114 53.39 -0.67 31.02
C ALA A 114 52.23 -1.45 30.39
N ARG A 115 52.03 -2.70 30.81
CA ARG A 115 50.99 -3.64 30.30
C ARG A 115 50.24 -4.27 31.49
N ILE A 116 48.92 -4.50 31.35
CA ILE A 116 48.14 -5.25 32.36
C ILE A 116 48.51 -6.74 32.25
N ASP A 117 48.22 -7.49 33.30
CA ASP A 117 48.36 -8.97 33.31
C ASP A 117 47.26 -9.58 32.43
N PRO A 118 47.59 -10.41 31.43
CA PRO A 118 46.54 -11.06 30.63
C PRO A 118 45.62 -12.00 31.42
N PHE A 119 45.94 -12.28 32.68
CA PHE A 119 45.12 -13.19 33.54
C PHE A 119 44.45 -12.42 34.69
N SER A 120 44.48 -11.07 34.68
CA SER A 120 43.73 -10.22 35.66
C SER A 120 42.29 -10.69 35.79
N PRO A 121 41.84 -11.12 36.99
CA PRO A 121 40.40 -11.30 37.22
C PRO A 121 39.62 -9.97 37.21
N GLN A 122 40.35 -8.85 37.28
CA GLN A 122 39.77 -7.50 37.45
C GLN A 122 40.82 -6.44 37.17
N LEU A 123 40.39 -5.30 36.62
CA LEU A 123 41.27 -4.13 36.34
C LEU A 123 40.78 -2.99 37.24
N ALA A 124 41.69 -2.22 37.82
CA ALA A 124 41.40 -0.91 38.46
C ALA A 124 41.51 0.16 37.36
N VAL A 125 40.42 0.84 37.06
CA VAL A 125 40.36 1.91 36.02
C VAL A 125 40.19 3.26 36.73
N THR A 126 41.07 4.22 36.39
CA THR A 126 41.01 5.62 36.86
C THR A 126 41.06 6.54 35.65
N TRP A 127 40.75 7.82 35.87
CA TRP A 127 40.94 8.91 34.87
C TRP A 127 42.05 9.85 35.38
N GLY A 128 42.94 10.26 34.48
CA GLY A 128 44.08 11.16 34.77
C GLY A 128 43.61 12.59 34.99
N ASN A 129 44.56 13.48 35.29
CA ASN A 129 44.35 14.95 35.42
C ASN A 129 43.79 15.53 34.11
N ASP A 130 44.12 14.93 32.94
CA ASP A 130 43.92 15.50 31.58
C ASP A 130 43.01 14.63 30.68
N GLY A 131 42.31 13.64 31.25
CA GLY A 131 41.41 12.72 30.53
C GLY A 131 42.10 11.44 30.08
N THR A 132 43.27 11.12 30.62
CA THR A 132 44.09 9.93 30.29
C THR A 132 43.59 8.75 31.12
N ARG A 133 43.16 7.66 30.48
CA ARG A 133 42.67 6.43 31.14
C ARG A 133 43.88 5.64 31.68
N ASN A 134 43.84 5.22 32.95
CA ASN A 134 44.88 4.31 33.51
C ASN A 134 44.26 2.95 33.80
N PHE A 135 44.94 1.88 33.36
CA PHE A 135 44.57 0.46 33.66
C PHE A 135 45.70 -0.18 34.48
N ASN A 136 45.40 -0.60 35.70
CA ASN A 136 46.26 -1.52 36.49
C ASN A 136 45.58 -2.89 36.62
N SER A 137 46.36 -3.93 36.88
CA SER A 137 45.87 -5.25 37.34
C SER A 137 45.78 -5.22 38.88
N ILE A 138 44.88 -6.02 39.43
CA ILE A 138 44.66 -6.20 40.90
C ILE A 138 45.02 -7.64 41.25
N VAL A 139 45.76 -7.83 42.33
CA VAL A 139 46.01 -9.16 42.96
C VAL A 139 44.71 -9.61 43.62
N CYS A 140 44.13 -10.70 43.13
CA CYS A 140 42.83 -11.19 43.64
C CYS A 140 43.08 -12.45 44.46
N ASP A 141 42.24 -12.60 45.47
CA ASP A 141 42.17 -13.77 46.38
C ASP A 141 41.02 -14.66 45.89
N ARG A 142 41.33 -15.75 45.18
CA ARG A 142 40.34 -16.76 44.69
C ARG A 142 39.43 -17.27 45.84
N ASN A 143 39.79 -17.06 47.11
CA ASN A 143 39.09 -17.72 48.27
C ASN A 143 38.27 -16.74 49.12
N TYR A 144 38.46 -15.43 48.95
CA TYR A 144 37.68 -14.39 49.66
C TYR A 144 36.17 -14.68 49.58
N PHE A 145 35.62 -14.93 48.38
CA PHE A 145 34.16 -15.12 48.21
C PHE A 145 33.77 -16.50 48.74
N GLN A 146 32.75 -16.56 49.62
CA GLN A 146 32.32 -17.76 50.38
C GLN A 146 31.08 -18.33 49.68
N TRP A 147 31.27 -19.33 48.83
CA TRP A 147 30.20 -19.92 47.98
C TRP A 147 29.25 -20.76 48.85
N THR A 148 27.94 -20.59 48.66
CA THR A 148 26.88 -21.45 49.22
C THR A 148 26.36 -22.39 48.14
N HIS A 149 26.36 -21.96 46.86
CA HIS A 149 25.79 -22.68 45.67
C HIS A 149 26.67 -22.49 44.41
N LYS A 150 27.98 -22.60 44.50
CA LYS A 150 28.91 -22.47 43.33
C LYS A 150 28.44 -23.31 42.13
N HIS A 151 28.09 -24.58 42.33
CA HIS A 151 27.67 -25.54 41.26
C HIS A 151 26.42 -26.27 41.71
N ILE A 152 25.28 -26.02 41.08
CA ILE A 152 24.01 -26.77 41.32
C ILE A 152 23.76 -27.62 40.07
N ASP A 153 23.02 -28.71 40.21
CA ASP A 153 22.78 -29.67 39.10
C ASP A 153 21.64 -29.10 38.27
N LEU A 154 21.95 -28.08 37.47
CA LEU A 154 20.92 -27.40 36.65
C LEU A 154 20.94 -28.03 35.26
N PRO A 155 19.97 -28.89 34.93
CA PRO A 155 19.84 -29.40 33.57
C PRO A 155 19.65 -28.31 32.51
N HIS A 156 20.00 -28.64 31.28
CA HIS A 156 19.57 -27.87 30.08
C HIS A 156 18.52 -28.70 29.34
N PRO A 158 15.27 -29.74 30.43
CA PRO A 158 14.70 -28.53 29.76
C PRO A 158 15.46 -27.21 29.99
N MET A 159 15.20 -26.21 29.15
CA MET A 159 15.88 -24.88 29.27
C MET A 159 15.09 -23.80 28.54
N SER A 160 15.02 -22.63 29.18
CA SER A 160 14.54 -21.36 28.60
C SER A 160 15.48 -20.23 29.07
N ILE A 161 15.78 -19.28 28.20
CA ILE A 161 16.92 -18.33 28.32
C ILE A 161 16.39 -16.89 28.22
N TYR A 162 16.70 -16.07 29.22
CA TYR A 162 16.45 -14.61 29.21
C TYR A 162 17.75 -13.91 28.83
N GLU A 163 17.85 -13.38 27.61
CA GLU A 163 19.03 -12.61 27.15
C GLU A 163 18.96 -11.18 27.73
N MET A 164 20.03 -10.70 28.33
CA MET A 164 20.04 -9.37 28.98
C MET A 164 21.41 -8.71 28.80
N HIS A 165 21.44 -7.40 29.01
CA HIS A 165 22.68 -6.58 28.95
C HIS A 165 22.81 -5.85 30.29
N LEU A 166 23.94 -5.99 30.97
CA LEU A 166 24.11 -5.51 32.37
C LEU A 166 23.61 -4.06 32.54
N SER A 167 24.23 -3.05 31.91
CA SER A 167 23.98 -1.64 32.32
C SER A 167 22.56 -1.20 31.95
N THR A 168 21.99 -1.71 30.85
CA THR A 168 20.62 -1.32 30.40
C THR A 168 19.59 -2.02 31.29
N PHE A 169 19.85 -3.24 31.73
CA PHE A 169 19.00 -4.00 32.67
C PHE A 169 18.94 -3.30 34.04
N HIS A 170 20.10 -2.97 34.63
CA HIS A 170 20.22 -2.20 35.90
C HIS A 170 21.66 -1.72 36.05
N ASP A 171 21.89 -0.41 35.90
CA ASP A 171 23.24 0.20 35.84
C ASP A 171 23.75 0.35 37.27
N GLY A 172 24.10 -0.77 37.88
CA GLY A 172 24.54 -0.82 39.28
C GLY A 172 25.64 -1.83 39.46
N ASN A 173 25.88 -2.11 40.74
CA ASN A 173 26.79 -3.15 41.25
C ASN A 173 26.18 -4.53 40.96
N TYR A 174 26.98 -5.51 40.57
CA TYR A 174 26.54 -6.89 40.21
C TYR A 174 25.60 -7.46 41.29
N ARG A 175 25.83 -7.16 42.57
CA ARG A 175 25.00 -7.68 43.68
C ARG A 175 23.55 -7.21 43.53
N ASP A 176 23.35 -5.95 43.15
CA ASP A 176 22.01 -5.34 42.96
C ASP A 176 21.36 -5.86 41.67
N ILE A 177 22.14 -5.99 40.60
CA ILE A 177 21.71 -6.66 39.32
C ILE A 177 21.24 -8.09 39.63
N ALA A 178 21.99 -8.83 40.45
CA ALA A 178 21.66 -10.21 40.85
C ALA A 178 20.27 -10.24 41.50
N HIS A 179 20.02 -9.30 42.42
CA HIS A 179 18.75 -9.20 43.20
C HIS A 179 17.62 -9.01 42.20
N LYS A 180 17.81 -8.11 41.25
CA LYS A 180 16.83 -7.80 40.19
C LYS A 180 16.68 -9.02 39.26
N ILE A 181 17.75 -9.73 38.87
CA ILE A 181 17.64 -10.96 38.05
C ILE A 181 16.72 -11.97 38.76
N VAL A 182 17.00 -12.30 40.01
CA VAL A 182 16.28 -13.41 40.70
C VAL A 182 14.84 -12.99 40.98
N ASP A 183 14.62 -11.74 41.38
CA ASP A 183 13.27 -11.19 41.62
C ASP A 183 12.46 -11.34 40.32
N HIS A 184 12.97 -10.87 39.18
CA HIS A 184 12.25 -10.89 37.88
C HIS A 184 12.11 -12.31 37.34
N MET A 185 13.19 -13.09 37.32
CA MET A 185 13.20 -14.45 36.70
C MET A 185 12.35 -15.43 37.51
N SER A 186 12.21 -15.21 38.79
CA SER A 186 11.48 -16.17 39.66
C SER A 186 9.97 -16.00 39.46
N TYR A 187 9.49 -14.83 39.04
CA TYR A 187 8.14 -14.71 38.44
C TYR A 187 8.20 -15.18 36.98
N MET A 188 9.12 -14.66 36.14
CA MET A 188 9.10 -14.89 34.66
C MET A 188 9.34 -16.39 34.34
N GLY A 189 10.12 -17.08 35.17
CA GLY A 189 10.25 -18.55 35.13
C GLY A 189 11.29 -19.08 34.12
N PHE A 190 12.25 -18.26 33.66
CA PHE A 190 13.35 -18.72 32.78
C PHE A 190 14.34 -19.50 33.62
N THR A 191 14.91 -20.56 33.05
CA THR A 191 15.82 -21.52 33.73
C THR A 191 17.23 -20.91 33.75
N HIS A 192 17.54 -20.15 32.71
CA HIS A 192 18.89 -19.56 32.50
C HIS A 192 18.76 -18.10 32.10
N VAL A 193 19.76 -17.34 32.47
CA VAL A 193 19.95 -15.96 32.00
C VAL A 193 21.17 -15.99 31.07
N GLN A 194 21.11 -15.29 29.94
CA GLN A 194 22.23 -15.09 28.99
C GLN A 194 22.70 -13.64 29.13
N ILE A 195 23.84 -13.44 29.76
CA ILE A 195 24.40 -12.10 30.09
C ILE A 195 25.34 -11.74 28.93
N MET A 196 25.04 -10.66 28.21
CA MET A 196 25.91 -10.18 27.12
C MET A 196 27.26 -9.79 27.72
N PRO A 197 28.33 -9.68 26.90
CA PRO A 197 29.69 -9.89 27.39
C PRO A 197 30.02 -9.11 28.67
N PRO A 198 30.27 -9.81 29.80
CA PRO A 198 30.56 -9.15 31.08
C PRO A 198 32.06 -8.92 31.34
N PHE A 199 32.88 -8.85 30.29
CA PHE A 199 34.35 -8.72 30.42
C PHE A 199 34.74 -7.25 30.28
N GLN A 200 35.91 -6.91 30.84
CA GLN A 200 36.48 -5.53 30.80
C GLN A 200 36.51 -5.09 29.34
N THR A 201 36.01 -3.90 29.06
CA THR A 201 36.04 -3.24 27.72
C THR A 201 36.33 -1.77 27.95
N PRO A 202 37.15 -1.15 27.08
CA PRO A 202 37.37 0.29 27.08
C PRO A 202 36.33 1.10 26.27
N ILE A 203 35.46 0.40 25.56
CA ILE A 203 34.39 1.02 24.71
C ILE A 203 33.04 0.42 25.12
N HIS A 204 32.40 1.06 26.10
CA HIS A 204 31.07 0.67 26.62
C HIS A 204 30.12 0.48 25.45
N GLN A 205 30.28 1.28 24.40
CA GLN A 205 29.31 1.38 23.28
C GLN A 205 29.51 0.20 22.32
N SER A 206 30.52 -0.65 22.56
CA SER A 206 30.78 -1.91 21.80
C SER A 206 29.87 -3.04 22.31
N TRP A 207 29.12 -2.79 23.40
CA TRP A 207 28.21 -3.76 24.06
C TRP A 207 29.00 -4.83 24.81
N GLY A 208 30.33 -4.70 24.92
CA GLY A 208 31.22 -5.67 25.59
C GLY A 208 31.91 -6.63 24.61
N TYR A 209 31.63 -6.54 23.31
CA TYR A 209 32.20 -7.44 22.28
C TYR A 209 33.65 -7.03 21.94
N LEU A 210 34.15 -5.88 22.39
CA LEU A 210 35.58 -5.49 22.23
C LEU A 210 36.26 -5.60 23.60
N VAL A 211 36.89 -6.73 23.84
CA VAL A 211 37.39 -7.08 25.19
C VAL A 211 38.84 -6.60 25.31
N GLY A 212 39.18 -5.94 26.42
CA GLY A 212 40.60 -5.66 26.74
C GLY A 212 41.28 -6.92 27.26
N CYS A 213 41.16 -7.17 28.56
CA CYS A 213 41.72 -8.33 29.25
C CYS A 213 40.64 -9.39 29.35
N PRO A 214 40.71 -10.48 28.53
CA PRO A 214 39.64 -11.49 28.52
C PRO A 214 39.25 -12.15 29.86
N TYR A 215 40.17 -12.18 30.84
CA TYR A 215 39.96 -12.87 32.13
C TYR A 215 39.26 -11.90 33.08
N ALA A 216 39.32 -10.59 32.79
CA ALA A 216 38.81 -9.50 33.66
C ALA A 216 37.29 -9.30 33.53
N ILE A 217 36.57 -9.42 34.65
CA ILE A 217 35.14 -9.01 34.76
C ILE A 217 35.02 -7.47 34.71
N TYR A 218 34.02 -6.96 33.97
CA TYR A 218 33.78 -5.51 33.77
C TYR A 218 33.63 -4.85 35.14
N GLU A 219 34.55 -3.94 35.42
CA GLU A 219 34.64 -3.18 36.69
C GLU A 219 33.47 -2.19 36.80
N ARG A 220 32.84 -1.80 35.70
CA ARG A 220 31.74 -0.79 35.73
C ARG A 220 30.75 -1.16 36.83
N HIS A 221 30.50 -2.45 37.04
CA HIS A 221 29.47 -2.99 37.96
C HIS A 221 30.08 -3.53 39.26
N GLY A 222 31.32 -3.17 39.57
CA GLY A 222 31.95 -3.61 40.83
C GLY A 222 33.02 -4.67 40.59
N THR A 223 33.22 -5.55 41.57
CA THR A 223 34.44 -6.37 41.71
C THR A 223 34.16 -7.76 41.15
N VAL A 224 35.22 -8.55 40.97
CA VAL A 224 35.05 -9.97 40.57
C VAL A 224 34.25 -10.67 41.66
N ASP A 225 34.39 -10.30 42.93
CA ASP A 225 33.74 -11.05 44.04
C ASP A 225 32.26 -10.65 44.05
N ASP A 226 31.95 -9.43 43.64
CA ASP A 226 30.56 -8.98 43.35
C ASP A 226 29.97 -9.81 42.21
N PHE A 227 30.75 -10.12 41.20
CA PHE A 227 30.25 -10.97 40.08
C PHE A 227 29.96 -12.38 40.61
N LYS A 228 30.82 -12.92 41.48
CA LYS A 228 30.63 -14.27 42.06
C LYS A 228 29.30 -14.32 42.82
N TYR A 229 29.09 -13.31 43.68
CA TYR A 229 27.87 -13.17 44.49
C TYR A 229 26.66 -13.29 43.57
N LEU A 230 26.70 -12.66 42.39
CA LEU A 230 25.60 -12.69 41.40
C LEU A 230 25.38 -14.14 40.98
N VAL A 231 26.46 -14.83 40.60
CA VAL A 231 26.34 -16.24 40.13
C VAL A 231 25.75 -17.04 41.29
N ASN A 232 26.34 -16.89 42.47
CA ASN A 232 25.91 -17.62 43.68
C ASN A 232 24.42 -17.35 43.94
N HIS A 233 23.98 -16.09 43.88
CA HIS A 233 22.59 -15.67 44.17
C HIS A 233 21.67 -16.32 43.12
N CYS A 234 22.07 -16.27 41.86
CA CYS A 234 21.34 -16.99 40.78
C CYS A 234 21.20 -18.47 41.12
N HIS A 235 22.29 -19.13 41.49
CA HIS A 235 22.29 -20.60 41.74
C HIS A 235 21.39 -20.93 42.94
N ALA A 236 21.40 -20.11 44.00
CA ALA A 236 20.59 -20.31 45.24
C ALA A 236 19.08 -20.32 44.93
N HIS A 237 18.67 -19.78 43.78
CA HIS A 237 17.24 -19.67 43.40
C HIS A 237 16.98 -20.41 42.10
N GLY A 238 17.83 -21.40 41.78
CA GLY A 238 17.67 -22.39 40.69
C GLY A 238 17.83 -21.82 39.30
N ILE A 239 18.58 -20.71 39.18
CA ILE A 239 18.72 -19.91 37.92
C ILE A 239 20.15 -20.10 37.40
N GLY A 240 20.28 -20.46 36.13
CA GLY A 240 21.57 -20.70 35.48
C GLY A 240 22.13 -19.40 34.95
N VAL A 241 23.46 -19.31 34.86
CA VAL A 241 24.17 -18.16 34.24
C VAL A 241 24.98 -18.64 33.04
N ILE A 242 24.57 -18.15 31.86
CA ILE A 242 25.31 -18.27 30.58
C ILE A 242 25.82 -16.87 30.26
N VAL A 243 27.04 -16.81 29.76
CA VAL A 243 27.82 -15.57 29.55
C VAL A 243 28.29 -15.60 28.08
N ASP A 244 28.19 -14.46 27.40
CA ASP A 244 28.74 -14.24 26.05
C ASP A 244 30.25 -14.11 26.15
N VAL A 245 30.99 -14.85 25.32
CA VAL A 245 32.47 -14.82 25.28
C VAL A 245 32.90 -14.53 23.84
N PRO A 246 33.49 -13.34 23.60
CA PRO A 246 34.12 -13.03 22.32
C PRO A 246 35.47 -13.76 22.27
N LEU A 247 35.42 -15.07 21.98
CA LEU A 247 36.61 -15.96 22.02
C LEU A 247 37.51 -15.71 20.81
N GLY A 248 36.97 -15.17 19.71
CA GLY A 248 37.63 -15.13 18.40
C GLY A 248 38.55 -13.93 18.25
N PHE A 249 38.41 -12.92 19.09
CA PHE A 249 39.15 -11.65 18.89
C PHE A 249 39.07 -10.77 20.11
N GLY A 250 39.93 -9.75 20.11
CA GLY A 250 40.04 -8.80 21.22
C GLY A 250 40.12 -7.39 20.69
N VAL A 251 40.07 -6.41 21.59
CA VAL A 251 40.16 -4.96 21.27
C VAL A 251 41.60 -4.70 20.84
N GLN A 252 41.80 -3.61 20.12
CA GLN A 252 43.10 -3.23 19.52
C GLN A 252 43.98 -2.55 20.57
N ASP A 253 43.38 -1.91 21.55
CA ASP A 253 44.12 -1.01 22.49
C ASP A 253 45.25 -1.78 23.20
N TRP A 254 46.42 -1.18 23.27
CA TRP A 254 47.63 -1.75 23.92
C TRP A 254 47.50 -1.64 25.44
N ASP A 255 46.96 -0.53 25.95
CA ASP A 255 46.95 -0.18 27.40
C ASP A 255 46.19 -1.21 28.25
N CYS A 256 44.95 -1.56 27.87
CA CYS A 256 44.09 -2.50 28.64
C CYS A 256 44.05 -3.87 27.96
N GLY A 257 44.75 -4.05 26.83
CA GLY A 257 44.63 -5.23 25.96
C GLY A 257 45.92 -6.03 25.82
N LEU A 258 45.94 -6.95 24.85
CA LEU A 258 46.94 -8.03 24.64
C LEU A 258 47.75 -7.83 23.35
N ALA A 259 47.31 -6.97 22.44
CA ALA A 259 48.00 -6.75 21.13
C ALA A 259 49.42 -6.27 21.39
N ASN A 260 50.35 -6.79 20.59
CA ASN A 260 51.75 -6.32 20.53
C ASN A 260 52.38 -6.43 21.92
N TYR A 261 52.11 -7.54 22.65
CA TYR A 261 52.31 -7.61 24.12
C TYR A 261 53.80 -7.47 24.44
N ASP A 262 54.67 -8.22 23.74
CA ASP A 262 56.13 -8.29 24.04
C ASP A 262 56.91 -7.58 22.93
N GLY A 263 56.27 -6.65 22.21
CA GLY A 263 56.86 -6.02 21.01
C GLY A 263 56.52 -6.78 19.73
N THR A 264 55.87 -7.93 19.82
CA THR A 264 55.51 -8.77 18.65
C THR A 264 54.05 -9.17 18.76
N ASP A 265 53.53 -9.80 17.69
CA ASP A 265 52.24 -10.50 17.68
C ASP A 265 52.39 -11.82 18.47
N LEU A 266 52.35 -11.69 19.79
CA LEU A 266 52.27 -12.83 20.73
C LEU A 266 50.89 -13.48 20.58
N TYR A 267 49.82 -12.76 20.91
CA TYR A 267 48.44 -13.32 21.03
C TYR A 267 47.71 -13.41 19.69
N HIS A 268 48.02 -12.53 18.73
CA HIS A 268 47.27 -12.41 17.46
C HIS A 268 48.12 -12.82 16.27
N HIS A 269 47.47 -13.28 15.21
CA HIS A 269 48.10 -13.39 13.88
C HIS A 269 48.74 -12.04 13.53
N SER A 270 49.73 -12.11 12.64
CA SER A 270 50.43 -10.98 11.97
C SER A 270 49.70 -10.62 10.68
N GLY A 271 49.95 -9.45 10.15
CA GLY A 271 49.35 -9.00 8.87
C GLY A 271 47.83 -8.97 8.97
N SER A 272 47.13 -9.04 7.84
CA SER A 272 45.67 -8.78 7.78
C SER A 272 44.90 -9.95 8.41
N ARG A 273 45.50 -11.14 8.49
CA ARG A 273 44.93 -12.31 9.21
C ARG A 273 44.73 -11.95 10.69
N GLY A 274 45.48 -10.96 11.19
CA GLY A 274 45.42 -10.54 12.61
C GLY A 274 44.39 -9.44 12.88
N TRP A 275 43.59 -9.05 11.89
CA TRP A 275 42.52 -8.03 12.06
C TRP A 275 41.22 -8.61 11.53
N ASN A 276 40.12 -8.40 12.28
CA ASN A 276 38.73 -8.56 11.81
C ASN A 276 38.20 -7.16 11.56
N ASN A 277 38.04 -6.81 10.28
CA ASN A 277 37.77 -5.44 9.77
C ASN A 277 36.28 -5.11 9.94
N GLN A 278 35.41 -6.12 10.12
CA GLN A 278 33.98 -5.95 10.51
C GLN A 278 33.88 -5.36 11.92
N TRP A 279 34.71 -5.80 12.90
CA TRP A 279 34.68 -5.32 14.31
C TRP A 279 35.89 -4.42 14.62
N ASN A 280 36.85 -4.31 13.71
CA ASN A 280 38.16 -3.64 13.91
C ASN A 280 38.85 -4.24 15.16
N SER A 281 38.82 -5.57 15.24
CA SER A 281 39.34 -6.36 16.40
C SER A 281 40.59 -7.14 15.96
N ARG A 282 41.37 -7.61 16.94
CA ARG A 282 42.58 -8.45 16.69
C ARG A 282 42.21 -9.93 16.82
N ILE A 283 42.47 -10.75 15.79
CA ILE A 283 42.17 -12.21 15.70
C ILE A 283 43.31 -13.05 16.33
N TYR A 284 42.94 -13.93 17.25
CA TYR A 284 43.86 -14.75 18.09
C TYR A 284 44.54 -15.78 17.17
N ASN A 285 45.84 -15.96 17.40
CA ASN A 285 46.65 -17.02 16.74
C ASN A 285 46.46 -18.32 17.53
N VAL A 286 45.39 -19.04 17.28
CA VAL A 286 45.04 -20.27 18.04
C VAL A 286 45.91 -21.46 17.57
N GLY A 287 46.78 -21.27 16.57
CA GLY A 287 47.86 -22.20 16.21
C GLY A 287 49.00 -22.14 17.20
N ASP A 288 49.03 -21.13 18.08
CA ASP A 288 50.08 -21.02 19.13
C ASP A 288 49.57 -21.69 20.41
N THR A 289 50.36 -22.62 20.93
CA THR A 289 49.98 -23.57 22.00
C THR A 289 49.51 -22.77 23.23
N TYR A 290 50.34 -21.84 23.69
CA TYR A 290 50.07 -20.91 24.80
C TYR A 290 48.73 -20.17 24.59
N VAL A 291 48.50 -19.61 23.40
CA VAL A 291 47.27 -18.87 23.04
C VAL A 291 46.06 -19.81 23.07
N LYS A 292 46.21 -21.02 22.51
CA LYS A 292 45.16 -22.07 22.55
C LYS A 292 44.78 -22.35 24.02
N ASN A 293 45.77 -22.52 24.89
CA ASN A 293 45.53 -22.86 26.31
C ASN A 293 44.89 -21.66 27.00
N TYR A 294 45.37 -20.44 26.66
CA TYR A 294 44.85 -19.16 27.19
C TYR A 294 43.32 -19.10 26.98
N LEU A 295 42.83 -19.43 25.78
CA LEU A 295 41.43 -19.19 25.36
C LEU A 295 40.52 -20.31 25.87
N ILE A 296 40.98 -21.57 25.80
CA ILE A 296 40.21 -22.74 26.33
C ILE A 296 40.22 -22.63 27.85
N GLY A 297 41.29 -22.09 28.42
CA GLY A 297 41.46 -21.91 29.86
C GLY A 297 40.56 -20.83 30.41
N LEU A 298 40.10 -19.90 29.56
CA LEU A 298 39.11 -18.88 29.99
C LEU A 298 37.76 -19.55 30.25
N CYS A 299 37.36 -20.50 29.40
CA CYS A 299 36.10 -21.26 29.58
C CYS A 299 36.17 -22.11 30.86
N THR A 300 37.31 -22.78 31.07
CA THR A 300 37.60 -23.57 32.28
C THR A 300 37.52 -22.64 33.49
N TYR A 301 38.21 -21.51 33.46
CA TYR A 301 38.15 -20.45 34.50
C TYR A 301 36.70 -20.01 34.77
N LEU A 302 35.88 -19.82 33.73
CA LEU A 302 34.50 -19.29 33.88
C LEU A 302 33.75 -20.27 34.81
N TYR A 303 33.89 -21.57 34.54
CA TYR A 303 33.18 -22.65 35.28
C TYR A 303 33.74 -22.78 36.72
N HIS A 304 35.04 -22.98 36.87
CA HIS A 304 35.72 -23.37 38.14
C HIS A 304 35.96 -22.17 39.06
N GLU A 305 36.20 -20.97 38.55
CA GLU A 305 36.47 -19.78 39.41
C GLU A 305 35.23 -18.90 39.58
N LEU A 306 34.36 -18.78 38.56
CA LEU A 306 33.21 -17.82 38.60
C LEU A 306 31.87 -18.55 38.71
N GLY A 307 31.83 -19.88 38.58
CA GLY A 307 30.61 -20.65 38.79
C GLY A 307 29.71 -20.66 37.56
N ILE A 308 30.16 -20.15 36.43
CA ILE A 308 29.28 -19.90 35.26
C ILE A 308 28.93 -21.26 34.62
N ASP A 309 27.65 -21.45 34.30
CA ASP A 309 27.10 -22.73 33.77
C ASP A 309 27.45 -22.90 32.29
N GLY A 310 27.69 -21.82 31.54
CA GLY A 310 28.05 -21.91 30.12
C GLY A 310 28.44 -20.60 29.46
N ALA A 311 28.97 -20.73 28.25
CA ALA A 311 29.38 -19.63 27.39
C ALA A 311 28.59 -19.69 26.09
N ARG A 312 28.12 -18.56 25.60
CA ARG A 312 27.76 -18.40 24.16
C ARG A 312 29.04 -17.85 23.51
N ILE A 313 29.54 -18.58 22.51
CA ILE A 313 30.80 -18.22 21.81
C ILE A 313 30.37 -17.32 20.66
N ASP A 314 30.87 -16.09 20.66
CA ASP A 314 30.35 -15.00 19.77
C ASP A 314 31.04 -15.08 18.41
N ALA A 315 30.31 -14.80 17.32
CA ALA A 315 30.92 -14.61 15.98
C ALA A 315 31.74 -15.85 15.64
N VAL A 316 31.16 -17.02 15.79
CA VAL A 316 31.80 -18.32 15.46
C VAL A 316 32.10 -18.39 13.96
N ALA A 317 31.19 -17.95 13.08
CA ALA A 317 31.34 -18.05 11.61
C ALA A 317 32.68 -17.44 11.19
N SER A 318 33.04 -16.30 11.77
CA SER A 318 34.25 -15.52 11.41
C SER A 318 35.50 -16.20 11.98
N GLN A 319 35.36 -17.07 12.97
CA GLN A 319 36.49 -17.86 13.53
C GLN A 319 36.79 -19.02 12.58
N ILE A 320 35.81 -19.46 11.78
CA ILE A 320 35.95 -20.73 10.99
C ILE A 320 35.83 -20.44 9.50
N PHE A 321 35.65 -19.16 9.12
CA PHE A 321 35.55 -18.71 7.72
C PHE A 321 36.47 -17.50 7.51
N PHE A 322 37.34 -17.58 6.50
CA PHE A 322 38.16 -16.41 6.10
C PHE A 322 37.27 -15.36 5.41
N ASP A 323 36.14 -15.75 4.80
CA ASP A 323 35.41 -14.93 3.78
C ASP A 323 34.07 -14.44 4.32
N TYR A 324 33.81 -14.49 5.62
CA TYR A 324 32.45 -14.27 6.19
C TYR A 324 32.59 -13.66 7.57
N ASP A 325 31.93 -12.52 7.78
CA ASP A 325 31.92 -11.72 9.02
C ASP A 325 33.34 -11.26 9.30
N ARG A 326 34.11 -10.99 8.26
CA ARG A 326 35.47 -10.39 8.44
C ARG A 326 35.59 -9.09 7.64
N GLY A 327 34.49 -8.53 7.13
CA GLY A 327 34.48 -7.28 6.34
C GLY A 327 35.17 -7.48 4.99
N PHE A 328 35.73 -6.40 4.42
CA PHE A 328 36.54 -6.41 3.17
C PHE A 328 38.02 -6.59 3.54
N TRP A 329 38.67 -7.63 3.00
CA TRP A 329 40.14 -7.85 3.11
C TRP A 329 40.65 -8.79 2.00
N ASP A 330 41.98 -8.86 1.81
CA ASP A 330 42.62 -9.73 0.80
C ASP A 330 42.75 -11.12 1.42
N TRP A 331 41.65 -11.83 1.55
CA TRP A 331 41.59 -13.12 2.27
C TRP A 331 42.22 -14.22 1.41
N PRO A 332 43.02 -15.12 2.02
CA PRO A 332 43.74 -16.14 1.25
C PRO A 332 42.86 -17.34 0.92
N ARG A 333 42.72 -17.74 -0.35
CA ARG A 333 42.08 -19.03 -0.71
C ARG A 333 42.95 -20.18 -0.19
N ASN A 334 42.37 -21.20 0.45
CA ASN A 334 43.17 -22.36 0.90
C ASN A 334 43.82 -23.00 -0.33
N ASP A 335 45.12 -23.28 -0.22
CA ASP A 335 45.80 -24.31 -1.03
C ASP A 335 45.35 -25.63 -0.41
N ARG A 336 44.32 -26.24 -0.99
CA ARG A 336 43.67 -27.47 -0.48
C ARG A 336 44.63 -28.67 -0.50
N GLU A 337 45.76 -28.59 -1.22
CA GLU A 337 46.83 -29.63 -1.18
C GLU A 337 47.43 -29.72 0.24
N GLN A 338 47.42 -28.62 1.01
CA GLN A 338 48.10 -28.54 2.33
C GLN A 338 47.14 -28.90 3.46
N VAL A 339 45.89 -29.27 3.18
CA VAL A 339 44.88 -29.64 4.21
C VAL A 339 45.14 -31.10 4.62
N GLU A 340 45.48 -31.34 5.89
CA GLU A 340 45.72 -32.69 6.47
C GLU A 340 44.40 -33.46 6.54
N LEU A 341 44.47 -34.80 6.54
CA LEU A 341 43.30 -35.71 6.46
C LEU A 341 42.34 -35.47 7.63
N GLU A 342 42.91 -35.31 8.82
CA GLU A 342 42.16 -35.07 10.09
C GLU A 342 41.19 -33.92 9.80
N ASN A 343 41.67 -32.88 9.11
CA ASN A 343 40.87 -31.67 8.78
C ASN A 343 39.81 -32.00 7.71
N TRP A 344 40.13 -32.76 6.66
CA TRP A 344 39.12 -33.21 5.66
C TRP A 344 38.05 -34.04 6.35
N GLU A 345 38.46 -34.88 7.28
CA GLU A 345 37.57 -35.74 8.11
C GLU A 345 36.58 -34.83 8.86
N LEU A 346 37.07 -33.82 9.55
CA LEU A 346 36.23 -32.91 10.35
C LEU A 346 35.28 -32.17 9.40
N PHE A 347 35.79 -31.65 8.28
CA PHE A 347 35.01 -30.86 7.27
C PHE A 347 33.88 -31.72 6.71
N ASN A 348 34.15 -32.96 6.31
CA ASN A 348 33.11 -33.83 5.70
C ASN A 348 32.09 -34.17 6.78
N ASN A 349 32.51 -34.51 7.99
CA ASN A 349 31.63 -34.91 9.11
C ASN A 349 30.67 -33.77 9.46
N LEU A 350 31.12 -32.52 9.41
CA LEU A 350 30.32 -31.30 9.68
C LEU A 350 29.23 -31.13 8.62
N GLY A 351 29.36 -31.79 7.46
CA GLY A 351 28.41 -31.65 6.35
C GLY A 351 29.12 -31.50 5.02
N GLY A 352 30.44 -31.28 5.00
CA GLY A 352 31.22 -31.29 3.75
C GLY A 352 31.03 -30.05 2.89
N ASP A 353 31.36 -30.14 1.60
CA ASP A 353 31.62 -28.96 0.75
C ASP A 353 30.30 -28.37 0.22
N ARG A 354 30.34 -27.06 -0.04
CA ARG A 354 29.27 -26.29 -0.72
C ARG A 354 29.94 -25.37 -1.75
N TYR A 355 29.29 -25.25 -2.90
CA TYR A 355 29.72 -24.40 -4.02
C TYR A 355 28.89 -23.13 -3.95
N PHE A 356 29.56 -21.99 -3.91
CA PHE A 356 28.95 -20.64 -4.05
C PHE A 356 29.19 -20.19 -5.49
N GLU A 357 28.22 -20.47 -6.37
CA GLU A 357 28.28 -20.26 -7.85
C GLU A 357 28.51 -18.78 -8.17
N GLU A 358 27.82 -17.88 -7.47
CA GLU A 358 27.93 -16.40 -7.62
C GLU A 358 29.40 -15.98 -7.45
N ARG A 359 30.07 -16.45 -6.40
CA ARG A 359 31.47 -16.06 -6.06
C ARG A 359 32.46 -16.93 -6.83
N GLY A 360 32.03 -18.14 -7.24
CA GLY A 360 32.81 -19.07 -8.08
C GLY A 360 33.89 -19.82 -7.30
N TYR A 361 33.64 -20.13 -6.03
CA TYR A 361 34.57 -20.94 -5.20
C TYR A 361 33.77 -21.81 -4.25
N TRP A 362 34.49 -22.70 -3.58
CA TRP A 362 33.95 -23.73 -2.67
C TRP A 362 34.30 -23.34 -1.25
N LEU A 363 33.39 -23.66 -0.34
CA LEU A 363 33.60 -23.54 1.13
C LEU A 363 34.99 -24.11 1.49
N SER A 364 35.37 -25.26 0.92
CA SER A 364 36.67 -25.92 1.25
C SER A 364 37.80 -24.90 1.06
N GLU A 365 37.64 -23.95 0.14
CA GLU A 365 38.69 -22.94 -0.14
C GLU A 365 38.60 -21.76 0.81
N ALA A 366 37.52 -21.63 1.59
CA ALA A 366 37.27 -20.43 2.44
C ALA A 366 37.35 -20.76 3.93
N VAL A 367 37.26 -22.04 4.31
CA VAL A 367 37.31 -22.49 5.73
C VAL A 367 38.67 -22.15 6.36
N ASP A 368 38.67 -21.53 7.53
CA ASP A 368 39.88 -21.38 8.41
C ASP A 368 40.00 -22.67 9.21
N PHE A 369 40.68 -23.68 8.64
CA PHE A 369 40.81 -25.04 9.22
C PHE A 369 41.43 -24.98 10.62
N ALA A 370 42.27 -23.99 10.88
CA ALA A 370 42.88 -23.82 12.22
C ALA A 370 41.78 -23.42 13.22
N GLY A 371 40.82 -22.58 12.82
CA GLY A 371 39.74 -22.10 13.69
C GLY A 371 38.78 -23.23 13.97
N LEU A 372 38.42 -23.95 12.92
CA LEU A 372 37.51 -25.11 12.99
C LEU A 372 38.11 -26.11 13.97
N ARG A 373 39.40 -26.42 13.80
CA ARG A 373 40.11 -27.41 14.62
C ARG A 373 40.21 -26.85 16.05
N PHE A 374 40.48 -25.56 16.22
CA PHE A 374 40.59 -24.95 17.57
C PHE A 374 39.27 -25.13 18.34
N LEU A 375 38.12 -24.98 17.67
CA LEU A 375 36.81 -25.05 18.38
C LEU A 375 36.47 -26.50 18.79
N ARG A 376 36.80 -27.50 17.96
CA ARG A 376 36.69 -28.94 18.31
C ARG A 376 37.58 -29.23 19.55
N ASP A 377 38.82 -28.76 19.55
CA ASP A 377 39.77 -28.96 20.68
C ASP A 377 39.23 -28.28 21.96
N LEU A 378 38.63 -27.10 21.81
CA LEU A 378 38.03 -26.35 22.94
C LEU A 378 37.03 -27.28 23.63
N HIS A 379 36.16 -27.91 22.86
CA HIS A 379 35.11 -28.83 23.37
C HIS A 379 35.73 -30.15 23.84
N ALA A 380 36.78 -30.65 23.17
CA ALA A 380 37.46 -31.89 23.57
C ALA A 380 38.09 -31.67 24.95
N ARG A 381 38.72 -30.51 25.20
CA ARG A 381 39.40 -30.22 26.50
C ARG A 381 38.35 -29.99 27.60
N LEU A 382 37.26 -29.29 27.29
CA LEU A 382 36.22 -28.91 28.28
C LEU A 382 35.54 -30.21 28.74
N GLN A 383 35.47 -31.25 27.91
CA GLN A 383 34.97 -32.60 28.32
C GLN A 383 35.79 -33.14 29.52
N HIS A 384 37.09 -32.86 29.63
CA HIS A 384 37.93 -33.25 30.79
C HIS A 384 37.84 -32.13 31.85
N THR A 385 38.13 -30.88 31.52
CA THR A 385 38.30 -29.80 32.54
C THR A 385 36.97 -29.36 33.18
N ALA A 386 35.81 -29.57 32.54
CA ALA A 386 34.49 -29.00 32.97
C ALA A 386 33.35 -29.59 32.14
N PRO A 387 33.11 -30.90 32.26
CA PRO A 387 32.13 -31.58 31.41
C PRO A 387 30.67 -31.09 31.49
N LYS A 388 30.30 -30.35 32.53
CA LYS A 388 28.88 -29.92 32.73
C LYS A 388 28.67 -28.53 32.11
N PHE A 389 29.75 -27.77 31.96
CA PHE A 389 29.76 -26.48 31.24
C PHE A 389 29.12 -26.68 29.87
N ILE A 390 28.10 -25.90 29.53
CA ILE A 390 27.48 -25.94 28.18
C ILE A 390 28.00 -24.75 27.35
N THR A 391 28.03 -24.91 26.03
CA THR A 391 28.42 -23.85 25.07
C THR A 391 27.28 -23.66 24.06
N ILE A 392 27.08 -22.43 23.61
CA ILE A 392 26.12 -22.11 22.51
C ILE A 392 26.91 -21.46 21.38
N ALA A 393 26.88 -22.03 20.18
CA ALA A 393 27.44 -21.41 18.95
C ALA A 393 26.52 -20.28 18.47
N GLU A 394 27.02 -19.03 18.49
CA GLU A 394 26.46 -17.85 17.78
C GLU A 394 27.05 -17.87 16.37
N GLU A 395 26.48 -18.67 15.47
CA GLU A 395 27.12 -18.99 14.18
C GLU A 395 26.13 -18.71 13.06
N SER A 396 26.40 -17.70 12.24
CA SER A 396 25.35 -17.00 11.43
C SER A 396 25.25 -17.58 10.01
N ARG A 397 26.27 -18.28 9.53
CA ARG A 397 26.31 -18.78 8.12
C ARG A 397 25.46 -20.04 8.02
N ARG A 398 25.57 -20.95 8.98
CA ARG A 398 24.66 -22.11 9.10
C ARG A 398 24.79 -23.01 7.85
N VAL A 399 26.00 -23.25 7.36
CA VAL A 399 26.26 -24.14 6.18
C VAL A 399 26.86 -25.49 6.61
N PHE A 400 27.08 -25.71 7.90
CA PHE A 400 27.50 -27.02 8.46
C PHE A 400 26.36 -27.53 9.34
N PRO A 401 25.51 -28.42 8.79
CA PRO A 401 24.40 -28.99 9.55
C PRO A 401 24.76 -29.72 10.88
N LYS A 402 26.04 -30.08 11.09
CA LYS A 402 26.44 -30.92 12.25
C LYS A 402 27.47 -30.16 13.10
N LEU A 403 27.47 -28.83 13.03
CA LEU A 403 28.42 -27.99 13.82
C LEU A 403 28.21 -28.17 15.35
N ALA A 404 27.00 -28.00 15.85
CA ALA A 404 26.64 -28.20 17.28
C ALA A 404 26.22 -29.66 17.45
N CYS A 405 27.18 -30.56 17.31
CA CYS A 405 27.07 -32.00 17.61
C CYS A 405 28.32 -32.38 18.37
N PRO A 406 28.22 -33.45 19.18
CA PRO A 406 29.36 -33.93 19.96
C PRO A 406 30.58 -34.21 19.07
N VAL A 407 31.76 -33.89 19.57
CA VAL A 407 33.07 -34.18 18.91
C VAL A 407 33.04 -35.61 18.35
N ASP A 408 32.65 -36.59 19.16
CA ASP A 408 32.72 -38.04 18.80
C ASP A 408 31.54 -38.39 17.90
N GLU A 409 30.68 -37.44 17.52
CA GLU A 409 29.64 -37.66 16.48
C GLU A 409 29.91 -36.80 15.24
N GLY A 410 31.13 -36.29 15.04
CA GLY A 410 31.49 -35.54 13.83
C GLY A 410 31.23 -34.03 13.93
N GLY A 411 31.09 -33.49 15.14
CA GLY A 411 30.76 -32.07 15.35
C GLY A 411 31.93 -31.30 15.92
N LEU A 412 31.72 -30.00 16.11
CA LEU A 412 32.66 -29.12 16.84
C LEU A 412 32.47 -29.31 18.35
N GLY A 413 31.34 -29.87 18.78
CA GLY A 413 31.15 -30.15 20.20
C GLY A 413 30.21 -29.16 20.90
N PHE A 414 29.64 -28.18 20.19
CA PHE A 414 28.77 -27.13 20.79
C PHE A 414 27.50 -27.81 21.32
N THR A 415 27.16 -27.57 22.60
CA THR A 415 25.93 -28.13 23.20
C THR A 415 24.75 -27.69 22.31
N TYR A 416 24.70 -26.41 21.96
CA TYR A 416 23.60 -25.82 21.19
C TYR A 416 24.19 -24.96 20.08
N ALA A 417 23.43 -24.82 19.00
CA ALA A 417 23.56 -23.73 18.00
C ALA A 417 22.35 -22.79 18.16
N GLN A 418 22.57 -21.50 17.95
CA GLN A 418 21.48 -20.49 17.92
C GLN A 418 20.77 -20.45 16.56
N ASN A 419 19.46 -20.22 16.54
CA ASN A 419 18.57 -20.26 15.35
C ASN A 419 18.77 -19.00 14.50
N MET A 420 20.01 -18.69 14.16
CA MET A 420 20.35 -17.46 13.39
C MET A 420 19.75 -17.56 11.97
N GLY A 421 19.04 -16.53 11.55
CA GLY A 421 18.32 -16.50 10.27
C GLY A 421 16.90 -17.05 10.36
N GLU A 422 16.55 -17.85 11.37
CA GLU A 422 15.24 -18.57 11.41
C GLU A 422 14.08 -17.57 11.58
N MET A 423 14.17 -16.64 12.53
CA MET A 423 13.07 -15.68 12.75
C MET A 423 12.88 -14.82 11.49
N HIS A 424 13.95 -14.46 10.78
CA HIS A 424 13.79 -13.70 9.52
C HIS A 424 12.86 -14.49 8.57
N ARG A 425 13.13 -15.78 8.36
CA ARG A 425 12.27 -16.67 7.54
C ARG A 425 10.86 -16.75 8.16
N ILE A 426 10.71 -16.96 9.45
CA ILE A 426 9.35 -17.09 10.05
C ILE A 426 8.61 -15.78 9.83
N ARG A 427 9.30 -14.65 9.98
CA ARG A 427 8.64 -13.32 9.95
C ARG A 427 8.22 -12.97 8.52
N SER A 428 9.03 -13.27 7.51
CA SER A 428 8.69 -13.10 6.08
C SER A 428 7.42 -13.88 5.79
N TYR A 429 7.39 -15.15 6.19
CA TYR A 429 6.20 -16.05 6.11
C TYR A 429 4.98 -15.33 6.69
N LEU A 430 5.05 -14.89 7.95
CA LEU A 430 3.90 -14.30 8.69
C LEU A 430 3.36 -13.05 8.00
N GLN A 431 4.20 -12.30 7.27
CA GLN A 431 3.84 -11.00 6.67
C GLN A 431 3.08 -11.22 5.36
N ILE A 432 3.20 -12.42 4.76
CA ILE A 432 2.37 -12.81 3.59
C ILE A 432 0.92 -12.85 4.05
N PRO A 433 -0.07 -12.31 3.28
CA PRO A 433 -1.49 -12.48 3.62
C PRO A 433 -1.90 -13.96 3.52
N ILE A 434 -2.82 -14.37 4.38
CA ILE A 434 -3.14 -15.79 4.68
C ILE A 434 -3.49 -16.50 3.38
N GLU A 435 -4.36 -15.90 2.56
CA GLU A 435 -4.86 -16.52 1.29
C GLU A 435 -3.67 -16.84 0.36
N HIS A 436 -2.59 -16.06 0.44
CA HIS A 436 -1.45 -16.09 -0.53
C HIS A 436 -0.32 -17.01 -0.05
N ARG A 437 -0.34 -17.57 1.17
CA ARG A 437 0.77 -18.41 1.70
C ARG A 437 0.27 -19.83 1.99
N LEU A 438 1.18 -20.81 1.92
CA LEU A 438 0.89 -22.25 2.18
C LEU A 438 1.40 -22.61 3.58
N ILE A 439 0.55 -23.26 4.37
CA ILE A 439 0.87 -23.74 5.74
C ILE A 439 2.10 -24.66 5.66
N GLU A 440 2.32 -25.34 4.53
CA GLU A 440 3.48 -26.25 4.34
C GLU A 440 4.79 -25.47 4.58
N HIS A 441 4.82 -24.17 4.26
CA HIS A 441 6.04 -23.32 4.33
C HIS A 441 6.47 -23.15 5.79
N ILE A 442 5.55 -22.92 6.73
CA ILE A 442 5.92 -22.80 8.17
C ILE A 442 6.26 -24.21 8.68
N GLU A 443 5.62 -25.23 8.15
CA GLU A 443 5.77 -26.64 8.63
C GLU A 443 7.17 -27.17 8.29
N ILE A 444 7.74 -26.80 7.14
CA ILE A 444 9.12 -27.21 6.74
C ILE A 444 10.13 -26.56 7.69
N LEU A 445 9.91 -25.30 8.09
CA LEU A 445 10.82 -24.59 9.03
C LEU A 445 10.79 -25.31 10.39
N ILE A 446 9.61 -25.76 10.84
CA ILE A 446 9.45 -26.43 12.16
C ILE A 446 10.13 -27.81 12.08
N HIS A 447 9.65 -28.63 11.17
CA HIS A 447 10.11 -30.02 10.90
C HIS A 447 11.29 -29.95 9.93
N ASN A 448 12.49 -29.70 10.42
CA ASN A 448 13.67 -29.32 9.62
C ASN A 448 14.71 -30.44 9.67
N ASN A 449 14.47 -31.46 10.49
CA ASN A 449 15.36 -32.65 10.61
C ASN A 449 16.75 -32.17 11.05
N SER A 450 16.81 -31.10 11.85
CA SER A 450 18.05 -30.56 12.45
C SER A 450 18.80 -31.66 13.19
N ALA A 451 20.11 -31.75 12.99
CA ALA A 451 21.03 -32.64 13.74
C ALA A 451 21.45 -31.98 15.05
N GLU A 452 21.25 -30.68 15.19
CA GLU A 452 21.70 -29.89 16.37
C GLU A 452 20.53 -29.64 17.31
N LYS A 453 20.79 -29.60 18.62
CA LYS A 453 19.90 -28.95 19.62
C LYS A 453 20.01 -27.42 19.47
N MET A 454 18.88 -26.73 19.35
CA MET A 454 18.81 -25.28 19.00
C MET A 454 18.35 -24.43 20.19
N VAL A 455 18.96 -23.27 20.38
CA VAL A 455 18.34 -22.12 21.09
C VAL A 455 17.43 -21.39 20.10
N ASN A 456 16.12 -21.58 20.22
CA ASN A 456 15.10 -20.90 19.37
C ASN A 456 14.76 -19.52 19.96
N ALA A 457 15.57 -18.52 19.67
CA ALA A 457 15.32 -17.12 20.06
C ALA A 457 14.22 -16.56 19.18
N MET A 458 13.17 -16.00 19.78
CA MET A 458 12.10 -15.25 19.10
C MET A 458 12.64 -13.90 18.64
N ASN A 459 13.57 -13.37 19.43
CA ASN A 459 14.19 -12.02 19.28
C ASN A 459 15.51 -12.01 20.05
N THR A 460 16.47 -11.18 19.64
CA THR A 460 17.81 -11.00 20.23
C THR A 460 18.12 -9.50 20.29
N HIS A 461 19.09 -9.11 21.13
CA HIS A 461 19.61 -7.71 21.24
C HIS A 461 19.87 -7.16 19.84
N ASP A 462 20.40 -7.97 18.93
CA ASP A 462 20.80 -7.54 17.55
C ASP A 462 19.57 -7.24 16.68
N GLU A 463 18.56 -8.10 16.77
CA GLU A 463 17.33 -8.02 15.96
C GLU A 463 16.53 -6.80 16.38
N CYS A 464 16.79 -6.18 17.53
CA CYS A 464 16.01 -4.97 17.91
C CYS A 464 16.89 -3.75 18.19
N ALA A 465 18.04 -3.66 17.52
CA ALA A 465 19.01 -2.56 17.62
C ALA A 465 18.98 -1.71 16.33
N ASN A 466 19.54 -0.50 16.36
CA ASN A 466 19.88 0.29 15.16
C ASN A 466 18.64 0.54 14.27
N GLY A 467 17.53 0.90 14.90
CA GLY A 467 16.24 1.22 14.23
C GLY A 467 15.55 0.02 13.57
N LYS A 468 15.94 -1.22 13.86
CA LYS A 468 15.16 -2.38 13.39
C LYS A 468 13.78 -2.38 14.06
N VAL A 469 12.77 -2.74 13.26
CA VAL A 469 11.37 -3.01 13.69
C VAL A 469 11.42 -4.24 14.59
N ARG A 470 10.93 -4.09 15.82
CA ARG A 470 10.87 -5.17 16.82
C ARG A 470 9.70 -6.07 16.41
N LEU A 471 9.77 -7.34 16.78
CA LEU A 471 8.81 -8.39 16.34
C LEU A 471 7.39 -7.90 16.64
N ILE A 472 7.12 -7.53 17.88
CA ILE A 472 5.74 -7.18 18.29
C ILE A 472 5.21 -6.02 17.42
N THR A 473 6.05 -5.02 17.14
CA THR A 473 5.70 -3.87 16.26
C THR A 473 5.20 -4.43 14.92
N GLU A 474 5.89 -5.42 14.38
CA GLU A 474 5.67 -5.95 13.01
C GLU A 474 4.35 -6.71 12.96
N LEU A 475 3.96 -7.34 14.06
CA LEU A 475 2.74 -8.16 14.13
C LEU A 475 1.50 -7.25 14.22
N GLY A 476 1.64 -6.04 14.78
CA GLY A 476 0.64 -4.96 14.71
C GLY A 476 -0.10 -4.78 16.01
N ASN A 477 -0.26 -5.87 16.77
CA ASN A 477 -0.68 -5.86 18.19
C ASN A 477 -0.14 -7.13 18.86
N HIS A 478 -0.40 -7.34 20.15
CA HIS A 478 0.21 -8.41 20.99
C HIS A 478 -0.51 -9.76 20.82
N ILE A 479 -1.72 -9.80 20.25
CA ILE A 479 -2.52 -11.06 20.17
C ILE A 479 -1.71 -12.11 19.40
N PRO A 480 -1.23 -11.83 18.16
CA PRO A 480 -0.43 -12.80 17.41
C PRO A 480 0.85 -13.27 18.14
N LEU A 481 1.41 -12.45 19.01
CA LEU A 481 2.66 -12.78 19.76
C LEU A 481 2.40 -13.89 20.77
N ILE A 482 1.28 -13.84 21.48
CA ILE A 482 0.91 -14.90 22.45
C ILE A 482 1.16 -16.27 21.80
N GLY A 483 0.60 -16.49 20.62
CA GLY A 483 0.60 -17.79 19.92
C GLY A 483 1.95 -18.11 19.31
N LEU A 484 2.64 -17.09 18.81
CA LEU A 484 4.01 -17.26 18.28
C LEU A 484 4.94 -17.71 19.43
N ALA A 485 4.79 -17.11 20.60
CA ALA A 485 5.58 -17.51 21.78
C ALA A 485 5.25 -18.97 22.13
N ALA A 486 4.00 -19.40 21.99
CA ALA A 486 3.64 -20.79 22.34
C ALA A 486 4.35 -21.73 21.37
N LEU A 487 4.25 -21.44 20.07
CA LEU A 487 4.90 -22.25 19.02
C LEU A 487 6.36 -22.40 19.42
N CYS A 488 7.01 -21.29 19.77
CA CYS A 488 8.45 -21.28 20.10
C CYS A 488 8.72 -22.21 21.28
N TRP A 489 7.92 -22.12 22.33
CA TRP A 489 8.10 -22.93 23.57
C TRP A 489 7.84 -24.42 23.30
N PHE A 490 6.87 -24.75 22.42
CA PHE A 490 6.40 -26.16 22.23
C PHE A 490 7.31 -26.89 21.22
N ARG A 491 8.10 -26.16 20.44
CA ARG A 491 9.15 -26.73 19.56
C ARG A 491 10.30 -27.30 20.38
N PRO A 492 10.98 -28.35 19.86
CA PRO A 492 12.13 -28.91 20.56
C PRO A 492 13.27 -27.88 20.54
N GLY A 493 13.76 -27.54 21.73
CA GLY A 493 14.81 -26.52 21.89
C GLY A 493 14.60 -25.63 23.10
N ALA A 494 15.60 -24.82 23.38
CA ALA A 494 15.60 -23.81 24.45
C ALA A 494 15.14 -22.47 23.88
N PRO A 495 13.86 -22.07 24.07
CA PRO A 495 13.41 -20.76 23.64
C PRO A 495 14.20 -19.67 24.37
N MET A 496 14.37 -18.53 23.70
CA MET A 496 15.08 -17.33 24.23
C MET A 496 14.30 -16.07 23.86
N ILE A 497 14.27 -15.06 24.73
CA ILE A 497 13.81 -13.68 24.42
C ILE A 497 14.86 -12.69 24.95
N PHE A 498 14.73 -11.41 24.54
CA PHE A 498 15.59 -10.29 25.01
C PHE A 498 14.80 -9.44 26.00
N GLN A 499 15.48 -8.94 27.03
CA GLN A 499 14.91 -8.04 28.04
C GLN A 499 13.99 -7.05 27.33
N GLY A 500 12.78 -6.87 27.84
CA GLY A 500 11.74 -6.03 27.24
C GLY A 500 10.66 -6.87 26.57
N ASP A 501 11.06 -7.97 25.92
CA ASP A 501 10.11 -8.82 25.16
C ASP A 501 9.04 -9.37 26.10
N GLU A 502 9.35 -9.60 27.39
CA GLU A 502 8.36 -10.14 28.34
C GLU A 502 7.19 -9.17 28.54
N PHE A 503 7.33 -7.91 28.15
CA PHE A 503 6.23 -6.93 28.34
C PHE A 503 5.90 -6.19 27.03
N GLY A 504 6.27 -6.72 25.87
CA GLY A 504 5.96 -6.10 24.58
C GLY A 504 6.72 -4.81 24.30
N GLU A 505 7.87 -4.57 24.95
CA GLU A 505 8.71 -3.37 24.67
C GLU A 505 8.88 -3.18 23.16
N GLU A 506 8.59 -1.97 22.66
CA GLU A 506 8.52 -1.63 21.21
C GLU A 506 9.75 -0.79 20.81
N GLY A 507 10.44 -0.20 21.78
CA GLY A 507 11.67 0.57 21.55
C GLY A 507 12.85 -0.32 21.14
N TYR A 508 13.93 0.29 20.67
CA TYR A 508 15.11 -0.44 20.14
C TYR A 508 16.13 -0.62 21.27
N PHE A 509 17.10 -1.49 21.06
CA PHE A 509 18.24 -1.70 22.00
C PHE A 509 19.41 -0.78 21.60
N ASP A 510 19.93 -0.09 22.60
CA ASP A 510 21.23 0.63 22.59
C ASP A 510 21.62 0.73 24.05
N VAL A 511 22.76 1.31 24.36
CA VAL A 511 23.18 1.48 25.79
C VAL A 511 22.71 2.84 26.31
N PHE A 512 21.92 3.61 25.56
CA PHE A 512 21.62 5.04 25.91
C PHE A 512 20.37 5.09 26.77
N HIS A 513 19.69 3.96 26.96
CA HIS A 513 18.54 3.82 27.89
C HIS A 513 18.30 2.37 28.34
N GLY A 514 17.71 2.23 29.54
CA GLY A 514 17.56 0.96 30.28
C GLY A 514 16.21 0.31 30.07
N VAL A 515 16.02 -0.88 30.63
CA VAL A 515 14.70 -1.55 30.78
C VAL A 515 13.80 -0.60 31.58
N ASP A 516 12.58 -0.36 31.09
CA ASP A 516 11.58 0.45 31.83
C ASP A 516 10.88 -0.51 32.78
N TRP A 517 11.36 -0.58 34.03
CA TRP A 517 10.84 -1.51 35.06
C TRP A 517 9.36 -1.26 35.39
N SER A 518 8.85 -0.04 35.14
CA SER A 518 7.43 0.35 35.36
C SER A 518 6.49 -0.48 34.49
N LYS A 519 6.97 -1.09 33.40
CA LYS A 519 6.21 -2.07 32.57
C LYS A 519 6.29 -3.49 33.12
N THR A 520 6.80 -3.69 34.34
CA THR A 520 6.77 -5.01 35.02
C THR A 520 5.95 -4.88 36.31
N GLY A 521 5.60 -6.01 36.94
CA GLY A 521 4.90 -6.06 38.22
C GLY A 521 3.41 -5.80 38.05
N PRO A 522 2.66 -5.76 39.16
CA PRO A 522 1.19 -5.77 39.12
C PRO A 522 0.51 -4.47 38.65
N TYR A 523 1.25 -3.36 38.50
CA TYR A 523 0.74 -2.00 38.16
C TYR A 523 1.12 -1.64 36.73
N ALA A 524 1.61 -2.60 35.96
CA ALA A 524 1.97 -2.39 34.53
C ALA A 524 0.66 -2.31 33.75
N ALA A 525 0.69 -1.77 32.54
CA ALA A 525 -0.48 -1.72 31.65
C ALA A 525 -0.99 -3.14 31.38
N LEU A 526 -2.28 -3.28 31.09
CA LEU A 526 -2.92 -4.58 30.89
C LEU A 526 -2.14 -5.37 29.83
N HIS A 527 -1.83 -4.79 28.67
CA HIS A 527 -1.14 -5.48 27.54
C HIS A 527 0.23 -6.01 28.03
N GLN A 528 0.90 -5.26 28.90
CA GLN A 528 2.26 -5.60 29.39
C GLN A 528 2.16 -6.80 30.33
N GLN A 529 1.10 -6.90 31.15
CA GLN A 529 0.91 -8.02 32.12
C GLN A 529 0.48 -9.28 31.37
N GLN A 530 -0.45 -9.09 30.44
CA GLN A 530 -0.95 -10.14 29.50
C GLN A 530 0.24 -10.87 28.89
N ILE A 531 1.11 -10.19 28.12
CA ILE A 531 2.30 -10.80 27.42
C ILE A 531 3.14 -11.56 28.46
N SER A 532 3.44 -10.93 29.61
CA SER A 532 4.30 -11.49 30.69
C SER A 532 3.66 -12.77 31.24
N ASN A 533 2.34 -12.80 31.41
CA ASN A 533 1.56 -13.96 31.91
C ASN A 533 1.76 -15.15 30.97
N ASN A 534 1.74 -14.87 29.68
CA ASN A 534 1.88 -15.93 28.66
C ASN A 534 3.26 -16.58 28.86
N PHE A 535 4.31 -15.76 28.93
CA PHE A 535 5.70 -16.24 29.14
C PHE A 535 5.81 -17.01 30.47
N HIS A 536 5.20 -16.50 31.53
CA HIS A 536 5.17 -17.12 32.88
C HIS A 536 4.62 -18.55 32.78
N ASP A 537 3.47 -18.68 32.10
CA ASP A 537 2.72 -19.95 31.96
C ASP A 537 3.48 -20.90 31.02
N LEU A 538 4.05 -20.41 29.93
CA LEU A 538 4.82 -21.25 28.97
C LEU A 538 6.03 -21.83 29.72
N ASN A 539 6.66 -21.02 30.57
CA ASN A 539 7.82 -21.41 31.41
C ASN A 539 7.40 -22.43 32.47
N GLN A 540 6.20 -22.33 33.05
CA GLN A 540 5.68 -23.32 34.03
C GLN A 540 5.56 -24.70 33.35
N LEU A 541 4.88 -24.76 32.21
CA LEU A 541 4.86 -26.00 31.39
C LEU A 541 6.30 -26.43 31.06
N LEU A 542 7.16 -25.52 30.61
CA LEU A 542 8.50 -25.96 30.12
C LEU A 542 9.28 -26.61 31.29
N ARG A 543 9.13 -26.14 32.51
CA ARG A 543 9.97 -26.62 33.65
C ARG A 543 9.48 -27.99 34.10
N HIS A 544 8.22 -28.36 33.82
CA HIS A 544 7.51 -29.49 34.49
C HIS A 544 7.07 -30.58 33.50
N GLU A 545 6.75 -30.26 32.23
CA GLU A 545 6.32 -31.25 31.21
C GLU A 545 7.52 -32.03 30.68
N PRO A 546 7.53 -33.38 30.78
CA PRO A 546 8.61 -34.19 30.24
C PRO A 546 8.71 -34.13 28.71
N ALA A 547 7.58 -34.02 28.01
CA ALA A 547 7.57 -33.87 26.54
C ALA A 547 8.23 -32.54 26.11
N LEU A 548 8.61 -31.63 27.02
CA LEU A 548 9.28 -30.35 26.65
C LEU A 548 10.75 -30.32 27.11
N ALA A 549 11.21 -31.36 27.82
CA ALA A 549 12.62 -31.49 28.30
C ALA A 549 13.58 -31.64 27.10
N ARG A 550 13.29 -32.58 26.20
CA ARG A 550 14.19 -33.02 25.11
C ARG A 550 14.21 -31.96 24.00
N HIS A 551 15.41 -31.68 23.48
CA HIS A 551 15.67 -30.66 22.42
C HIS A 551 16.07 -31.30 21.07
N GLY A 552 16.25 -32.63 21.02
CA GLY A 552 16.40 -33.36 19.75
C GLY A 552 15.15 -33.24 18.91
N ILE A 553 15.26 -32.85 17.65
CA ILE A 553 14.09 -32.71 16.72
C ILE A 553 13.21 -33.98 16.74
N ASN A 554 13.76 -35.17 17.02
CA ASN A 554 13.02 -36.46 16.86
C ASN A 554 12.02 -36.66 18.01
N SER A 555 12.11 -35.85 19.08
CA SER A 555 11.04 -35.76 20.12
C SER A 555 9.80 -35.06 19.56
N MET A 556 9.81 -34.61 18.29
CA MET A 556 8.64 -33.98 17.62
C MET A 556 8.30 -34.78 16.35
N ILE A 557 7.02 -34.83 15.98
CA ILE A 557 6.52 -35.47 14.74
C ILE A 557 5.33 -34.66 14.23
N ARG A 558 5.22 -34.47 12.91
CA ARG A 558 4.05 -33.80 12.28
C ARG A 558 2.81 -34.62 12.62
N ASN A 559 1.69 -33.94 12.82
CA ASN A 559 0.38 -34.53 13.19
C ASN A 559 -0.69 -33.98 12.25
N GLY A 560 -0.35 -33.81 10.99
CA GLY A 560 -1.33 -33.40 9.95
C GLY A 560 -1.56 -31.91 10.00
N SER A 561 -2.05 -31.37 8.90
CA SER A 561 -2.41 -29.94 8.76
C SER A 561 -3.56 -29.80 7.75
N ASN A 562 -4.01 -28.57 7.52
CA ASN A 562 -5.01 -28.22 6.50
C ASN A 562 -4.72 -26.82 6.00
N ASN A 563 -4.37 -26.70 4.72
CA ASN A 563 -3.80 -25.48 4.12
C ASN A 563 -4.88 -24.40 3.87
N GLU A 564 -6.15 -24.77 3.70
CA GLU A 564 -7.22 -23.77 3.44
C GLU A 564 -7.83 -23.30 4.79
N ARG A 565 -7.87 -24.16 5.80
CA ARG A 565 -8.29 -23.82 7.19
C ARG A 565 -7.14 -23.09 7.91
N LYS A 566 -5.91 -23.25 7.42
CA LYS A 566 -4.69 -22.58 7.91
C LYS A 566 -4.36 -23.03 9.35
N TRP A 567 -4.36 -24.33 9.60
CA TRP A 567 -3.91 -24.90 10.90
C TRP A 567 -3.01 -26.10 10.66
N PHE A 568 -2.13 -26.33 11.61
CA PHE A 568 -1.24 -27.51 11.62
C PHE A 568 -1.13 -28.00 13.06
N SER A 569 -0.73 -29.25 13.22
CA SER A 569 -0.53 -29.85 14.56
C SER A 569 0.79 -30.63 14.56
N PHE A 570 1.42 -30.74 15.73
CA PHE A 570 2.54 -31.66 15.96
C PHE A 570 2.40 -32.18 17.37
N ILE A 571 3.16 -33.24 17.65
CA ILE A 571 3.15 -33.96 18.95
C ILE A 571 4.58 -34.00 19.43
N ARG A 572 4.74 -33.69 20.71
CA ARG A 572 5.99 -33.87 21.47
C ARG A 572 5.82 -35.17 22.28
N TRP A 573 6.73 -36.11 22.09
CA TRP A 573 6.70 -37.42 22.79
C TRP A 573 7.05 -37.16 24.25
N GLY A 574 6.33 -37.79 25.17
CA GLY A 574 6.66 -37.81 26.61
C GLY A 574 7.83 -38.74 26.94
N GLY A 575 8.02 -39.80 26.16
CA GLY A 575 9.16 -40.72 26.35
C GLY A 575 9.54 -41.40 25.05
N ASP A 576 9.97 -42.66 25.12
CA ASP A 576 10.77 -43.32 24.04
C ASP A 576 9.84 -43.98 23.02
N VAL A 577 8.54 -44.09 23.30
CA VAL A 577 7.59 -44.86 22.45
C VAL A 577 6.73 -43.89 21.64
N GLY A 578 6.62 -44.09 20.33
CA GLY A 578 5.78 -43.30 19.42
C GLY A 578 4.52 -44.04 19.04
N PHE A 579 4.09 -43.92 17.78
CA PHE A 579 2.78 -44.42 17.30
C PHE A 579 2.73 -45.96 17.22
N GLU A 580 3.84 -46.66 17.46
CA GLU A 580 3.85 -48.15 17.39
C GLU A 580 2.80 -48.68 18.38
N SER A 581 2.69 -48.06 19.57
CA SER A 581 1.84 -48.50 20.71
C SER A 581 0.57 -47.64 20.82
N SER A 582 -0.52 -48.21 21.37
CA SER A 582 -1.82 -47.56 21.68
C SER A 582 -2.11 -47.59 23.19
N ASP A 583 -1.16 -48.08 24.00
CA ASP A 583 -1.23 -48.23 25.48
C ASP A 583 -1.27 -46.84 26.13
N PRO A 584 -2.37 -46.46 26.82
CA PRO A 584 -2.42 -45.20 27.57
C PRO A 584 -1.22 -44.87 28.47
N LYS A 585 -0.55 -45.85 29.07
CA LYS A 585 0.51 -45.60 30.08
C LYS A 585 1.87 -45.45 29.37
N ASP A 586 1.91 -45.66 28.04
CA ASP A 586 3.08 -45.39 27.18
C ASP A 586 3.15 -43.89 26.82
N HIS A 587 1.99 -43.24 26.75
CA HIS A 587 1.75 -41.93 26.10
C HIS A 587 1.23 -40.87 27.07
N LYS A 588 1.33 -41.06 28.38
CA LYS A 588 0.64 -40.16 29.34
C LYS A 588 1.21 -38.74 29.24
N ASP A 589 2.52 -38.60 28.99
CA ASP A 589 3.23 -37.30 29.05
C ASP A 589 3.34 -36.68 27.65
N ASP A 590 2.76 -37.31 26.63
CA ASP A 590 2.73 -36.77 25.24
C ASP A 590 1.97 -35.45 25.25
N ILE A 591 2.35 -34.51 24.38
CA ILE A 591 1.57 -33.25 24.18
C ILE A 591 1.17 -33.16 22.71
N ILE A 592 -0.11 -32.90 22.46
CA ILE A 592 -0.73 -32.63 21.13
C ILE A 592 -0.82 -31.12 21.03
N PHE A 593 -0.09 -30.53 20.08
CA PHE A 593 -0.04 -29.06 19.85
C PHE A 593 -0.73 -28.76 18.53
N VAL A 594 -1.64 -27.79 18.55
CA VAL A 594 -2.40 -27.33 17.35
C VAL A 594 -2.28 -25.81 17.25
N ARG A 595 -2.08 -25.30 16.04
CA ARG A 595 -1.89 -23.85 15.72
C ARG A 595 -2.80 -23.53 14.54
N ASN A 596 -3.73 -22.60 14.75
CA ASN A 596 -4.56 -22.00 13.67
C ASN A 596 -4.00 -20.61 13.37
N GLU A 597 -3.66 -20.35 12.11
CA GLU A 597 -3.02 -19.08 11.67
C GLU A 597 -4.08 -18.12 11.13
N THR A 598 -5.36 -18.49 11.17
CA THR A 598 -6.47 -17.63 10.67
C THR A 598 -6.68 -16.49 11.65
N PRO A 599 -6.55 -15.21 11.22
CA PRO A 599 -6.62 -14.08 12.14
C PRO A 599 -7.99 -13.43 12.31
N TYR A 600 -9.04 -14.08 11.79
CA TYR A 600 -10.43 -13.59 11.90
C TYR A 600 -11.33 -14.79 12.18
N PRO A 601 -12.49 -14.59 12.85
CA PRO A 601 -13.30 -15.68 13.40
C PRO A 601 -14.32 -16.26 12.40
N VAL A 602 -13.84 -17.05 11.42
CA VAL A 602 -14.70 -17.89 10.55
C VAL A 602 -14.74 -19.32 11.12
N GLU A 603 -15.72 -20.12 10.67
CA GLU A 603 -15.77 -21.59 10.85
C GLU A 603 -14.36 -22.13 10.55
N CYS A 604 -13.64 -22.63 11.58
CA CYS A 604 -12.38 -23.41 11.44
C CYS A 604 -12.46 -24.70 12.25
N HIS A 605 -12.93 -25.79 11.62
CA HIS A 605 -13.16 -27.12 12.25
C HIS A 605 -11.85 -27.91 12.27
N ALA A 606 -11.42 -28.34 13.45
CA ALA A 606 -10.15 -29.08 13.67
C ALA A 606 -10.41 -30.58 13.65
N GLU A 607 -9.58 -31.34 12.93
CA GLU A 607 -9.59 -32.83 12.92
C GLU A 607 -8.16 -33.30 13.26
N ILE A 608 -7.93 -33.71 14.51
CA ILE A 608 -6.55 -33.85 15.09
C ILE A 608 -6.31 -35.28 15.59
N TYR A 609 -5.35 -35.97 14.96
CA TYR A 609 -4.93 -37.35 15.34
C TYR A 609 -4.32 -37.35 16.75
N VAL A 610 -4.36 -38.50 17.42
CA VAL A 610 -3.73 -38.73 18.76
C VAL A 610 -3.21 -40.16 18.80
N PRO A 611 -2.25 -40.49 19.68
CA PRO A 611 -1.72 -41.86 19.73
C PRO A 611 -2.73 -42.86 20.31
N VAL A 612 -3.42 -42.48 21.39
CA VAL A 612 -4.38 -43.30 22.19
C VAL A 612 -5.81 -42.78 21.99
N ALA A 613 -6.79 -43.67 21.92
CA ALA A 613 -8.23 -43.32 22.02
C ALA A 613 -8.59 -43.24 23.52
N ALA A 614 -8.91 -42.04 24.01
CA ALA A 614 -9.25 -41.76 25.42
C ALA A 614 -9.72 -40.30 25.58
N GLU A 615 -9.55 -39.73 26.78
CA GLU A 615 -9.93 -38.32 27.10
C GLU A 615 -8.67 -37.44 27.17
N TYR A 616 -8.67 -36.33 26.44
CA TYR A 616 -7.58 -35.32 26.41
C TYR A 616 -8.04 -34.04 27.13
N ARG A 617 -7.10 -33.42 27.86
CA ARG A 617 -7.27 -32.20 28.69
C ARG A 617 -6.42 -31.07 28.11
N VAL A 618 -6.99 -29.88 27.94
CA VAL A 618 -6.24 -28.67 27.45
C VAL A 618 -5.38 -28.17 28.60
N ILE A 619 -4.06 -28.08 28.37
CA ILE A 619 -3.03 -27.64 29.39
C ILE A 619 -2.54 -26.22 29.08
N TYR A 620 -2.62 -25.79 27.81
CA TYR A 620 -2.28 -24.43 27.34
C TYR A 620 -3.27 -24.01 26.25
N ASN A 621 -3.81 -22.79 26.35
CA ASN A 621 -4.76 -22.20 25.37
C ASN A 621 -4.47 -20.69 25.17
N SER A 622 -4.00 -20.27 23.98
CA SER A 622 -3.55 -18.89 23.68
C SER A 622 -4.71 -17.88 23.69
N ILE A 623 -5.96 -18.35 23.59
CA ILE A 623 -7.16 -17.45 23.54
C ILE A 623 -7.66 -17.16 24.95
N ASP A 624 -7.04 -17.75 25.98
CA ASP A 624 -7.36 -17.41 27.38
C ASP A 624 -7.39 -15.88 27.53
N GLN A 625 -8.39 -15.35 28.23
CA GLN A 625 -8.60 -13.90 28.55
C GLN A 625 -7.40 -13.32 29.31
N ARG A 626 -6.69 -14.18 30.06
CA ARG A 626 -5.41 -13.90 30.78
C ARG A 626 -4.34 -13.34 29.83
N TYR A 627 -4.38 -13.71 28.54
CA TYR A 627 -3.41 -13.27 27.52
C TYR A 627 -4.00 -12.23 26.57
N ILE A 628 -5.29 -12.33 26.23
CA ILE A 628 -5.83 -11.55 25.07
C ILE A 628 -7.01 -10.67 25.48
N GLY A 629 -7.45 -10.71 26.75
CA GLY A 629 -8.59 -9.92 27.25
C GLY A 629 -9.91 -10.47 26.75
N SER A 630 -11.02 -9.86 27.16
CA SER A 630 -12.38 -10.31 26.77
C SER A 630 -12.52 -10.24 25.24
N GLN A 631 -12.81 -11.38 24.60
CA GLN A 631 -13.17 -11.46 23.15
C GLN A 631 -14.53 -12.16 22.99
N HIS A 632 -15.18 -11.98 21.84
CA HIS A 632 -16.48 -12.65 21.57
C HIS A 632 -16.23 -14.17 21.41
N TYR A 633 -15.00 -14.61 21.11
CA TYR A 633 -14.69 -16.04 20.83
C TYR A 633 -14.11 -16.80 22.03
N ASN A 634 -13.96 -16.20 23.22
CA ASN A 634 -13.37 -16.88 24.40
C ASN A 634 -14.27 -16.71 25.63
N GLN A 635 -15.59 -16.79 25.46
CA GLN A 635 -16.56 -16.75 26.57
C GLN A 635 -16.84 -18.20 27.03
N HIS A 636 -15.78 -18.92 27.45
CA HIS A 636 -15.80 -20.36 27.85
C HIS A 636 -14.49 -20.74 28.56
N ASP A 637 -14.54 -21.71 29.48
CA ASP A 637 -13.34 -22.22 30.19
C ASP A 637 -12.32 -22.67 29.14
N PRO A 638 -11.12 -22.04 29.05
CA PRO A 638 -10.12 -22.43 28.07
C PRO A 638 -9.53 -23.84 28.29
N TYR A 639 -9.64 -24.39 29.50
CA TYR A 639 -9.03 -25.67 29.94
C TYR A 639 -10.10 -26.77 29.89
N TRP A 640 -10.76 -26.91 28.74
CA TRP A 640 -11.84 -27.90 28.52
C TRP A 640 -11.25 -29.30 28.30
N THR A 641 -12.14 -30.31 28.38
CA THR A 641 -11.89 -31.79 28.35
C THR A 641 -12.52 -32.32 27.05
N ILE A 642 -12.00 -33.40 26.46
CA ILE A 642 -12.60 -33.91 25.19
C ILE A 642 -12.32 -35.41 24.99
N HIS A 643 -13.29 -36.08 24.33
CA HIS A 643 -13.32 -37.53 23.99
C HIS A 643 -12.83 -37.71 22.56
N SER A 644 -11.89 -38.63 22.33
CA SER A 644 -11.44 -39.03 20.97
C SER A 644 -12.50 -39.90 20.31
N ALA A 645 -12.94 -39.52 19.10
CA ALA A 645 -13.78 -40.32 18.18
C ALA A 645 -12.85 -41.26 17.42
N GLY A 646 -12.55 -42.40 18.04
CA GLY A 646 -11.40 -43.23 17.62
C GLY A 646 -10.14 -42.54 18.08
N GLN A 647 -9.18 -42.37 17.18
CA GLN A 647 -7.87 -41.71 17.47
C GLN A 647 -7.86 -40.31 16.82
N PHE A 648 -8.94 -39.55 17.01
CA PHE A 648 -9.18 -38.23 16.36
C PHE A 648 -9.96 -37.31 17.30
N LEU A 649 -9.49 -36.07 17.51
CA LEU A 649 -10.23 -35.01 18.26
C LEU A 649 -10.86 -34.05 17.24
N TYR A 650 -12.16 -33.79 17.37
CA TYR A 650 -12.90 -32.75 16.61
C TYR A 650 -13.29 -31.65 17.58
N PHE A 651 -12.97 -30.39 17.24
CA PHE A 651 -13.33 -29.17 18.02
C PHE A 651 -13.09 -27.94 17.16
N ASP A 652 -13.63 -26.80 17.60
CA ASP A 652 -13.57 -25.51 16.87
C ASP A 652 -12.26 -24.78 17.25
N LEU A 653 -11.51 -24.34 16.24
CA LEU A 653 -10.35 -23.43 16.38
C LEU A 653 -10.87 -21.98 16.27
N HIS A 654 -10.41 -21.08 17.14
CA HIS A 654 -10.74 -19.64 17.06
C HIS A 654 -9.56 -18.89 16.45
N PRO A 655 -9.68 -17.57 16.17
CA PRO A 655 -8.57 -16.83 15.56
C PRO A 655 -7.24 -16.93 16.33
N TYR A 656 -6.11 -17.03 15.62
CA TYR A 656 -4.74 -17.18 16.18
C TYR A 656 -4.67 -18.20 17.33
N GLN A 657 -5.53 -19.21 17.39
CA GLN A 657 -5.53 -20.17 18.53
C GLN A 657 -4.29 -21.08 18.39
N ASN A 658 -3.43 -21.04 19.40
CA ASN A 658 -2.38 -22.06 19.62
C ASN A 658 -2.83 -22.78 20.88
N ILE A 659 -2.96 -24.09 20.85
CA ILE A 659 -3.55 -24.87 21.98
C ILE A 659 -2.77 -26.16 22.09
N ALA A 660 -2.65 -26.67 23.31
CA ALA A 660 -1.88 -27.91 23.58
C ALA A 660 -2.69 -28.81 24.50
N LEU A 661 -2.59 -30.13 24.28
CA LEU A 661 -3.37 -31.18 24.99
C LEU A 661 -2.48 -32.35 25.40
N LYS A 662 -2.80 -32.95 26.56
CA LYS A 662 -2.27 -34.21 27.13
C LYS A 662 -3.44 -35.18 27.38
N LEU A 663 -3.16 -36.43 27.75
CA LEU A 663 -4.18 -37.39 28.29
C LEU A 663 -4.64 -36.93 29.68
N LYS A 664 -5.95 -36.93 29.97
CA LYS A 664 -6.44 -36.69 31.36
C LYS A 664 -6.07 -37.91 32.23
N ASN A 665 -5.61 -37.66 33.47
CA ASN A 665 -5.15 -38.67 34.47
C ASN A 665 -5.35 -40.09 33.92
N PRO B 24 -43.11 1.88 -57.18
CA PRO B 24 -43.25 2.22 -55.74
C PRO B 24 -44.67 1.93 -55.17
N SER B 25 -45.02 0.64 -55.00
CA SER B 25 -46.39 0.12 -54.70
C SER B 25 -46.78 0.42 -53.26
N LEU B 26 -48.08 0.44 -52.92
CA LEU B 26 -48.55 0.89 -51.58
C LEU B 26 -48.10 -0.11 -50.50
N GLU B 27 -48.23 -1.41 -50.75
CA GLU B 27 -47.81 -2.47 -49.79
C GLU B 27 -46.34 -2.23 -49.41
N THR B 28 -45.46 -1.98 -50.40
CA THR B 28 -44.00 -1.81 -50.17
C THR B 28 -43.72 -0.42 -49.56
N ILE B 29 -44.63 0.56 -49.68
CA ILE B 29 -44.54 1.83 -48.91
C ILE B 29 -44.76 1.50 -47.43
N LYS B 30 -45.85 0.79 -47.09
CA LYS B 30 -46.21 0.47 -45.68
C LYS B 30 -45.06 -0.30 -45.04
N GLN B 31 -44.45 -1.24 -45.77
CA GLN B 31 -43.40 -2.13 -45.22
C GLN B 31 -42.07 -1.37 -45.03
N ASP B 32 -41.57 -0.73 -46.11
CA ASP B 32 -40.18 -0.21 -46.22
C ASP B 32 -40.11 1.27 -45.82
N TYR B 33 -41.15 2.07 -46.08
CA TYR B 33 -41.19 3.52 -45.78
C TYR B 33 -42.47 3.90 -45.03
N PRO B 34 -42.79 3.18 -43.94
CA PRO B 34 -44.04 3.37 -43.20
C PRO B 34 -44.39 4.81 -42.78
N TYR B 35 -43.40 5.67 -42.56
CA TYR B 35 -43.59 7.05 -42.03
C TYR B 35 -44.20 7.97 -43.11
N GLN B 36 -44.13 7.55 -44.38
CA GLN B 36 -44.72 8.24 -45.56
C GLN B 36 -46.22 7.91 -45.68
N TYR B 37 -46.70 6.85 -45.04
CA TYR B 37 -48.11 6.39 -45.11
C TYR B 37 -48.81 6.74 -43.80
N PHE B 38 -48.26 6.31 -42.66
CA PHE B 38 -48.79 6.64 -41.31
C PHE B 38 -48.35 8.05 -40.97
N GLY B 39 -49.09 8.68 -40.05
CA GLY B 39 -48.78 10.02 -39.49
C GLY B 39 -49.61 11.10 -40.16
N ALA B 40 -49.13 12.35 -40.09
CA ALA B 40 -49.74 13.53 -40.73
C ALA B 40 -49.06 13.73 -42.09
N HIS B 41 -49.84 14.00 -43.14
CA HIS B 41 -49.34 14.20 -44.54
C HIS B 41 -50.07 15.38 -45.17
N PRO B 42 -49.52 16.61 -45.07
CA PRO B 42 -50.18 17.81 -45.59
C PRO B 42 -49.92 18.02 -47.09
N ASN B 43 -50.95 18.50 -47.80
CA ASN B 43 -50.90 18.97 -49.21
C ASN B 43 -51.12 20.48 -49.17
N GLU B 44 -51.21 21.10 -50.35
CA GLU B 44 -51.65 22.51 -50.52
C GLU B 44 -53.09 22.66 -50.02
N THR B 45 -53.95 21.65 -50.23
CA THR B 45 -55.44 21.74 -50.07
C THR B 45 -55.93 20.95 -48.85
N GLU B 46 -55.28 19.82 -48.51
CA GLU B 46 -55.82 18.84 -47.53
C GLU B 46 -54.69 18.17 -46.73
N THR B 47 -55.03 17.62 -45.56
CA THR B 47 -54.13 16.83 -44.68
C THR B 47 -54.79 15.48 -44.35
N THR B 48 -54.14 14.37 -44.72
CA THR B 48 -54.51 12.99 -44.35
C THR B 48 -53.73 12.56 -43.11
N PHE B 49 -54.43 12.00 -42.13
CA PHE B 49 -53.92 11.37 -40.90
C PHE B 49 -54.24 9.87 -40.93
N ARG B 50 -53.23 9.02 -40.80
CA ARG B 50 -53.40 7.56 -40.62
C ARG B 50 -52.67 7.13 -39.33
N VAL B 51 -53.37 6.43 -38.43
CA VAL B 51 -52.78 5.76 -37.23
C VAL B 51 -53.32 4.32 -37.13
N TYR B 52 -52.42 3.37 -36.86
CA TYR B 52 -52.72 1.95 -36.57
C TYR B 52 -53.15 1.84 -35.10
N ALA B 53 -54.31 1.23 -34.87
CA ALA B 53 -54.90 0.97 -33.54
C ALA B 53 -55.96 -0.14 -33.67
N PRO B 54 -55.54 -1.38 -33.98
CA PRO B 54 -56.47 -2.42 -34.44
C PRO B 54 -57.57 -2.86 -33.44
N ARG B 55 -57.34 -2.68 -32.14
CA ARG B 55 -58.26 -3.09 -31.04
C ARG B 55 -58.91 -1.83 -30.45
N ALA B 56 -58.67 -0.66 -31.06
CA ALA B 56 -59.39 0.60 -30.76
C ALA B 56 -60.85 0.45 -31.21
N THR B 57 -61.82 0.91 -30.40
CA THR B 57 -63.27 0.96 -30.74
C THR B 57 -63.63 2.32 -31.33
N GLY B 58 -62.83 3.37 -31.07
CA GLY B 58 -62.99 4.68 -31.70
C GLY B 58 -61.70 5.49 -31.68
N VAL B 59 -61.33 6.10 -32.82
CA VAL B 59 -60.18 7.05 -32.92
C VAL B 59 -60.68 8.39 -33.47
N ASN B 60 -60.58 9.44 -32.65
CA ASN B 60 -60.97 10.82 -32.99
C ASN B 60 -59.71 11.69 -33.14
N LEU B 61 -59.62 12.45 -34.23
CA LEU B 61 -58.59 13.50 -34.42
C LEU B 61 -58.89 14.67 -33.50
N MET B 62 -58.01 14.93 -32.53
CA MET B 62 -57.95 16.16 -31.69
C MET B 62 -57.02 17.17 -32.37
N ARG B 63 -57.42 18.44 -32.43
CA ARG B 63 -56.54 19.56 -32.91
C ARG B 63 -57.04 20.91 -32.39
N GLU B 64 -56.20 21.93 -32.58
CA GLU B 64 -56.45 23.34 -32.19
C GLU B 64 -57.58 23.92 -33.05
N GLY B 65 -57.63 23.55 -34.34
CA GLY B 65 -58.63 24.04 -35.31
C GLY B 65 -60.06 23.60 -35.01
N THR B 66 -60.26 22.69 -34.04
CA THR B 66 -61.58 22.29 -33.47
C THR B 66 -61.52 22.26 -31.93
N GLY B 67 -60.67 23.11 -31.33
CA GLY B 67 -60.66 23.44 -29.89
C GLY B 67 -60.29 22.29 -28.97
N TRP B 68 -59.60 21.24 -29.47
CA TRP B 68 -59.13 20.08 -28.66
C TRP B 68 -60.33 19.35 -28.05
N ASP B 69 -61.42 19.29 -28.81
CA ASP B 69 -62.64 18.51 -28.50
C ASP B 69 -62.37 17.03 -28.82
N CYS B 70 -62.46 16.17 -27.82
CA CYS B 70 -62.11 14.73 -27.91
C CYS B 70 -63.05 13.99 -28.88
N PHE B 71 -64.14 14.63 -29.35
CA PHE B 71 -65.22 13.95 -30.14
C PHE B 71 -65.62 14.72 -31.41
N ALA B 72 -64.97 15.82 -31.76
CA ALA B 72 -65.27 16.64 -32.97
C ALA B 72 -65.15 15.79 -34.24
N GLU B 73 -63.97 15.23 -34.52
CA GLU B 73 -63.66 14.60 -35.84
C GLU B 73 -63.38 13.11 -35.67
N PRO B 74 -64.44 12.28 -35.60
CA PRO B 74 -64.27 10.83 -35.68
C PRO B 74 -63.44 10.40 -36.90
N MET B 75 -62.50 9.49 -36.68
CA MET B 75 -61.70 8.86 -37.78
C MET B 75 -62.34 7.52 -38.17
N THR B 76 -61.94 6.99 -39.32
CA THR B 76 -62.58 5.84 -40.00
C THR B 76 -61.55 4.69 -40.07
N LYS B 77 -61.94 3.53 -39.58
CA LYS B 77 -61.10 2.30 -39.45
C LYS B 77 -61.24 1.46 -40.72
N ASN B 78 -60.14 1.20 -41.44
CA ASN B 78 -60.15 0.31 -42.64
C ASN B 78 -60.11 -1.15 -42.20
N GLU B 79 -60.09 -2.08 -43.16
CA GLU B 79 -60.10 -3.56 -42.96
C GLU B 79 -58.86 -3.96 -42.14
N ASP B 80 -57.74 -3.25 -42.26
CA ASP B 80 -56.42 -3.60 -41.66
C ASP B 80 -56.18 -2.96 -40.28
N GLY B 81 -57.17 -2.29 -39.67
CA GLY B 81 -57.04 -1.66 -38.34
C GLY B 81 -56.48 -0.25 -38.41
N VAL B 82 -56.18 0.24 -39.62
CA VAL B 82 -55.67 1.63 -39.83
C VAL B 82 -56.86 2.60 -39.82
N TRP B 83 -56.80 3.60 -38.94
CA TRP B 83 -57.76 4.73 -38.89
C TRP B 83 -57.27 5.87 -39.82
N GLU B 84 -58.20 6.44 -40.62
CA GLU B 84 -57.93 7.49 -41.64
C GLU B 84 -58.94 8.62 -41.48
N ILE B 85 -58.49 9.88 -41.58
CA ILE B 85 -59.33 11.09 -41.84
C ILE B 85 -58.56 12.05 -42.74
N THR B 86 -59.23 12.62 -43.75
CA THR B 86 -58.72 13.74 -44.59
C THR B 86 -59.46 15.03 -44.21
N ILE B 87 -58.75 16.17 -44.17
CA ILE B 87 -59.29 17.48 -43.69
C ILE B 87 -59.23 18.51 -44.82
N LEU B 91 -52.64 22.59 -43.13
CA LEU B 91 -52.50 22.29 -41.66
C LEU B 91 -51.04 22.20 -41.16
N THR B 92 -50.05 22.39 -42.04
CA THR B 92 -48.60 22.38 -41.73
C THR B 92 -48.30 23.28 -40.53
N TRP B 93 -47.50 22.79 -39.58
CA TRP B 93 -46.98 23.47 -38.35
C TRP B 93 -48.03 23.45 -37.24
N SER B 94 -49.21 22.89 -37.53
CA SER B 94 -50.36 22.83 -36.59
C SER B 94 -50.17 21.65 -35.63
N GLU B 95 -50.57 21.84 -34.37
CA GLU B 95 -50.57 20.81 -33.31
C GLU B 95 -51.82 19.91 -33.40
N TYR B 96 -51.66 18.63 -33.05
CA TYR B 96 -52.71 17.59 -33.10
C TYR B 96 -52.33 16.43 -32.17
N LYS B 97 -53.27 15.51 -31.94
CA LYS B 97 -53.07 14.19 -31.27
C LYS B 97 -54.33 13.35 -31.50
N TYR B 98 -54.36 12.11 -31.02
CA TYR B 98 -55.43 11.13 -31.32
C TYR B 98 -56.14 10.77 -30.02
N TYR B 99 -57.47 10.91 -29.95
CA TYR B 99 -58.28 10.34 -28.83
C TYR B 99 -58.62 8.89 -29.18
N ILE B 100 -58.15 7.96 -28.37
CA ILE B 100 -58.23 6.50 -28.67
C ILE B 100 -59.03 5.82 -27.56
N GLU B 101 -60.00 5.01 -28.00
CA GLU B 101 -61.04 4.40 -27.14
C GLU B 101 -61.01 2.89 -27.35
N ASN B 102 -61.21 2.16 -26.27
CA ASN B 102 -61.42 0.70 -26.34
C ASN B 102 -62.41 0.39 -25.22
N SER B 103 -63.70 0.29 -25.57
CA SER B 103 -64.83 0.01 -24.63
C SER B 103 -65.00 -1.51 -24.42
N ASP B 104 -64.53 -2.33 -25.39
CA ASP B 104 -64.62 -3.82 -25.41
C ASP B 104 -64.38 -4.40 -24.01
N ASP B 105 -65.14 -5.45 -23.66
CA ASP B 105 -65.48 -5.87 -22.26
C ASP B 105 -64.47 -6.90 -21.72
N TYR B 106 -63.40 -7.22 -22.46
CA TYR B 106 -62.22 -7.97 -21.95
C TYR B 106 -61.34 -7.06 -21.05
N LEU B 107 -61.62 -5.74 -21.05
CA LEU B 107 -60.93 -4.70 -20.25
C LEU B 107 -61.72 -4.40 -18.95
N ASN B 108 -61.01 -4.37 -17.82
CA ASN B 108 -61.51 -3.96 -16.47
C ASN B 108 -62.38 -2.69 -16.56
N GLN B 109 -61.82 -1.61 -17.13
CA GLN B 109 -62.49 -0.29 -17.34
C GLN B 109 -62.52 0.04 -18.84
N PRO B 110 -63.33 1.04 -19.29
CA PRO B 110 -63.08 1.64 -20.60
C PRO B 110 -61.66 2.25 -20.60
N TYR B 111 -60.92 2.01 -21.68
CA TYR B 111 -59.70 2.77 -22.02
C TYR B 111 -60.12 3.92 -22.94
N GLY B 112 -59.80 5.16 -22.54
CA GLY B 112 -59.94 6.38 -23.35
C GLY B 112 -58.92 7.42 -22.94
N MET B 113 -58.01 7.82 -23.85
CA MET B 113 -57.09 8.94 -23.54
C MET B 113 -56.52 9.55 -24.83
N ALA B 114 -56.12 10.81 -24.73
CA ALA B 114 -55.34 11.52 -25.78
C ALA B 114 -53.92 10.92 -25.81
N ARG B 115 -53.48 10.43 -26.97
CA ARG B 115 -52.14 9.83 -27.26
C ARG B 115 -51.48 10.55 -28.45
N ILE B 116 -50.13 10.63 -28.49
CA ILE B 116 -49.38 11.33 -29.59
C ILE B 116 -49.26 10.41 -30.79
N ASP B 117 -48.89 10.95 -31.95
CA ASP B 117 -48.67 10.15 -33.18
C ASP B 117 -47.34 9.39 -33.07
N PRO B 118 -47.33 8.06 -33.24
CA PRO B 118 -46.11 7.28 -33.19
C PRO B 118 -45.05 7.67 -34.24
N PHE B 119 -45.46 8.29 -35.35
CA PHE B 119 -44.57 8.76 -36.43
C PHE B 119 -44.27 10.28 -36.32
N SER B 120 -44.66 10.93 -35.21
CA SER B 120 -44.31 12.35 -34.90
C SER B 120 -42.82 12.61 -35.12
N PRO B 121 -42.43 13.50 -36.07
CA PRO B 121 -41.05 13.97 -36.17
C PRO B 121 -40.64 14.88 -35.01
N GLN B 122 -41.61 15.43 -34.29
CA GLN B 122 -41.38 16.36 -33.16
C GLN B 122 -42.65 16.42 -32.30
N LEU B 123 -42.48 16.57 -30.99
CA LEU B 123 -43.60 16.86 -30.07
C LEU B 123 -43.42 18.29 -29.52
N ALA B 124 -44.54 18.95 -29.24
CA ALA B 124 -44.69 20.24 -28.54
C ALA B 124 -45.04 19.95 -27.08
N VAL B 125 -44.29 20.50 -26.14
CA VAL B 125 -44.32 20.05 -24.71
C VAL B 125 -44.47 21.29 -23.83
N THR B 126 -45.52 21.35 -22.99
CA THR B 126 -46.06 22.57 -22.30
C THR B 126 -45.68 22.57 -20.82
N ASP B 130 -49.39 24.68 -12.54
CA ASP B 130 -50.21 23.45 -12.41
C ASP B 130 -49.31 22.24 -12.08
N GLY B 131 -48.23 22.03 -12.84
CA GLY B 131 -47.21 21.00 -12.58
C GLY B 131 -47.47 19.68 -13.31
N THR B 132 -48.19 19.72 -14.44
CA THR B 132 -48.51 18.56 -15.33
C THR B 132 -48.06 18.88 -16.76
N ARG B 133 -47.44 17.93 -17.45
CA ARG B 133 -46.87 18.11 -18.82
C ARG B 133 -47.90 17.66 -19.86
N ASN B 134 -48.08 18.43 -20.94
CA ASN B 134 -48.95 18.07 -22.11
C ASN B 134 -48.04 17.81 -23.30
N PHE B 135 -48.24 16.71 -24.03
CA PHE B 135 -47.48 16.37 -25.25
C PHE B 135 -48.47 16.44 -26.41
N ASN B 136 -48.20 17.26 -27.43
CA ASN B 136 -48.94 17.22 -28.71
C ASN B 136 -48.01 16.77 -29.82
N SER B 137 -48.57 16.12 -30.86
CA SER B 137 -47.93 15.95 -32.18
C SER B 137 -48.05 17.25 -32.99
N ILE B 138 -47.21 17.42 -34.00
CA ILE B 138 -47.18 18.65 -34.85
C ILE B 138 -47.04 18.18 -36.29
N VAL B 139 -47.77 18.81 -37.21
CA VAL B 139 -47.75 18.43 -38.65
C VAL B 139 -46.49 19.06 -39.24
N CYS B 140 -45.52 18.23 -39.64
CA CYS B 140 -44.21 18.67 -40.17
C CYS B 140 -44.22 18.57 -41.70
N ASP B 141 -43.55 19.53 -42.33
CA ASP B 141 -43.30 19.60 -43.79
C ASP B 141 -41.86 19.13 -44.03
N ARG B 142 -41.75 17.92 -44.59
CA ARG B 142 -40.47 17.22 -44.90
C ARG B 142 -39.65 18.01 -45.95
N ASN B 143 -40.28 18.88 -46.75
CA ASN B 143 -39.63 19.56 -47.90
C ASN B 143 -39.18 20.97 -47.50
N TYR B 144 -39.54 21.43 -46.29
CA TYR B 144 -39.20 22.79 -45.78
C TYR B 144 -37.68 22.99 -45.84
N PHE B 145 -36.92 22.27 -45.00
CA PHE B 145 -35.45 22.41 -44.88
C PHE B 145 -34.82 22.28 -46.26
N GLN B 146 -33.99 23.25 -46.63
CA GLN B 146 -33.30 23.28 -47.95
C GLN B 146 -31.89 22.74 -47.73
N TRP B 147 -31.65 21.50 -48.16
CA TRP B 147 -30.39 20.74 -47.92
C TRP B 147 -29.35 21.18 -48.93
N THR B 148 -28.14 21.48 -48.48
CA THR B 148 -26.96 21.70 -49.34
C THR B 148 -26.11 20.42 -49.40
N HIS B 149 -26.07 19.65 -48.31
CA HIS B 149 -25.19 18.45 -48.15
C HIS B 149 -25.94 17.33 -47.38
N LYS B 150 -27.05 16.82 -47.93
CA LYS B 150 -27.92 15.84 -47.23
C LYS B 150 -27.10 14.55 -47.05
N HIS B 151 -26.47 14.11 -48.14
CA HIS B 151 -25.62 12.90 -48.22
C HIS B 151 -24.32 13.26 -48.92
N ILE B 152 -23.22 13.37 -48.17
CA ILE B 152 -21.84 13.46 -48.74
C ILE B 152 -21.29 12.04 -48.88
N ASP B 153 -20.30 11.88 -49.77
CA ASP B 153 -19.58 10.60 -49.94
C ASP B 153 -18.56 10.55 -48.80
N LEU B 154 -19.00 10.10 -47.64
CA LEU B 154 -18.14 9.99 -46.42
C LEU B 154 -17.85 8.52 -46.17
N PRO B 155 -16.60 8.07 -46.40
CA PRO B 155 -16.21 6.72 -45.98
C PRO B 155 -16.33 6.50 -44.46
N HIS B 156 -16.50 5.25 -44.09
CA HIS B 156 -16.15 4.72 -42.75
C HIS B 156 -14.86 3.91 -42.91
N PRO B 158 -11.80 4.31 -43.61
CA PRO B 158 -11.16 5.06 -42.48
C PRO B 158 -12.22 5.82 -41.66
N MET B 159 -12.11 5.81 -40.33
CA MET B 159 -13.09 6.46 -39.42
C MET B 159 -12.50 6.59 -38.01
N SER B 160 -12.69 7.74 -37.36
CA SER B 160 -12.51 7.95 -35.89
C SER B 160 -13.76 8.67 -35.33
N ILE B 161 -14.11 8.48 -34.06
CA ILE B 161 -15.46 8.87 -33.53
C ILE B 161 -15.33 9.63 -32.20
N TYR B 162 -16.00 10.77 -32.12
CA TYR B 162 -16.14 11.61 -30.91
C TYR B 162 -17.53 11.35 -30.37
N GLU B 163 -17.64 10.66 -29.25
CA GLU B 163 -18.92 10.41 -28.55
C GLU B 163 -19.22 11.62 -27.66
N MET B 164 -20.44 12.13 -27.73
CA MET B 164 -20.87 13.39 -27.08
C MET B 164 -22.32 13.27 -26.63
N HIS B 165 -22.68 13.97 -25.56
CA HIS B 165 -24.07 14.13 -25.07
C HIS B 165 -24.52 15.60 -25.28
N LEU B 166 -25.64 15.79 -25.97
CA LEU B 166 -26.09 17.10 -26.52
C LEU B 166 -26.00 18.21 -25.47
N SER B 167 -26.70 18.10 -24.33
CA SER B 167 -26.92 19.20 -23.36
C SER B 167 -25.67 19.40 -22.49
N THR B 168 -24.81 18.40 -22.34
CA THR B 168 -23.55 18.54 -21.56
C THR B 168 -22.44 19.14 -22.45
N PHE B 169 -22.49 18.90 -23.76
CA PHE B 169 -21.56 19.47 -24.77
C PHE B 169 -21.89 20.97 -24.98
N HIS B 170 -23.18 21.28 -25.20
CA HIS B 170 -23.70 22.66 -25.33
C HIS B 170 -25.23 22.68 -25.15
N ASP B 171 -25.71 23.22 -24.04
CA ASP B 171 -27.14 23.18 -23.66
C ASP B 171 -27.90 24.33 -24.35
N GLY B 172 -28.04 24.24 -25.66
CA GLY B 172 -28.81 25.20 -26.47
C GLY B 172 -29.43 24.55 -27.68
N ASN B 173 -29.57 25.31 -28.76
CA ASN B 173 -30.27 24.93 -30.00
C ASN B 173 -29.34 24.11 -30.91
N TYR B 174 -29.88 23.15 -31.65
CA TYR B 174 -29.11 22.29 -32.58
C TYR B 174 -28.21 23.14 -33.46
N ARG B 175 -28.68 24.31 -33.91
CA ARG B 175 -27.92 25.21 -34.81
C ARG B 175 -26.59 25.56 -34.11
N ASP B 176 -26.67 26.03 -32.85
CA ASP B 176 -25.53 26.37 -31.95
C ASP B 176 -24.66 25.13 -31.68
N ILE B 177 -25.27 24.00 -31.29
CA ILE B 177 -24.55 22.73 -30.99
C ILE B 177 -23.71 22.35 -32.21
N ALA B 178 -24.28 22.55 -33.40
CA ALA B 178 -23.66 22.17 -34.69
C ALA B 178 -22.46 23.08 -35.01
N HIS B 179 -22.52 24.37 -34.65
CA HIS B 179 -21.39 25.32 -34.83
C HIS B 179 -20.22 24.83 -33.95
N LYS B 180 -20.51 24.52 -32.68
CA LYS B 180 -19.52 24.06 -31.66
C LYS B 180 -18.95 22.68 -32.04
N ILE B 181 -19.72 21.79 -32.67
CA ILE B 181 -19.24 20.45 -33.15
C ILE B 181 -18.21 20.67 -34.26
N VAL B 182 -18.55 21.49 -35.23
CA VAL B 182 -17.73 21.73 -36.46
C VAL B 182 -16.50 22.54 -36.04
N ASP B 183 -16.68 23.56 -35.21
CA ASP B 183 -15.56 24.35 -34.64
C ASP B 183 -14.58 23.38 -33.92
N HIS B 184 -15.01 22.55 -32.98
CA HIS B 184 -14.10 21.67 -32.20
C HIS B 184 -13.57 20.50 -33.07
N MET B 185 -14.41 19.85 -33.89
CA MET B 185 -13.97 18.67 -34.68
C MET B 185 -13.04 19.09 -35.83
N SER B 186 -13.24 20.27 -36.38
CA SER B 186 -12.42 20.77 -37.52
C SER B 186 -10.96 20.75 -37.09
N TYR B 187 -10.69 21.14 -35.85
CA TYR B 187 -9.35 21.05 -35.23
C TYR B 187 -9.03 19.61 -34.78
N MET B 188 -9.92 18.94 -34.03
CA MET B 188 -9.63 17.62 -33.39
C MET B 188 -9.48 16.52 -34.47
N GLY B 189 -10.22 16.61 -35.57
CA GLY B 189 -9.99 15.78 -36.77
C GLY B 189 -10.78 14.47 -36.80
N PHE B 190 -11.70 14.25 -35.87
CA PHE B 190 -12.61 13.07 -35.92
C PHE B 190 -13.46 13.11 -37.19
N THR B 191 -13.54 12.01 -37.93
CA THR B 191 -14.33 11.88 -39.18
C THR B 191 -15.81 11.85 -38.85
N HIS B 192 -16.15 11.34 -37.69
CA HIS B 192 -17.56 11.14 -37.28
C HIS B 192 -17.76 11.60 -35.84
N VAL B 193 -19.00 12.00 -35.59
CA VAL B 193 -19.57 12.32 -34.25
C VAL B 193 -20.62 11.24 -33.90
N GLN B 194 -20.58 10.69 -32.68
CA GLN B 194 -21.58 9.74 -32.11
C GLN B 194 -22.39 10.50 -31.08
N ILE B 195 -23.61 10.91 -31.46
CA ILE B 195 -24.50 11.68 -30.58
C ILE B 195 -25.34 10.68 -29.78
N MET B 196 -25.22 10.74 -28.46
CA MET B 196 -26.07 9.98 -27.52
C MET B 196 -27.53 10.33 -27.81
N PRO B 197 -28.51 9.52 -27.33
CA PRO B 197 -29.81 9.46 -27.99
C PRO B 197 -30.46 10.82 -28.06
N PRO B 198 -30.71 11.35 -29.28
CA PRO B 198 -31.35 12.64 -29.48
C PRO B 198 -32.87 12.60 -29.74
N PHE B 199 -33.59 11.65 -29.14
CA PHE B 199 -35.05 11.48 -29.33
C PHE B 199 -35.82 12.06 -28.14
N GLN B 200 -37.06 12.44 -28.37
CA GLN B 200 -37.91 12.94 -27.25
C GLN B 200 -37.74 11.98 -26.07
N THR B 201 -37.51 12.51 -24.86
CA THR B 201 -37.56 11.72 -23.61
C THR B 201 -38.21 12.55 -22.52
N PRO B 202 -39.14 11.98 -21.75
CA PRO B 202 -39.72 12.69 -20.61
C PRO B 202 -38.79 12.79 -19.40
N ILE B 203 -37.68 12.05 -19.38
CA ILE B 203 -36.71 11.94 -18.24
C ILE B 203 -35.32 12.27 -18.80
N HIS B 204 -34.87 13.52 -18.64
CA HIS B 204 -33.56 14.01 -19.14
C HIS B 204 -32.41 13.19 -18.53
N GLN B 205 -32.61 12.75 -17.27
CA GLN B 205 -31.57 12.08 -16.45
C GLN B 205 -31.48 10.60 -16.84
N SER B 206 -32.33 10.11 -17.77
CA SER B 206 -32.16 8.79 -18.46
C SER B 206 -31.00 8.86 -19.47
N TRP B 207 -30.54 10.07 -19.82
CA TRP B 207 -29.52 10.36 -20.86
C TRP B 207 -30.13 10.17 -22.23
N GLY B 208 -31.46 9.99 -22.31
CA GLY B 208 -32.20 9.81 -23.57
C GLY B 208 -32.46 8.35 -23.92
N TYR B 209 -31.97 7.39 -23.14
CA TYR B 209 -32.18 5.95 -23.44
C TYR B 209 -33.62 5.53 -23.13
N LEU B 210 -34.40 6.34 -22.38
CA LEU B 210 -35.85 6.13 -22.12
C LEU B 210 -36.68 7.01 -23.07
N VAL B 211 -37.00 6.46 -24.25
CA VAL B 211 -37.58 7.20 -25.40
C VAL B 211 -39.11 7.20 -25.28
N GLY B 212 -39.71 8.38 -25.44
CA GLY B 212 -41.16 8.56 -25.55
C GLY B 212 -41.59 8.22 -26.96
N CYS B 213 -41.54 9.18 -27.88
CA CYS B 213 -41.90 8.97 -29.29
C CYS B 213 -40.64 8.66 -30.09
N PRO B 214 -40.41 7.38 -30.48
CA PRO B 214 -39.19 6.98 -31.17
C PRO B 214 -38.82 7.83 -32.40
N TYR B 215 -39.79 8.40 -33.11
CA TYR B 215 -39.57 9.12 -34.40
C TYR B 215 -39.31 10.60 -34.14
N ALA B 216 -39.53 11.06 -32.91
CA ALA B 216 -39.45 12.47 -32.49
C ALA B 216 -38.01 12.83 -32.09
N ILE B 217 -37.43 13.86 -32.72
CA ILE B 217 -36.21 14.53 -32.19
C ILE B 217 -36.56 15.25 -30.89
N TYR B 218 -35.62 15.27 -29.95
CA TYR B 218 -35.77 15.88 -28.60
C TYR B 218 -36.03 17.37 -28.82
N GLU B 219 -37.15 17.87 -28.28
CA GLU B 219 -37.61 19.29 -28.36
C GLU B 219 -36.75 20.20 -27.47
N ARG B 220 -36.05 19.66 -26.46
CA ARG B 220 -35.18 20.48 -25.56
C ARG B 220 -34.25 21.44 -26.33
N HIS B 221 -33.82 21.10 -27.56
CA HIS B 221 -32.79 21.81 -28.36
C HIS B 221 -33.38 22.30 -29.68
N GLY B 222 -34.70 22.48 -29.76
CA GLY B 222 -35.36 23.08 -30.95
C GLY B 222 -36.09 22.04 -31.76
N THR B 223 -36.22 22.28 -33.06
CA THR B 223 -37.16 21.59 -33.98
C THR B 223 -36.42 20.53 -34.81
N VAL B 224 -37.18 19.64 -35.44
CA VAL B 224 -36.58 18.61 -36.33
C VAL B 224 -35.76 19.33 -37.40
N ASP B 225 -36.12 20.56 -37.78
CA ASP B 225 -35.44 21.32 -38.87
C ASP B 225 -34.16 21.94 -38.29
N ASP B 226 -34.14 22.31 -37.02
CA ASP B 226 -32.90 22.69 -36.30
C ASP B 226 -31.91 21.51 -36.31
N PHE B 227 -32.43 20.30 -36.14
CA PHE B 227 -31.63 19.06 -36.14
C PHE B 227 -31.13 18.79 -37.56
N LYS B 228 -31.98 18.99 -38.56
CA LYS B 228 -31.58 18.80 -39.97
C LYS B 228 -30.46 19.77 -40.34
N TYR B 229 -30.51 20.99 -39.80
CA TYR B 229 -29.48 22.02 -40.02
C TYR B 229 -28.15 21.47 -39.50
N LEU B 230 -28.15 20.94 -38.26
CA LEU B 230 -26.98 20.32 -37.59
C LEU B 230 -26.38 19.21 -38.46
N VAL B 231 -27.21 18.31 -38.96
CA VAL B 231 -26.70 17.21 -39.82
C VAL B 231 -26.03 17.89 -41.01
N ASN B 232 -26.70 18.90 -41.56
CA ASN B 232 -26.34 19.51 -42.88
C ASN B 232 -25.06 20.33 -42.68
N HIS B 233 -24.95 21.04 -41.56
CA HIS B 233 -23.74 21.82 -41.19
C HIS B 233 -22.56 20.85 -41.05
N CYS B 234 -22.72 19.74 -40.31
CA CYS B 234 -21.66 18.71 -40.11
C CYS B 234 -21.18 18.17 -41.47
N HIS B 235 -22.11 17.91 -42.38
CA HIS B 235 -21.81 17.31 -43.71
C HIS B 235 -21.04 18.30 -44.58
N ALA B 236 -21.43 19.58 -44.55
CA ALA B 236 -20.79 20.70 -45.30
C ALA B 236 -19.31 20.84 -44.91
N HIS B 237 -18.92 20.37 -43.71
CA HIS B 237 -17.52 20.41 -43.18
C HIS B 237 -16.94 19.02 -43.02
N GLY B 238 -17.49 18.02 -43.74
CA GLY B 238 -16.90 16.68 -43.90
C GLY B 238 -17.06 15.78 -42.68
N ILE B 239 -17.98 16.11 -41.76
CA ILE B 239 -18.23 15.36 -40.50
C ILE B 239 -19.45 14.44 -40.66
N GLY B 240 -19.29 13.15 -40.41
CA GLY B 240 -20.41 12.19 -40.36
C GLY B 240 -21.21 12.36 -39.08
N VAL B 241 -22.48 11.95 -39.08
CA VAL B 241 -23.29 11.97 -37.83
C VAL B 241 -23.88 10.58 -37.61
N ILE B 242 -23.52 9.98 -36.47
CA ILE B 242 -24.08 8.69 -35.99
C ILE B 242 -24.87 9.04 -34.74
N VAL B 243 -26.04 8.43 -34.56
CA VAL B 243 -26.91 8.69 -33.36
C VAL B 243 -27.15 7.35 -32.65
N ASP B 244 -27.25 7.38 -31.31
CA ASP B 244 -27.76 6.26 -30.49
C ASP B 244 -29.26 6.11 -30.69
N VAL B 245 -29.72 4.91 -31.06
CA VAL B 245 -31.15 4.51 -31.21
C VAL B 245 -31.45 3.43 -30.17
N PRO B 246 -32.19 3.73 -29.08
CA PRO B 246 -32.70 2.70 -28.17
C PRO B 246 -33.78 1.84 -28.82
N LEU B 247 -33.39 1.03 -29.81
CA LEU B 247 -34.31 0.31 -30.73
C LEU B 247 -35.02 -0.85 -30.01
N GLY B 248 -34.54 -1.29 -28.83
CA GLY B 248 -35.07 -2.46 -28.12
C GLY B 248 -36.29 -2.13 -27.26
N PHE B 249 -36.42 -0.90 -26.79
CA PHE B 249 -37.49 -0.59 -25.81
C PHE B 249 -37.81 0.89 -25.83
N GLY B 250 -38.84 1.24 -25.07
CA GLY B 250 -39.33 2.61 -24.87
C GLY B 250 -39.63 2.88 -23.41
N VAL B 251 -39.73 4.14 -23.05
CA VAL B 251 -40.24 4.55 -21.72
C VAL B 251 -41.63 3.92 -21.53
N GLN B 252 -42.06 3.77 -20.27
CA GLN B 252 -43.36 3.19 -19.85
C GLN B 252 -44.53 4.19 -19.99
N ASP B 253 -44.25 5.51 -19.98
CA ASP B 253 -45.27 6.60 -19.86
C ASP B 253 -46.28 6.53 -21.02
N TRP B 254 -47.57 6.72 -20.75
CA TRP B 254 -48.66 6.65 -21.75
C TRP B 254 -48.78 7.98 -22.52
N ASP B 255 -48.73 9.12 -21.82
CA ASP B 255 -48.85 10.50 -22.41
C ASP B 255 -47.93 10.68 -23.63
N CYS B 256 -46.61 10.46 -23.52
CA CYS B 256 -45.65 10.74 -24.63
C CYS B 256 -45.31 9.44 -25.36
N GLY B 257 -45.69 8.30 -24.80
CA GLY B 257 -45.10 7.00 -25.15
C GLY B 257 -46.04 6.15 -25.99
N LEU B 258 -45.67 4.89 -26.22
CA LEU B 258 -46.36 3.93 -27.10
C LEU B 258 -47.08 2.81 -26.32
N ALA B 259 -46.80 2.62 -25.03
CA ALA B 259 -47.37 1.52 -24.19
C ALA B 259 -48.91 1.64 -24.15
N ASN B 260 -49.61 0.51 -24.30
CA ASN B 260 -51.07 0.39 -24.06
C ASN B 260 -51.85 1.25 -25.07
N TYR B 261 -51.34 1.36 -26.31
CA TYR B 261 -51.73 2.45 -27.24
C TYR B 261 -53.25 2.39 -27.51
N ASP B 262 -53.75 1.27 -28.01
CA ASP B 262 -55.18 1.09 -28.40
C ASP B 262 -55.96 0.37 -27.29
N GLY B 263 -55.45 0.37 -26.05
CA GLY B 263 -56.05 -0.36 -24.91
C GLY B 263 -55.32 -1.67 -24.59
N THR B 264 -54.42 -2.09 -25.47
CA THR B 264 -53.73 -3.40 -25.43
C THR B 264 -52.22 -3.23 -25.65
N ASP B 265 -51.45 -4.28 -25.42
CA ASP B 265 -50.04 -4.31 -25.86
C ASP B 265 -49.96 -4.41 -27.40
N LEU B 266 -50.15 -3.28 -28.07
CA LEU B 266 -49.91 -3.14 -29.54
C LEU B 266 -48.40 -3.19 -29.83
N TYR B 267 -47.62 -2.26 -29.27
CA TYR B 267 -46.16 -2.12 -29.61
C TYR B 267 -45.27 -3.09 -28.84
N HIS B 268 -45.68 -3.49 -27.63
CA HIS B 268 -44.82 -4.24 -26.67
C HIS B 268 -45.37 -5.64 -26.40
N HIS B 269 -44.48 -6.52 -25.93
CA HIS B 269 -44.89 -7.87 -25.47
C HIS B 269 -45.81 -7.70 -24.25
N SER B 270 -46.72 -8.66 -24.08
CA SER B 270 -47.57 -8.87 -22.89
C SER B 270 -46.74 -9.51 -21.79
N GLY B 271 -47.10 -9.26 -20.54
CA GLY B 271 -46.47 -9.94 -19.40
C GLY B 271 -45.06 -9.46 -19.16
N SER B 272 -44.30 -10.22 -18.40
CA SER B 272 -42.95 -9.87 -17.89
C SER B 272 -41.97 -9.80 -19.07
N ARG B 273 -42.31 -10.48 -20.16
CA ARG B 273 -41.60 -10.43 -21.46
C ARG B 273 -41.57 -9.01 -22.03
N GLY B 274 -42.58 -8.19 -21.73
CA GLY B 274 -42.71 -6.83 -22.26
C GLY B 274 -42.09 -5.79 -21.35
N TRP B 275 -41.41 -6.21 -20.29
CA TRP B 275 -40.71 -5.27 -19.37
C TRP B 275 -39.24 -5.67 -19.35
N ASN B 276 -38.37 -4.67 -19.50
CA ASN B 276 -36.92 -4.80 -19.20
C ASN B 276 -36.75 -4.20 -17.81
N ASN B 277 -36.52 -5.07 -16.82
CA ASN B 277 -36.50 -4.71 -15.38
C ASN B 277 -35.17 -4.03 -15.02
N GLN B 278 -34.18 -4.00 -15.91
CA GLN B 278 -32.90 -3.26 -15.69
C GLN B 278 -33.11 -1.76 -15.89
N TRP B 279 -34.03 -1.35 -16.78
CA TRP B 279 -34.33 0.06 -17.11
C TRP B 279 -35.77 0.43 -16.77
N ASN B 280 -36.61 -0.52 -16.39
CA ASN B 280 -38.07 -0.30 -16.24
C ASN B 280 -38.63 0.30 -17.53
N SER B 281 -38.34 -0.37 -18.64
CA SER B 281 -38.73 0.00 -20.01
C SER B 281 -39.65 -1.07 -20.61
N ARG B 282 -40.38 -0.71 -21.67
CA ARG B 282 -41.28 -1.62 -22.42
C ARG B 282 -40.54 -2.16 -23.67
N ILE B 283 -40.54 -3.48 -23.84
CA ILE B 283 -39.79 -4.21 -24.90
C ILE B 283 -40.71 -4.44 -26.10
N TYR B 284 -40.25 -4.13 -27.31
CA TYR B 284 -41.10 -4.11 -28.53
C TYR B 284 -41.44 -5.55 -28.92
N ASN B 285 -42.63 -5.75 -29.50
CA ASN B 285 -43.04 -7.04 -30.08
C ASN B 285 -42.57 -7.08 -31.53
N VAL B 286 -41.29 -7.34 -31.73
CA VAL B 286 -40.65 -7.43 -33.07
C VAL B 286 -41.27 -8.60 -33.85
N GLY B 287 -41.97 -9.50 -33.16
CA GLY B 287 -42.81 -10.55 -33.76
C GLY B 287 -43.95 -9.98 -34.58
N ASP B 288 -44.60 -8.90 -34.13
CA ASP B 288 -45.66 -8.21 -34.90
C ASP B 288 -45.05 -7.49 -36.13
N THR B 289 -45.57 -7.80 -37.32
CA THR B 289 -45.16 -7.27 -38.63
C THR B 289 -45.13 -5.73 -38.61
N TYR B 290 -46.17 -5.08 -38.11
CA TYR B 290 -46.24 -3.59 -38.12
C TYR B 290 -45.17 -3.02 -37.17
N VAL B 291 -45.00 -3.63 -35.99
CA VAL B 291 -43.95 -3.17 -35.02
C VAL B 291 -42.58 -3.38 -35.69
N LYS B 292 -42.38 -4.51 -36.34
CA LYS B 292 -41.12 -4.81 -37.05
C LYS B 292 -40.85 -3.71 -38.07
N ASN B 293 -41.86 -3.39 -38.88
CA ASN B 293 -41.77 -2.35 -39.94
C ASN B 293 -41.54 -0.99 -39.25
N TYR B 294 -42.11 -0.78 -38.08
CA TYR B 294 -42.08 0.56 -37.42
C TYR B 294 -40.62 0.90 -37.05
N LEU B 295 -39.88 -0.11 -36.54
CA LEU B 295 -38.54 0.07 -35.94
C LEU B 295 -37.45 0.03 -37.03
N ILE B 296 -37.53 -0.90 -38.00
CA ILE B 296 -36.64 -0.87 -39.20
C ILE B 296 -36.87 0.46 -39.93
N GLY B 297 -38.12 0.95 -39.97
CA GLY B 297 -38.53 2.19 -40.65
C GLY B 297 -37.91 3.43 -40.02
N LEU B 298 -37.65 3.37 -38.73
CA LEU B 298 -36.97 4.47 -38.03
C LEU B 298 -35.54 4.65 -38.61
N CYS B 299 -34.80 3.58 -38.88
CA CYS B 299 -33.41 3.67 -39.38
C CYS B 299 -33.44 4.20 -40.82
N THR B 300 -34.31 3.66 -41.67
CA THR B 300 -34.62 4.18 -43.03
C THR B 300 -34.96 5.69 -42.97
N TYR B 301 -35.81 6.11 -42.03
CA TYR B 301 -36.22 7.52 -41.82
C TYR B 301 -35.03 8.39 -41.39
N LEU B 302 -34.18 7.90 -40.47
CA LEU B 302 -32.98 8.64 -39.98
C LEU B 302 -32.11 9.01 -41.19
N TYR B 303 -31.89 8.06 -42.09
CA TYR B 303 -31.07 8.28 -43.30
C TYR B 303 -31.79 9.23 -44.27
N HIS B 304 -32.97 8.83 -44.76
CA HIS B 304 -33.67 9.49 -45.90
C HIS B 304 -34.31 10.84 -45.51
N GLU B 305 -34.73 11.03 -44.26
CA GLU B 305 -35.42 12.27 -43.81
C GLU B 305 -34.51 13.15 -42.94
N LEU B 306 -33.57 12.55 -42.19
CA LEU B 306 -32.72 13.31 -41.24
C LEU B 306 -31.26 13.33 -41.71
N GLY B 307 -30.92 12.63 -42.78
CA GLY B 307 -29.57 12.67 -43.38
C GLY B 307 -28.51 11.90 -42.61
N ILE B 308 -28.87 11.28 -41.48
CA ILE B 308 -27.94 10.65 -40.51
C ILE B 308 -27.25 9.48 -41.19
N ASP B 309 -25.96 9.33 -40.91
CA ASP B 309 -25.04 8.44 -41.67
C ASP B 309 -25.03 7.07 -41.00
N GLY B 310 -25.38 7.00 -39.71
CA GLY B 310 -25.40 5.71 -39.01
C GLY B 310 -26.10 5.72 -37.66
N ALA B 311 -26.33 4.52 -37.14
CA ALA B 311 -26.92 4.30 -35.82
C ALA B 311 -26.05 3.32 -35.05
N ARG B 312 -25.84 3.63 -33.79
CA ARG B 312 -25.44 2.65 -32.76
C ARG B 312 -26.76 2.14 -32.15
N ILE B 313 -27.08 0.88 -32.39
CA ILE B 313 -28.25 0.21 -31.76
C ILE B 313 -27.79 -0.13 -30.36
N ASP B 314 -28.48 0.42 -29.36
CA ASP B 314 -28.15 0.34 -27.92
C ASP B 314 -28.70 -0.95 -27.30
N ALA B 315 -27.98 -1.57 -26.36
CA ALA B 315 -28.43 -2.71 -25.52
C ALA B 315 -28.85 -3.88 -26.42
N VAL B 316 -27.99 -4.28 -27.35
CA VAL B 316 -28.21 -5.40 -28.31
C VAL B 316 -28.31 -6.75 -27.57
N ALA B 317 -27.50 -6.93 -26.52
CA ALA B 317 -27.45 -8.17 -25.71
C ALA B 317 -28.85 -8.48 -25.16
N SER B 318 -29.53 -7.46 -24.63
CA SER B 318 -30.90 -7.55 -24.07
C SER B 318 -31.93 -7.84 -25.17
N GLN B 319 -31.69 -7.44 -26.41
CA GLN B 319 -32.65 -7.68 -27.53
C GLN B 319 -32.56 -9.13 -27.98
N ILE B 320 -31.38 -9.76 -27.85
CA ILE B 320 -31.12 -11.12 -28.40
C ILE B 320 -30.95 -12.15 -27.28
N PHE B 321 -31.01 -11.76 -26.00
CA PHE B 321 -30.83 -12.73 -24.88
C PHE B 321 -31.90 -12.50 -23.82
N PHE B 322 -32.55 -13.59 -23.37
CA PHE B 322 -33.56 -13.52 -22.28
C PHE B 322 -32.85 -13.31 -20.94
N ASP B 323 -31.60 -13.77 -20.79
CA ASP B 323 -30.92 -13.94 -19.46
C ASP B 323 -29.83 -12.90 -19.24
N TYR B 324 -29.73 -11.84 -20.06
CA TYR B 324 -28.63 -10.83 -20.01
C TYR B 324 -29.16 -9.39 -20.20
N ASP B 325 -28.83 -8.50 -19.26
CA ASP B 325 -29.12 -7.04 -19.32
C ASP B 325 -30.64 -6.82 -19.30
N ARG B 326 -31.37 -7.67 -18.58
CA ARG B 326 -32.84 -7.48 -18.40
C ARG B 326 -33.20 -7.50 -16.91
N GLY B 327 -32.22 -7.28 -16.02
CA GLY B 327 -32.37 -7.37 -14.56
C GLY B 327 -32.75 -8.77 -14.14
N PHE B 328 -33.59 -8.90 -13.10
CA PHE B 328 -34.18 -10.17 -12.59
C PHE B 328 -35.64 -10.32 -13.06
N TRP B 329 -35.99 -11.50 -13.58
CA TRP B 329 -37.37 -11.86 -13.99
C TRP B 329 -37.48 -13.36 -14.26
N ASP B 330 -38.69 -13.86 -14.25
CA ASP B 330 -39.06 -15.28 -14.48
C ASP B 330 -38.76 -15.66 -15.93
N TRP B 331 -37.51 -15.57 -16.40
CA TRP B 331 -37.22 -15.66 -17.86
C TRP B 331 -37.38 -17.10 -18.36
N PRO B 332 -37.99 -17.30 -19.54
CA PRO B 332 -38.34 -18.64 -20.02
C PRO B 332 -37.24 -19.36 -20.81
N ARG B 333 -36.68 -20.45 -20.29
CA ARG B 333 -35.77 -21.31 -21.11
C ARG B 333 -36.52 -21.71 -22.39
N ASN B 334 -35.83 -21.77 -23.52
CA ASN B 334 -36.46 -22.11 -24.81
C ASN B 334 -36.74 -23.62 -24.82
N ASP B 335 -37.92 -23.98 -25.31
CA ASP B 335 -38.20 -25.32 -25.86
C ASP B 335 -37.55 -25.31 -27.24
N ARG B 336 -36.36 -25.89 -27.36
CA ARG B 336 -35.61 -25.94 -28.61
C ARG B 336 -36.29 -26.90 -29.61
N GLU B 337 -37.30 -27.67 -29.20
CA GLU B 337 -38.11 -28.48 -30.16
C GLU B 337 -38.78 -27.49 -31.13
N GLN B 338 -39.14 -26.28 -30.66
CA GLN B 338 -39.95 -25.31 -31.43
C GLN B 338 -39.07 -24.35 -32.24
N VAL B 339 -37.75 -24.36 -32.08
CA VAL B 339 -36.82 -23.49 -32.86
C VAL B 339 -36.83 -23.94 -34.32
N GLU B 340 -36.83 -23.02 -35.27
CA GLU B 340 -36.95 -23.31 -36.73
C GLU B 340 -35.57 -23.52 -37.37
N LEU B 341 -35.50 -24.26 -38.46
CA LEU B 341 -34.21 -24.55 -39.14
C LEU B 341 -33.47 -23.22 -39.41
N GLU B 342 -34.18 -22.21 -39.92
CA GLU B 342 -33.58 -20.91 -40.32
C GLU B 342 -32.84 -20.28 -39.12
N ASN B 343 -33.29 -20.52 -37.88
CA ASN B 343 -32.77 -19.85 -36.66
C ASN B 343 -31.57 -20.63 -36.09
N TRP B 344 -31.53 -21.95 -36.28
CA TRP B 344 -30.36 -22.80 -35.94
C TRP B 344 -29.20 -22.41 -36.84
N GLU B 345 -29.50 -22.17 -38.11
CA GLU B 345 -28.53 -21.85 -39.19
C GLU B 345 -27.94 -20.48 -38.87
N LEU B 346 -28.76 -19.52 -38.45
CA LEU B 346 -28.29 -18.17 -38.01
C LEU B 346 -27.50 -18.31 -36.71
N PHE B 347 -28.02 -19.08 -35.76
CA PHE B 347 -27.36 -19.30 -34.44
C PHE B 347 -25.96 -19.88 -34.66
N ASN B 348 -25.83 -20.93 -35.48
CA ASN B 348 -24.52 -21.59 -35.70
C ASN B 348 -23.63 -20.60 -36.45
N ASN B 349 -24.15 -19.92 -37.46
CA ASN B 349 -23.34 -19.00 -38.34
C ASN B 349 -22.70 -17.91 -37.49
N LEU B 350 -23.41 -17.45 -36.46
CA LEU B 350 -22.92 -16.45 -35.49
C LEU B 350 -21.78 -17.00 -34.63
N GLY B 351 -21.57 -18.32 -34.60
CA GLY B 351 -20.58 -18.95 -33.71
C GLY B 351 -21.14 -20.10 -32.89
N GLY B 352 -22.46 -20.26 -32.80
CA GLY B 352 -23.10 -21.45 -32.21
C GLY B 352 -23.05 -21.48 -30.69
N ASP B 353 -23.29 -22.65 -30.12
CA ASP B 353 -23.70 -22.79 -28.70
C ASP B 353 -22.48 -22.72 -27.77
N ARG B 354 -22.75 -22.36 -26.51
CA ARG B 354 -21.77 -22.22 -25.40
C ARG B 354 -22.47 -22.71 -24.12
N TYR B 355 -21.77 -23.50 -23.31
CA TYR B 355 -22.33 -24.05 -22.07
C TYR B 355 -21.85 -23.18 -20.91
N PHE B 356 -22.79 -22.84 -20.03
CA PHE B 356 -22.58 -22.04 -18.80
C PHE B 356 -22.69 -23.01 -17.62
N GLU B 357 -21.54 -23.34 -17.01
CA GLU B 357 -21.39 -24.38 -15.95
C GLU B 357 -22.09 -23.95 -14.65
N GLU B 358 -21.69 -22.81 -14.10
CA GLU B 358 -22.24 -22.19 -12.87
C GLU B 358 -23.78 -22.27 -12.91
N ARG B 359 -24.41 -21.93 -14.04
CA ARG B 359 -25.88 -21.77 -14.18
C ARG B 359 -26.52 -23.06 -14.71
N GLY B 360 -25.78 -23.83 -15.51
CA GLY B 360 -26.15 -25.19 -15.92
C GLY B 360 -27.14 -25.22 -17.08
N TYR B 361 -26.99 -24.32 -18.05
CA TYR B 361 -27.74 -24.37 -19.33
C TYR B 361 -26.86 -23.88 -20.47
N TRP B 362 -27.33 -24.13 -21.70
CA TRP B 362 -26.73 -23.64 -22.96
C TRP B 362 -27.31 -22.28 -23.36
N LEU B 363 -26.49 -21.50 -24.07
CA LEU B 363 -26.87 -20.23 -24.74
C LEU B 363 -28.14 -20.42 -25.58
N SER B 364 -28.25 -21.53 -26.31
CA SER B 364 -29.39 -21.85 -27.20
C SER B 364 -30.69 -21.89 -26.41
N GLU B 365 -30.61 -22.06 -25.08
CA GLU B 365 -31.78 -22.05 -24.15
C GLU B 365 -32.17 -20.61 -23.76
N ALA B 366 -31.28 -19.63 -23.96
CA ALA B 366 -31.41 -18.26 -23.41
C ALA B 366 -31.59 -17.21 -24.53
N VAL B 367 -31.27 -17.54 -25.78
CA VAL B 367 -31.37 -16.63 -26.95
C VAL B 367 -32.84 -16.25 -27.21
N ASP B 368 -33.14 -14.96 -27.27
CA ASP B 368 -34.39 -14.39 -27.82
C ASP B 368 -34.28 -14.49 -29.36
N PHE B 369 -34.61 -15.67 -29.90
CA PHE B 369 -34.43 -16.01 -31.33
C PHE B 369 -35.17 -14.98 -32.20
N ALA B 370 -36.31 -14.47 -31.72
CA ALA B 370 -37.10 -13.40 -32.41
C ALA B 370 -36.28 -12.12 -32.48
N GLY B 371 -35.62 -11.74 -31.37
CA GLY B 371 -34.71 -10.57 -31.32
C GLY B 371 -33.62 -10.71 -32.36
N LEU B 372 -32.94 -11.84 -32.36
CA LEU B 372 -31.78 -12.17 -33.22
C LEU B 372 -32.25 -12.12 -34.68
N ARG B 373 -33.38 -12.74 -34.97
CA ARG B 373 -33.95 -12.76 -36.34
C ARG B 373 -34.33 -11.32 -36.74
N PHE B 374 -34.89 -10.54 -35.81
CA PHE B 374 -35.29 -9.14 -36.08
C PHE B 374 -34.06 -8.27 -36.42
N LEU B 375 -32.91 -8.44 -35.74
CA LEU B 375 -31.71 -7.59 -36.02
C LEU B 375 -31.13 -7.94 -37.39
N ARG B 376 -31.18 -9.21 -37.79
CA ARG B 376 -30.73 -9.67 -39.11
C ARG B 376 -31.69 -9.09 -40.16
N ASP B 377 -32.98 -9.12 -39.90
CA ASP B 377 -34.02 -8.60 -40.83
C ASP B 377 -33.83 -7.09 -40.99
N LEU B 378 -33.38 -6.39 -39.94
CA LEU B 378 -33.13 -4.92 -39.98
C LEU B 378 -32.05 -4.62 -41.02
N HIS B 379 -30.89 -5.29 -40.92
CA HIS B 379 -29.75 -5.11 -41.84
C HIS B 379 -30.10 -5.61 -43.25
N ALA B 380 -30.96 -6.62 -43.40
CA ALA B 380 -31.36 -7.16 -44.72
C ALA B 380 -32.19 -6.11 -45.46
N ARG B 381 -33.13 -5.45 -44.76
CA ARG B 381 -33.99 -4.40 -45.32
C ARG B 381 -33.17 -3.10 -45.54
N LEU B 382 -32.23 -2.74 -44.66
CA LEU B 382 -31.42 -1.49 -44.80
C LEU B 382 -30.51 -1.60 -46.03
N GLN B 383 -30.09 -2.80 -46.44
CA GLN B 383 -29.30 -3.03 -47.68
C GLN B 383 -30.11 -2.56 -48.91
N HIS B 384 -31.44 -2.65 -48.86
CA HIS B 384 -32.37 -2.19 -49.94
C HIS B 384 -32.72 -0.72 -49.72
N THR B 385 -33.11 -0.33 -48.51
CA THR B 385 -33.72 1.00 -48.25
C THR B 385 -32.69 2.10 -47.95
N ALA B 386 -31.46 1.77 -47.56
CA ALA B 386 -30.44 2.77 -47.18
C ALA B 386 -29.06 2.12 -47.12
N PRO B 387 -28.57 1.59 -48.26
CA PRO B 387 -27.36 0.74 -48.26
C PRO B 387 -26.10 1.39 -47.67
N LYS B 388 -26.00 2.72 -47.69
CA LYS B 388 -24.78 3.47 -47.26
C LYS B 388 -24.81 3.66 -45.75
N PHE B 389 -25.98 3.50 -45.13
CA PHE B 389 -26.22 3.71 -43.66
C PHE B 389 -25.40 2.67 -42.90
N ILE B 390 -24.69 3.11 -41.85
CA ILE B 390 -23.84 2.17 -41.09
C ILE B 390 -24.49 1.96 -39.73
N THR B 391 -24.28 0.78 -39.17
CA THR B 391 -24.78 0.41 -37.82
C THR B 391 -23.59 0.00 -36.97
N ILE B 392 -23.67 0.36 -35.70
CA ILE B 392 -22.71 -0.11 -34.67
C ILE B 392 -23.49 -0.92 -33.64
N ALA B 393 -23.08 -2.15 -33.38
CA ALA B 393 -23.64 -2.96 -32.28
C ALA B 393 -23.06 -2.48 -30.96
N GLU B 394 -23.92 -2.03 -30.05
CA GLU B 394 -23.59 -1.89 -28.61
C GLU B 394 -24.01 -3.19 -27.90
N GLU B 395 -23.10 -4.15 -27.82
CA GLU B 395 -23.44 -5.57 -27.53
C GLU B 395 -22.40 -6.11 -26.53
N SER B 396 -22.79 -6.24 -25.26
CA SER B 396 -21.85 -6.29 -24.11
C SER B 396 -21.42 -7.73 -23.81
N ARG B 397 -22.12 -8.75 -24.32
CA ARG B 397 -21.87 -10.15 -23.93
C ARG B 397 -20.80 -10.75 -24.82
N ARG B 398 -20.79 -10.40 -26.10
CA ARG B 398 -19.64 -10.71 -26.98
C ARG B 398 -19.41 -12.22 -27.03
N VAL B 399 -20.46 -13.06 -27.08
CA VAL B 399 -20.33 -14.54 -27.15
C VAL B 399 -20.61 -15.07 -28.57
N PHE B 400 -20.91 -14.17 -29.51
CA PHE B 400 -21.09 -14.47 -30.96
C PHE B 400 -19.96 -13.80 -31.75
N PRO B 401 -18.88 -14.53 -32.10
CA PRO B 401 -17.75 -13.92 -32.80
C PRO B 401 -18.10 -13.32 -34.18
N LYS B 402 -19.26 -13.61 -34.75
CA LYS B 402 -19.64 -13.11 -36.09
C LYS B 402 -20.94 -12.30 -35.99
N LEU B 403 -21.18 -11.62 -34.87
CA LEU B 403 -22.39 -10.79 -34.72
C LEU B 403 -22.36 -9.66 -35.76
N ALA B 404 -21.27 -8.89 -35.80
CA ALA B 404 -21.08 -7.74 -36.72
C ALA B 404 -20.34 -8.20 -37.96
N CYS B 405 -20.99 -9.12 -38.69
CA CYS B 405 -20.59 -9.57 -40.04
C CYS B 405 -21.81 -9.41 -40.94
N PRO B 406 -21.59 -9.31 -42.26
CA PRO B 406 -22.70 -9.11 -43.19
C PRO B 406 -23.63 -10.32 -43.10
N VAL B 407 -24.89 -10.12 -43.50
CA VAL B 407 -25.95 -11.14 -43.46
C VAL B 407 -25.54 -12.35 -44.32
N ASP B 408 -25.05 -12.07 -45.54
CA ASP B 408 -24.70 -13.12 -46.51
C ASP B 408 -23.34 -13.75 -46.13
N GLU B 409 -22.79 -13.42 -44.95
CA GLU B 409 -21.56 -14.10 -44.44
C GLU B 409 -21.83 -14.78 -43.10
N GLY B 410 -23.10 -14.86 -42.68
CA GLY B 410 -23.51 -15.51 -41.41
C GLY B 410 -23.60 -14.57 -40.21
N GLY B 411 -23.77 -13.26 -40.42
CA GLY B 411 -23.83 -12.25 -39.34
C GLY B 411 -25.23 -11.67 -39.16
N LEU B 412 -25.38 -10.78 -38.17
CA LEU B 412 -26.59 -9.96 -37.97
C LEU B 412 -26.58 -8.80 -38.98
N GLY B 413 -25.41 -8.44 -39.52
CA GLY B 413 -25.30 -7.40 -40.53
C GLY B 413 -24.79 -6.07 -39.99
N PHE B 414 -24.52 -5.97 -38.68
CA PHE B 414 -23.93 -4.74 -38.10
C PHE B 414 -22.59 -4.46 -38.80
N THR B 415 -22.41 -3.24 -39.29
CA THR B 415 -21.17 -2.75 -39.93
C THR B 415 -20.02 -2.90 -38.91
N TYR B 416 -20.30 -2.59 -37.66
CA TYR B 416 -19.31 -2.59 -36.57
C TYR B 416 -19.95 -3.18 -35.33
N ALA B 417 -19.10 -3.78 -34.49
CA ALA B 417 -19.34 -4.05 -33.06
C ALA B 417 -18.48 -3.09 -32.25
N GLN B 418 -18.99 -2.62 -31.11
CA GLN B 418 -18.21 -1.86 -30.10
C GLN B 418 -17.32 -2.82 -29.30
N ASN B 419 -16.12 -2.39 -28.90
CA ASN B 419 -15.13 -3.22 -28.16
C ASN B 419 -15.46 -3.30 -26.66
N MET B 420 -16.71 -3.60 -26.32
CA MET B 420 -17.21 -3.59 -24.91
C MET B 420 -16.45 -4.65 -24.11
N GLY B 421 -16.03 -4.29 -22.88
CA GLY B 421 -15.22 -5.17 -22.02
C GLY B 421 -13.76 -5.28 -22.46
N GLU B 422 -13.34 -4.61 -23.54
CA GLU B 422 -11.93 -4.72 -24.03
C GLU B 422 -11.04 -3.79 -23.18
N MET B 423 -11.47 -2.56 -22.87
CA MET B 423 -10.58 -1.61 -22.15
C MET B 423 -10.38 -2.09 -20.71
N HIS B 424 -11.42 -2.61 -20.07
CA HIS B 424 -11.30 -3.21 -18.72
C HIS B 424 -10.14 -4.23 -18.70
N ARG B 425 -10.06 -5.08 -19.72
CA ARG B 425 -9.00 -6.12 -19.82
C ARG B 425 -7.64 -5.43 -19.99
N ILE B 426 -7.55 -4.51 -20.96
CA ILE B 426 -6.29 -3.75 -21.24
C ILE B 426 -5.89 -2.94 -19.98
N ARG B 427 -6.83 -2.28 -19.32
CA ARG B 427 -6.53 -1.48 -18.09
C ARG B 427 -6.09 -2.40 -16.94
N SER B 428 -6.55 -3.64 -16.90
CA SER B 428 -6.12 -4.68 -15.92
C SER B 428 -4.66 -5.04 -16.18
N TYR B 429 -4.37 -5.50 -17.38
CA TYR B 429 -2.98 -5.75 -17.84
C TYR B 429 -2.10 -4.56 -17.42
N LEU B 430 -2.57 -3.31 -17.61
CA LEU B 430 -1.70 -2.14 -17.37
C LEU B 430 -1.43 -1.95 -15.87
N GLN B 431 -2.35 -2.37 -14.99
CA GLN B 431 -2.17 -2.24 -13.52
C GLN B 431 -1.22 -3.33 -12.96
N ILE B 432 -0.89 -4.36 -13.74
CA ILE B 432 0.10 -5.39 -13.34
C ILE B 432 1.49 -4.73 -13.33
N PRO B 433 2.26 -4.79 -12.23
CA PRO B 433 3.61 -4.21 -12.22
C PRO B 433 4.46 -4.85 -13.34
N ILE B 434 5.20 -4.00 -14.06
CA ILE B 434 5.99 -4.37 -15.28
C ILE B 434 6.79 -5.68 -15.08
N GLU B 435 7.40 -5.94 -13.92
CA GLU B 435 8.29 -7.11 -13.72
C GLU B 435 7.53 -8.43 -13.96
N HIS B 436 6.27 -8.50 -13.50
CA HIS B 436 5.43 -9.73 -13.50
C HIS B 436 4.52 -9.77 -14.75
N ARG B 437 4.63 -8.80 -15.65
CA ARG B 437 3.76 -8.59 -16.84
C ARG B 437 4.32 -9.40 -18.01
N LEU B 438 3.49 -10.17 -18.73
CA LEU B 438 3.91 -10.86 -19.98
C LEU B 438 3.34 -10.08 -21.16
N ILE B 439 4.21 -9.44 -21.94
CA ILE B 439 3.85 -8.68 -23.16
C ILE B 439 2.87 -9.50 -24.00
N GLU B 440 3.07 -10.81 -24.12
CA GLU B 440 2.17 -11.75 -24.84
C GLU B 440 0.70 -11.52 -24.44
N HIS B 441 0.45 -11.04 -23.22
CA HIS B 441 -0.91 -10.85 -22.65
C HIS B 441 -1.66 -9.73 -23.42
N ILE B 442 -1.04 -8.55 -23.60
CA ILE B 442 -1.57 -7.43 -24.44
C ILE B 442 -1.50 -7.86 -25.92
N GLU B 443 -0.45 -8.61 -26.29
CA GLU B 443 -0.26 -9.04 -27.69
C GLU B 443 -1.44 -9.91 -28.12
N ILE B 444 -2.00 -10.70 -27.20
CA ILE B 444 -3.08 -11.66 -27.58
C ILE B 444 -4.40 -10.88 -27.73
N LEU B 445 -4.58 -9.80 -26.94
CA LEU B 445 -5.78 -8.91 -27.06
C LEU B 445 -5.80 -8.23 -28.43
N ILE B 446 -4.66 -7.70 -28.89
CA ILE B 446 -4.54 -6.90 -30.14
C ILE B 446 -4.70 -7.82 -31.35
N HIS B 447 -3.98 -8.94 -31.36
CA HIS B 447 -4.04 -10.01 -32.39
C HIS B 447 -5.11 -11.03 -32.00
N ASN B 448 -6.36 -10.57 -31.92
CA ASN B 448 -7.53 -11.30 -31.38
C ASN B 448 -8.18 -12.12 -32.49
N ASN B 449 -7.71 -12.00 -33.73
CA ASN B 449 -8.28 -12.71 -34.90
C ASN B 449 -9.80 -12.47 -34.95
N SER B 450 -10.24 -11.24 -34.69
CA SER B 450 -11.66 -10.82 -34.74
C SER B 450 -12.19 -11.01 -36.15
N ALA B 451 -13.43 -11.48 -36.28
CA ALA B 451 -14.14 -11.55 -37.58
C ALA B 451 -14.91 -10.24 -37.81
N GLU B 452 -15.04 -9.40 -36.79
CA GLU B 452 -15.83 -8.16 -36.86
C GLU B 452 -14.91 -6.96 -37.09
N LYS B 453 -15.36 -5.99 -37.88
CA LYS B 453 -14.81 -4.61 -37.85
C LYS B 453 -15.26 -4.00 -36.53
N MET B 454 -14.32 -3.44 -35.76
CA MET B 454 -14.55 -2.96 -34.37
C MET B 454 -14.51 -1.43 -34.31
N VAL B 455 -15.41 -0.84 -33.53
CA VAL B 455 -15.24 0.50 -32.91
C VAL B 455 -14.41 0.29 -31.64
N ASN B 456 -13.15 0.71 -31.67
CA ASN B 456 -12.20 0.55 -30.56
C ASN B 456 -12.27 1.80 -29.67
N ALA B 457 -13.25 1.88 -28.76
CA ALA B 457 -13.38 3.02 -27.83
C ALA B 457 -12.33 2.89 -26.75
N MET B 458 -11.58 3.96 -26.49
CA MET B 458 -10.60 4.08 -25.37
C MET B 458 -11.36 4.29 -24.06
N ASN B 459 -12.48 4.99 -24.16
CA ASN B 459 -13.41 5.34 -23.05
C ASN B 459 -14.80 5.64 -23.62
N THR B 460 -15.84 5.47 -22.81
CA THR B 460 -17.27 5.53 -23.19
C THR B 460 -17.94 6.41 -22.12
N HIS B 461 -19.06 7.05 -22.46
CA HIS B 461 -19.90 7.81 -21.47
C HIS B 461 -20.14 6.95 -20.21
N ASP B 462 -20.36 5.65 -20.32
CA ASP B 462 -20.59 4.73 -19.17
C ASP B 462 -19.36 4.47 -18.34
N GLU B 463 -18.22 4.24 -19.00
CA GLU B 463 -16.94 3.90 -18.34
C GLU B 463 -16.50 5.07 -17.46
N CYS B 464 -16.98 6.30 -17.70
CA CYS B 464 -16.59 7.48 -16.87
C CYS B 464 -17.78 8.12 -16.14
N ALA B 465 -18.92 7.43 -16.03
CA ALA B 465 -20.10 7.90 -15.24
C ALA B 465 -20.06 7.33 -13.82
N ASN B 466 -20.94 7.86 -12.96
CA ASN B 466 -21.37 7.21 -11.69
C ASN B 466 -20.13 6.97 -10.83
N GLY B 467 -19.21 7.95 -10.81
CA GLY B 467 -18.02 8.02 -9.93
C GLY B 467 -16.95 6.99 -10.24
N LYS B 468 -17.05 6.33 -11.40
CA LYS B 468 -15.97 5.43 -11.90
C LYS B 468 -14.70 6.26 -12.16
N VAL B 469 -13.57 5.57 -12.16
CA VAL B 469 -12.22 6.16 -12.36
C VAL B 469 -12.01 6.32 -13.87
N ARG B 470 -11.83 7.55 -14.33
CA ARG B 470 -11.48 7.91 -15.72
C ARG B 470 -10.12 7.25 -16.02
N LEU B 471 -9.86 6.92 -17.28
CA LEU B 471 -8.63 6.24 -17.74
C LEU B 471 -7.41 7.06 -17.30
N ILE B 472 -7.48 8.39 -17.45
CA ILE B 472 -6.36 9.34 -17.20
C ILE B 472 -5.95 9.24 -15.72
N THR B 473 -6.89 9.33 -14.80
CA THR B 473 -6.65 9.23 -13.33
C THR B 473 -5.92 7.90 -13.03
N GLU B 474 -6.37 6.80 -13.65
CA GLU B 474 -5.88 5.42 -13.35
C GLU B 474 -4.40 5.32 -13.73
N LEU B 475 -4.00 5.81 -14.89
CA LEU B 475 -2.60 5.69 -15.39
C LEU B 475 -1.65 6.47 -14.48
N GLY B 476 -2.11 7.57 -13.89
CA GLY B 476 -1.37 8.34 -12.89
C GLY B 476 -0.97 9.70 -13.43
N ASN B 477 -0.64 9.79 -14.73
CA ASN B 477 -0.39 11.09 -15.40
C ASN B 477 -0.51 10.88 -16.92
N HIS B 478 -0.40 11.94 -17.72
CA HIS B 478 -0.84 11.91 -19.14
C HIS B 478 0.16 11.18 -20.06
N ILE B 479 1.40 10.91 -19.64
CA ILE B 479 2.42 10.39 -20.59
C ILE B 479 2.00 9.02 -21.11
N PRO B 480 1.57 8.07 -20.25
CA PRO B 480 1.07 6.78 -20.74
C PRO B 480 -0.15 6.96 -21.66
N LEU B 481 -0.97 7.99 -21.45
CA LEU B 481 -2.19 8.22 -22.28
C LEU B 481 -1.77 8.47 -23.74
N ILE B 482 -0.70 9.22 -23.93
CA ILE B 482 -0.25 9.59 -25.30
C ILE B 482 -0.08 8.29 -26.09
N GLY B 483 0.71 7.37 -25.56
CA GLY B 483 1.11 6.14 -26.26
C GLY B 483 -0.05 5.17 -26.37
N LEU B 484 -0.87 5.06 -25.31
CA LEU B 484 -2.10 4.25 -25.34
C LEU B 484 -3.05 4.79 -26.42
N ALA B 485 -3.24 6.12 -26.55
CA ALA B 485 -4.06 6.66 -27.66
C ALA B 485 -3.47 6.20 -29.00
N ALA B 486 -2.15 6.21 -29.15
CA ALA B 486 -1.46 5.80 -30.40
C ALA B 486 -1.81 4.34 -30.71
N LEU B 487 -1.55 3.44 -29.75
CA LEU B 487 -1.91 1.99 -29.84
C LEU B 487 -3.34 1.84 -30.39
N CYS B 488 -4.31 2.52 -29.79
CA CYS B 488 -5.74 2.49 -30.21
C CYS B 488 -5.92 2.95 -31.67
N TRP B 489 -5.26 4.02 -32.09
CA TRP B 489 -5.41 4.56 -33.47
C TRP B 489 -4.80 3.64 -34.52
N PHE B 490 -3.71 2.94 -34.18
CA PHE B 490 -2.89 2.20 -35.18
C PHE B 490 -3.40 0.77 -35.33
N ARG B 491 -4.17 0.27 -34.36
CA ARG B 491 -4.88 -1.03 -34.49
C ARG B 491 -5.95 -0.88 -35.57
N PRO B 492 -6.32 -1.99 -36.23
CA PRO B 492 -7.40 -1.98 -37.21
C PRO B 492 -8.71 -1.75 -36.45
N GLY B 493 -9.46 -0.76 -36.89
CA GLY B 493 -10.66 -0.31 -36.18
C GLY B 493 -10.80 1.18 -36.26
N ALA B 494 -11.99 1.65 -35.95
CA ALA B 494 -12.33 3.08 -35.78
C ALA B 494 -12.17 3.40 -34.30
N PRO B 495 -11.13 4.19 -33.93
CA PRO B 495 -10.98 4.66 -32.55
C PRO B 495 -12.15 5.57 -32.11
N MET B 496 -12.39 5.63 -30.79
CA MET B 496 -13.47 6.45 -30.18
C MET B 496 -13.03 6.94 -28.78
N ILE B 497 -13.33 8.20 -28.49
CA ILE B 497 -13.23 8.79 -27.14
C ILE B 497 -14.52 9.55 -26.84
N PHE B 498 -14.72 9.89 -25.57
CA PHE B 498 -15.93 10.60 -25.08
C PHE B 498 -15.50 12.01 -24.71
N GLN B 499 -16.37 12.98 -24.99
CA GLN B 499 -16.09 14.42 -24.77
C GLN B 499 -15.33 14.59 -23.46
N GLY B 500 -14.26 15.40 -23.48
CA GLY B 500 -13.37 15.65 -22.32
C GLY B 500 -12.10 14.83 -22.44
N ASP B 501 -12.16 13.66 -23.07
CA ASP B 501 -10.99 12.74 -23.16
C ASP B 501 -9.89 13.45 -23.96
N GLU B 502 -10.27 14.40 -24.82
CA GLU B 502 -9.37 15.11 -25.76
C GLU B 502 -8.48 16.07 -24.96
N PHE B 503 -8.84 16.43 -23.74
CA PHE B 503 -8.01 17.34 -22.92
C PHE B 503 -7.77 16.74 -21.53
N GLY B 504 -7.94 15.41 -21.38
CA GLY B 504 -7.67 14.66 -20.15
C GLY B 504 -8.63 14.98 -19.01
N GLU B 505 -9.90 15.25 -19.31
CA GLU B 505 -10.94 15.51 -18.27
C GLU B 505 -10.90 14.37 -17.23
N GLU B 506 -10.98 14.73 -15.95
CA GLU B 506 -10.91 13.78 -14.80
C GLU B 506 -12.25 13.70 -14.05
N GLY B 507 -13.13 14.72 -14.14
CA GLY B 507 -14.51 14.63 -13.63
C GLY B 507 -15.30 13.46 -14.24
N TYR B 508 -16.44 13.11 -13.67
CA TYR B 508 -17.21 11.92 -14.14
C TYR B 508 -18.36 12.49 -15.00
N PHE B 509 -19.01 11.66 -15.82
CA PHE B 509 -20.11 12.05 -16.73
C PHE B 509 -21.44 11.93 -16.01
N ASP B 510 -22.23 13.01 -16.05
CA ASP B 510 -23.63 13.08 -15.55
C ASP B 510 -24.28 14.28 -16.27
N VAL B 511 -25.58 14.51 -16.10
CA VAL B 511 -26.30 15.60 -16.84
C VAL B 511 -26.20 16.92 -16.07
N PHE B 512 -25.52 16.98 -14.92
CA PHE B 512 -25.55 18.15 -13.99
C PHE B 512 -24.38 19.10 -14.24
N HIS B 513 -23.34 18.63 -14.94
CA HIS B 513 -22.19 19.48 -15.35
C HIS B 513 -21.78 19.15 -16.80
N GLY B 514 -21.46 20.20 -17.56
CA GLY B 514 -21.09 20.12 -18.99
C GLY B 514 -19.59 19.99 -19.18
N VAL B 515 -19.18 19.79 -20.44
CA VAL B 515 -17.80 20.00 -20.96
C VAL B 515 -17.28 21.37 -20.44
N ASP B 516 -16.13 21.37 -19.78
CA ASP B 516 -15.41 22.60 -19.39
C ASP B 516 -14.63 23.07 -20.62
N TRP B 517 -15.14 24.06 -21.37
CA TRP B 517 -14.57 24.47 -22.67
C TRP B 517 -13.28 25.28 -22.48
N SER B 518 -12.99 25.74 -21.26
CA SER B 518 -11.73 26.49 -20.98
C SER B 518 -10.54 25.52 -20.99
N LYS B 519 -10.78 24.20 -21.10
CA LYS B 519 -9.70 23.19 -21.29
C LYS B 519 -9.49 22.94 -22.79
N THR B 520 -10.13 23.74 -23.66
CA THR B 520 -9.90 23.69 -25.13
C THR B 520 -9.24 25.00 -25.59
N GLY B 521 -8.76 25.03 -26.81
CA GLY B 521 -8.18 26.24 -27.41
C GLY B 521 -6.77 26.49 -26.92
N PRO B 522 -6.15 27.57 -27.41
CA PRO B 522 -4.72 27.79 -27.22
C PRO B 522 -4.33 28.40 -25.86
N TYR B 523 -5.29 28.67 -24.96
CA TYR B 523 -4.95 29.18 -23.60
C TYR B 523 -5.26 28.11 -22.56
N ALA B 524 -5.56 26.89 -23.00
CA ALA B 524 -5.75 25.75 -22.09
C ALA B 524 -4.39 25.43 -21.44
N ALA B 525 -4.41 24.76 -20.30
CA ALA B 525 -3.20 24.36 -19.55
C ALA B 525 -2.39 23.36 -20.40
N LEU B 526 -1.10 23.23 -20.10
CA LEU B 526 -0.11 22.49 -20.93
C LEU B 526 -0.55 21.05 -21.19
N HIS B 527 -0.99 20.33 -20.17
CA HIS B 527 -1.35 18.89 -20.26
C HIS B 527 -2.56 18.77 -21.19
N GLN B 528 -3.49 19.69 -21.03
CA GLN B 528 -4.75 19.76 -21.80
C GLN B 528 -4.42 19.93 -23.30
N GLN B 529 -3.51 20.83 -23.65
CA GLN B 529 -3.16 21.10 -25.07
C GLN B 529 -2.33 19.93 -25.62
N GLN B 530 -1.54 19.30 -24.76
CA GLN B 530 -0.63 18.20 -25.16
C GLN B 530 -1.47 16.99 -25.56
N ILE B 531 -2.45 16.62 -24.73
CA ILE B 531 -3.33 15.44 -25.01
C ILE B 531 -4.09 15.74 -26.31
N SER B 532 -4.59 16.96 -26.47
CA SER B 532 -5.40 17.38 -27.64
C SER B 532 -4.53 17.27 -28.88
N ASN B 533 -3.31 17.80 -28.81
CA ASN B 533 -2.37 17.78 -29.96
C ASN B 533 -2.13 16.33 -30.40
N ASN B 534 -1.98 15.40 -29.44
CA ASN B 534 -1.70 13.98 -29.76
C ASN B 534 -2.91 13.44 -30.54
N PHE B 535 -4.12 13.77 -30.11
CA PHE B 535 -5.35 13.29 -30.81
C PHE B 535 -5.43 13.93 -32.20
N HIS B 536 -5.14 15.23 -32.31
CA HIS B 536 -5.10 15.97 -33.60
C HIS B 536 -4.16 15.25 -34.56
N ASP B 537 -2.93 14.96 -34.13
CA ASP B 537 -1.90 14.39 -35.03
C ASP B 537 -2.33 12.97 -35.42
N LEU B 538 -2.88 12.19 -34.47
CA LEU B 538 -3.32 10.80 -34.74
C LEU B 538 -4.44 10.81 -35.79
N ASN B 539 -5.36 11.77 -35.70
CA ASN B 539 -6.49 11.88 -36.67
C ASN B 539 -5.93 12.25 -38.05
N GLN B 540 -4.95 13.15 -38.13
CA GLN B 540 -4.28 13.53 -39.40
C GLN B 540 -3.70 12.26 -40.06
N LEU B 541 -2.97 11.43 -39.32
CA LEU B 541 -2.46 10.15 -39.88
C LEU B 541 -3.65 9.28 -40.33
N LEU B 542 -4.69 9.14 -39.52
CA LEU B 542 -5.85 8.24 -39.78
C LEU B 542 -6.58 8.70 -41.06
N ARG B 543 -6.79 10.00 -41.23
CA ARG B 543 -7.52 10.56 -42.40
C ARG B 543 -6.72 10.33 -43.70
N HIS B 544 -5.40 10.16 -43.62
CA HIS B 544 -4.48 10.31 -44.78
C HIS B 544 -3.71 9.03 -45.12
N GLU B 545 -3.38 8.17 -44.14
CA GLU B 545 -2.54 6.96 -44.34
C GLU B 545 -3.38 5.81 -44.89
N PRO B 546 -3.09 5.25 -46.07
CA PRO B 546 -3.92 4.16 -46.59
C PRO B 546 -3.86 2.91 -45.69
N ALA B 547 -2.77 2.71 -44.92
CA ALA B 547 -2.61 1.55 -44.01
C ALA B 547 -3.42 1.71 -42.71
N LEU B 548 -4.16 2.82 -42.52
CA LEU B 548 -5.09 3.01 -41.37
C LEU B 548 -6.54 3.06 -41.88
N ALA B 549 -6.74 3.00 -43.21
CA ALA B 549 -8.09 3.00 -43.83
C ALA B 549 -8.83 1.72 -43.44
N ARG B 550 -8.23 0.53 -43.60
CA ARG B 550 -8.97 -0.77 -43.45
C ARG B 550 -9.12 -1.14 -41.96
N HIS B 551 -10.25 -1.76 -41.60
CA HIS B 551 -10.58 -2.19 -40.21
C HIS B 551 -10.63 -3.73 -40.10
N GLY B 552 -10.44 -4.46 -41.21
CA GLY B 552 -10.23 -5.91 -41.16
C GLY B 552 -8.95 -6.20 -40.42
N ILE B 553 -8.96 -7.10 -39.44
CA ILE B 553 -7.78 -7.39 -38.57
C ILE B 553 -6.63 -7.97 -39.41
N ASN B 554 -6.91 -8.56 -40.57
CA ASN B 554 -5.87 -9.15 -41.46
C ASN B 554 -5.11 -8.04 -42.20
N SER B 555 -5.45 -6.77 -41.94
CA SER B 555 -4.65 -5.60 -42.37
C SER B 555 -3.56 -5.37 -41.33
N MET B 556 -3.49 -6.20 -40.28
CA MET B 556 -2.44 -6.14 -39.23
C MET B 556 -1.82 -7.54 -39.05
N ILE B 557 -0.51 -7.57 -38.78
CA ILE B 557 0.26 -8.83 -38.48
C ILE B 557 1.26 -8.50 -37.37
N ARG B 558 1.49 -9.44 -36.44
CA ARG B 558 2.64 -9.45 -35.49
C ARG B 558 3.94 -9.17 -36.23
N ASN B 559 4.80 -8.30 -35.68
CA ASN B 559 6.16 -8.05 -36.20
C ASN B 559 7.16 -8.22 -35.06
N GLY B 560 7.06 -9.31 -34.29
CA GLY B 560 8.01 -9.66 -33.21
C GLY B 560 7.77 -8.88 -31.93
N SER B 561 8.43 -9.31 -30.85
CA SER B 561 8.32 -8.76 -29.48
C SER B 561 9.47 -9.26 -28.61
N ASN B 562 9.59 -8.71 -27.40
CA ASN B 562 10.67 -9.06 -26.45
C ASN B 562 10.13 -8.82 -25.04
N ASN B 563 10.03 -9.89 -24.26
CA ASN B 563 9.40 -9.86 -22.91
C ASN B 563 10.29 -9.10 -21.90
N GLU B 564 11.62 -9.27 -21.88
CA GLU B 564 12.46 -8.62 -20.83
C GLU B 564 12.49 -7.11 -21.07
N ARG B 565 12.64 -6.66 -22.32
CA ARG B 565 12.70 -5.21 -22.66
C ARG B 565 11.29 -4.58 -22.71
N LYS B 566 10.23 -5.40 -22.84
CA LYS B 566 8.81 -4.95 -22.69
C LYS B 566 8.38 -4.12 -23.91
N TRP B 567 8.64 -4.64 -25.10
CA TRP B 567 8.27 -3.98 -26.38
C TRP B 567 7.67 -5.01 -27.32
N PHE B 568 6.78 -4.54 -28.20
CA PHE B 568 6.19 -5.36 -29.28
C PHE B 568 6.05 -4.44 -30.49
N SER B 569 5.84 -5.05 -31.63
CA SER B 569 5.71 -4.31 -32.90
C SER B 569 4.68 -5.04 -33.75
N PHE B 570 3.85 -4.27 -34.44
CA PHE B 570 2.97 -4.81 -35.49
C PHE B 570 3.17 -3.94 -36.72
N ILE B 571 2.69 -4.46 -37.84
CA ILE B 571 2.73 -3.79 -39.15
C ILE B 571 1.28 -3.63 -39.62
N ARG B 572 0.99 -2.47 -40.20
CA ARG B 572 -0.25 -2.23 -40.98
C ARG B 572 0.13 -2.24 -42.45
N TRP B 573 -0.47 -3.15 -43.22
CA TRP B 573 -0.31 -3.28 -44.69
C TRP B 573 -0.92 -2.05 -45.35
N GLY B 574 -0.16 -1.39 -46.23
CA GLY B 574 -0.65 -0.29 -47.08
C GLY B 574 -1.58 -0.76 -48.19
N GLY B 575 -1.43 -2.01 -48.63
CA GLY B 575 -2.20 -2.59 -49.76
C GLY B 575 -2.39 -4.08 -49.58
N ASP B 576 -2.44 -4.85 -50.68
CA ASP B 576 -2.91 -6.26 -50.69
C ASP B 576 -1.76 -7.26 -50.63
N VAL B 577 -0.54 -6.83 -50.27
CA VAL B 577 0.70 -7.64 -50.46
C VAL B 577 1.51 -7.68 -49.15
N GLY B 578 1.66 -8.87 -48.56
CA GLY B 578 2.47 -9.14 -47.35
C GLY B 578 3.92 -9.45 -47.68
N PHE B 579 4.59 -10.27 -46.86
CA PHE B 579 6.05 -10.55 -46.90
C PHE B 579 6.47 -11.36 -48.16
N GLU B 580 5.52 -11.87 -48.95
CA GLU B 580 5.73 -12.62 -50.24
C GLU B 580 6.53 -11.79 -51.27
N SER B 581 6.45 -10.45 -51.18
CA SER B 581 7.23 -9.50 -52.02
C SER B 581 8.24 -8.75 -51.13
N SER B 582 9.41 -8.44 -51.70
CA SER B 582 10.49 -7.60 -51.10
C SER B 582 10.62 -6.30 -51.89
N ASP B 583 9.72 -6.07 -52.85
CA ASP B 583 9.77 -4.91 -53.79
C ASP B 583 9.22 -3.67 -53.07
N PRO B 584 9.97 -2.54 -53.06
CA PRO B 584 9.45 -1.25 -52.56
C PRO B 584 8.11 -0.72 -53.10
N LYS B 585 7.73 -1.03 -54.34
CA LYS B 585 6.44 -0.53 -54.92
C LYS B 585 5.25 -1.13 -54.17
N ASP B 586 5.41 -2.34 -53.62
CA ASP B 586 4.35 -3.15 -52.95
C ASP B 586 4.15 -2.73 -51.48
N HIS B 587 5.08 -1.99 -50.88
CA HIS B 587 5.08 -1.69 -49.42
C HIS B 587 5.23 -0.19 -49.14
N LYS B 588 4.95 0.68 -50.13
CA LYS B 588 5.20 2.14 -50.02
C LYS B 588 4.43 2.72 -48.83
N ASP B 589 3.25 2.17 -48.51
CA ASP B 589 2.31 2.76 -47.53
C ASP B 589 2.22 1.91 -46.26
N ASP B 590 3.02 0.85 -46.14
CA ASP B 590 3.04 -0.01 -44.93
C ASP B 590 3.53 0.81 -43.74
N ILE B 591 2.85 0.74 -42.60
CA ILE B 591 3.29 1.41 -41.35
C ILE B 591 3.85 0.33 -40.42
N ILE B 592 5.04 0.62 -39.87
CA ILE B 592 5.76 -0.21 -38.86
C ILE B 592 5.52 0.46 -37.51
N PHE B 593 4.78 -0.19 -36.60
CA PHE B 593 4.46 0.36 -35.26
C PHE B 593 5.23 -0.41 -34.20
N VAL B 594 5.84 0.30 -33.26
CA VAL B 594 6.60 -0.28 -32.12
C VAL B 594 6.10 0.40 -30.83
N ARG B 595 5.92 -0.41 -29.78
CA ARG B 595 5.43 0.02 -28.45
C ARG B 595 6.40 -0.47 -27.40
N ASN B 596 6.94 0.45 -26.61
CA ASN B 596 7.75 0.14 -25.42
C ASN B 596 6.92 0.48 -24.20
N GLU B 597 6.63 -0.52 -23.36
CA GLU B 597 5.76 -0.36 -22.16
C GLU B 597 6.60 -0.06 -20.94
N THR B 598 7.93 0.00 -21.07
CA THR B 598 8.84 0.26 -19.93
C THR B 598 8.69 1.72 -19.49
N PRO B 599 8.21 1.98 -18.25
CA PRO B 599 7.91 3.33 -17.82
C PRO B 599 9.06 4.05 -17.11
N TYR B 600 10.31 3.90 -17.62
CA TYR B 600 11.55 4.52 -17.07
C TYR B 600 12.72 4.20 -18.00
N PRO B 601 13.83 4.99 -17.97
CA PRO B 601 14.99 4.71 -18.83
C PRO B 601 15.68 3.37 -18.49
N VAL B 602 15.91 2.55 -19.53
CA VAL B 602 16.68 1.26 -19.47
C VAL B 602 17.31 0.98 -20.84
N GLU B 603 18.31 0.11 -20.85
CA GLU B 603 18.81 -0.54 -22.10
C GLU B 603 17.57 -1.10 -22.80
N CYS B 604 17.28 -0.60 -24.01
CA CYS B 604 16.09 -0.99 -24.80
C CYS B 604 16.43 -0.89 -26.28
N HIS B 605 17.38 -1.72 -26.73
CA HIS B 605 17.75 -1.88 -28.16
C HIS B 605 16.60 -2.61 -28.85
N ALA B 606 16.03 -2.01 -29.88
CA ALA B 606 14.90 -2.57 -30.64
C ALA B 606 15.47 -3.28 -31.87
N GLU B 607 14.96 -4.47 -32.14
CA GLU B 607 15.25 -5.29 -33.35
C GLU B 607 13.92 -5.51 -34.06
N ILE B 608 13.68 -4.81 -35.18
CA ILE B 608 12.33 -4.67 -35.81
C ILE B 608 12.37 -5.16 -37.26
N TYR B 609 11.70 -6.25 -37.59
CA TYR B 609 11.60 -6.75 -38.99
C TYR B 609 10.86 -5.71 -39.85
N VAL B 610 11.28 -5.54 -41.10
CA VAL B 610 10.55 -4.70 -42.11
C VAL B 610 10.41 -5.52 -43.39
N PRO B 611 9.48 -5.16 -44.29
CA PRO B 611 9.24 -5.95 -45.50
C PRO B 611 10.19 -5.66 -46.67
N VAL B 612 11.03 -4.61 -46.55
CA VAL B 612 11.97 -4.13 -47.61
C VAL B 612 13.26 -3.65 -46.95
N ALA B 613 14.41 -3.99 -47.51
CA ALA B 613 15.71 -3.37 -47.16
C ALA B 613 15.77 -2.00 -47.83
N ALA B 614 15.63 -0.92 -47.05
CA ALA B 614 15.60 0.47 -47.58
C ALA B 614 15.74 1.47 -46.43
N GLU B 615 15.55 2.76 -46.75
CA GLU B 615 15.48 3.90 -45.79
C GLU B 615 14.06 3.97 -45.20
N TYR B 616 13.92 4.03 -43.87
CA TYR B 616 12.63 4.23 -43.14
C TYR B 616 12.64 5.58 -42.42
N ARG B 617 11.45 6.17 -42.28
CA ARG B 617 11.20 7.53 -41.74
C ARG B 617 10.09 7.47 -40.69
N VAL B 618 10.29 8.14 -39.57
CA VAL B 618 9.32 8.20 -38.45
C VAL B 618 8.19 9.15 -38.86
N ILE B 619 6.94 8.68 -38.84
CA ILE B 619 5.72 9.47 -39.19
C ILE B 619 4.95 9.86 -37.92
N TYR B 620 5.19 9.16 -36.81
CA TYR B 620 4.58 9.43 -35.48
C TYR B 620 5.58 9.01 -34.41
N ASN B 621 5.71 9.80 -33.35
CA ASN B 621 6.65 9.54 -32.21
C ASN B 621 6.02 10.09 -30.92
N SER B 622 5.64 9.18 -30.01
CA SER B 622 4.88 9.50 -28.77
C SER B 622 5.74 10.28 -27.75
N ILE B 623 7.05 10.43 -28.00
CA ILE B 623 7.97 11.18 -27.08
C ILE B 623 8.24 12.60 -27.62
N ASP B 624 7.67 12.98 -28.77
CA ASP B 624 7.66 14.41 -29.22
C ASP B 624 7.34 15.27 -27.98
N GLN B 625 8.13 16.32 -27.76
CA GLN B 625 7.97 17.30 -26.63
C GLN B 625 6.59 17.94 -26.69
N ARG B 626 6.04 18.09 -27.90
CA ARG B 626 4.65 18.52 -28.19
C ARG B 626 3.61 17.73 -27.37
N TYR B 627 3.88 16.46 -27.02
CA TYR B 627 2.97 15.57 -26.23
C TYR B 627 3.37 15.52 -24.75
N ILE B 628 4.67 15.38 -24.46
CA ILE B 628 5.12 14.96 -23.09
C ILE B 628 5.98 16.04 -22.43
N GLY B 629 6.29 17.14 -23.13
CA GLY B 629 7.12 18.26 -22.67
C GLY B 629 8.60 17.94 -22.80
N SER B 630 9.46 18.85 -22.32
CA SER B 630 10.93 18.68 -22.33
C SER B 630 11.32 17.59 -21.31
N GLN B 631 11.93 16.51 -21.80
CA GLN B 631 12.42 15.37 -20.97
C GLN B 631 13.90 15.11 -21.29
N HIS B 632 14.54 14.24 -20.51
CA HIS B 632 15.97 13.86 -20.75
C HIS B 632 16.08 13.07 -22.05
N TYR B 633 15.07 12.29 -22.45
CA TYR B 633 15.17 11.27 -23.53
C TYR B 633 14.65 11.78 -24.89
N ASN B 634 14.19 13.02 -25.00
CA ASN B 634 13.56 13.55 -26.25
C ASN B 634 14.21 14.87 -26.66
N GLN B 635 15.54 14.96 -26.62
CA GLN B 635 16.29 16.20 -26.94
C GLN B 635 16.73 16.17 -28.41
N HIS B 636 16.37 15.09 -29.12
CA HIS B 636 16.64 14.86 -30.57
C HIS B 636 15.40 15.21 -31.39
N ASP B 637 15.55 15.42 -32.70
CA ASP B 637 14.39 15.48 -33.65
C ASP B 637 13.68 14.13 -33.58
N PRO B 638 12.38 14.07 -33.18
CA PRO B 638 11.65 12.80 -33.16
C PRO B 638 11.37 12.15 -34.54
N TYR B 639 11.47 12.89 -35.63
CA TYR B 639 11.11 12.44 -37.01
C TYR B 639 12.38 12.00 -37.76
N TRP B 640 13.19 11.17 -37.10
CA TRP B 640 14.53 10.75 -37.60
C TRP B 640 14.39 9.69 -38.70
N THR B 641 15.41 9.60 -39.56
CA THR B 641 15.51 8.66 -40.70
C THR B 641 16.42 7.50 -40.24
N ILE B 642 16.29 6.30 -40.83
CA ILE B 642 17.18 5.12 -40.53
C ILE B 642 17.26 4.15 -41.73
N HIS B 643 18.48 3.70 -42.07
CA HIS B 643 18.74 2.68 -43.13
C HIS B 643 18.56 1.28 -42.51
N SER B 644 17.69 0.45 -43.10
CA SER B 644 17.55 -0.97 -42.69
C SER B 644 18.91 -1.64 -42.88
N ALA B 645 19.45 -2.20 -41.81
CA ALA B 645 20.63 -3.09 -41.79
C ALA B 645 20.14 -4.50 -42.14
N GLY B 646 19.81 -4.70 -43.43
CA GLY B 646 19.20 -5.94 -43.93
C GLY B 646 17.72 -5.74 -44.03
N GLN B 647 16.93 -6.67 -43.49
CA GLN B 647 15.47 -6.48 -43.31
C GLN B 647 15.17 -6.27 -41.81
N PHE B 648 16.10 -5.67 -41.06
CA PHE B 648 15.90 -5.23 -39.65
C PHE B 648 16.23 -3.74 -39.51
N LEU B 649 15.65 -3.13 -38.48
CA LEU B 649 15.97 -1.77 -37.95
C LEU B 649 16.48 -1.95 -36.52
N TYR B 650 17.57 -1.25 -36.18
CA TYR B 650 18.17 -1.20 -34.82
C TYR B 650 18.15 0.24 -34.34
N PHE B 651 17.48 0.49 -33.22
CA PHE B 651 17.45 1.81 -32.55
C PHE B 651 17.03 1.60 -31.10
N ASP B 652 17.16 2.67 -30.32
CA ASP B 652 16.92 2.72 -28.86
C ASP B 652 15.49 3.22 -28.59
N LEU B 653 14.66 2.37 -27.96
CA LEU B 653 13.34 2.76 -27.42
C LEU B 653 13.58 3.52 -26.10
N HIS B 654 12.86 4.63 -25.94
CA HIS B 654 12.82 5.45 -24.72
C HIS B 654 11.56 5.09 -23.94
N PRO B 655 11.45 5.53 -22.66
CA PRO B 655 10.30 5.15 -21.84
C PRO B 655 8.97 5.42 -22.55
N TYR B 656 8.01 4.50 -22.41
CA TYR B 656 6.60 4.67 -22.88
C TYR B 656 6.56 4.92 -24.40
N GLN B 657 7.65 4.66 -25.14
CA GLN B 657 7.74 5.08 -26.55
C GLN B 657 6.80 4.21 -27.40
N ASN B 658 5.90 4.88 -28.10
CA ASN B 658 5.13 4.30 -29.23
C ASN B 658 5.56 5.09 -30.46
N ILE B 659 5.91 4.41 -31.54
CA ILE B 659 6.57 5.04 -32.72
C ILE B 659 6.13 4.28 -33.97
N ALA B 660 5.91 5.00 -35.06
CA ALA B 660 5.50 4.43 -36.36
C ALA B 660 6.37 4.96 -37.49
N LEU B 661 6.77 4.05 -38.40
CA LEU B 661 7.69 4.30 -39.54
C LEU B 661 7.07 3.81 -40.85
N LYS B 662 7.43 4.48 -41.95
CA LYS B 662 7.14 4.13 -43.37
C LYS B 662 8.45 4.07 -44.15
N LEU B 663 8.46 3.50 -45.35
CA LEU B 663 9.53 3.71 -46.36
C LEU B 663 9.61 5.21 -46.66
N LYS B 664 10.83 5.76 -46.73
CA LYS B 664 11.07 7.20 -47.08
C LYS B 664 10.76 7.40 -48.58
N ASN B 665 10.33 8.60 -48.96
CA ASN B 665 9.89 8.98 -50.33
C ASN B 665 8.53 8.30 -50.60
N PRO C 24 22.30 41.53 5.47
CA PRO C 24 21.52 40.38 4.94
C PRO C 24 20.34 40.05 5.87
N SER C 25 19.23 39.55 5.34
CA SER C 25 17.98 39.29 6.12
C SER C 25 18.19 38.08 7.03
N LEU C 26 17.55 38.06 8.19
CA LEU C 26 17.58 36.92 9.15
C LEU C 26 17.38 35.61 8.39
N GLU C 27 16.44 35.58 7.45
CA GLU C 27 16.07 34.36 6.67
C GLU C 27 17.33 33.78 6.00
N THR C 28 18.11 34.61 5.29
CA THR C 28 19.36 34.18 4.61
C THR C 28 20.39 33.79 5.67
N ILE C 29 20.47 34.49 6.80
CA ILE C 29 21.41 34.14 7.90
C ILE C 29 21.07 32.73 8.40
N LYS C 30 19.78 32.46 8.61
CA LYS C 30 19.28 31.17 9.15
C LYS C 30 19.68 30.05 8.20
N GLN C 31 19.63 30.31 6.89
CA GLN C 31 19.83 29.30 5.84
C GLN C 31 21.34 29.13 5.55
N ASP C 32 22.04 30.25 5.37
CA ASP C 32 23.38 30.34 4.76
C ASP C 32 24.43 30.43 5.87
N TYR C 33 24.13 31.04 7.02
CA TYR C 33 25.13 31.27 8.11
C TYR C 33 24.54 30.96 9.48
N PRO C 34 23.85 29.81 9.65
CA PRO C 34 23.04 29.56 10.85
C PRO C 34 23.76 29.59 12.20
N TYR C 35 25.08 29.41 12.21
CA TYR C 35 25.92 29.48 13.42
C TYR C 35 25.98 30.92 13.96
N GLN C 36 25.60 31.91 13.13
CA GLN C 36 25.53 33.37 13.50
C GLN C 36 24.24 33.68 14.30
N TYR C 37 23.16 32.93 14.07
CA TYR C 37 21.86 33.01 14.78
C TYR C 37 21.82 31.98 15.91
N PHE C 38 21.83 30.67 15.61
CA PHE C 38 21.84 29.59 16.64
C PHE C 38 23.16 29.61 17.43
N GLY C 39 23.11 29.15 18.69
CA GLY C 39 24.31 29.02 19.54
C GLY C 39 24.38 30.10 20.61
N ALA C 40 25.59 30.42 21.06
CA ALA C 40 25.89 31.47 22.06
C ALA C 40 26.43 32.69 21.32
N HIS C 41 25.89 33.87 21.64
CA HIS C 41 26.23 35.16 21.02
C HIS C 41 26.32 36.22 22.11
N PRO C 42 27.53 36.43 22.68
CA PRO C 42 27.73 37.43 23.73
C PRO C 42 27.95 38.84 23.15
N ASN C 43 27.49 39.86 23.88
CA ASN C 43 27.73 41.30 23.62
C ASN C 43 28.77 41.76 24.64
N GLU C 44 28.72 43.03 25.07
CA GLU C 44 29.46 43.55 26.27
C GLU C 44 28.51 43.50 27.48
N THR C 45 27.19 43.58 27.23
CA THR C 45 26.12 43.67 28.25
C THR C 45 25.25 42.41 28.29
N GLU C 46 24.97 41.77 27.14
CA GLU C 46 24.05 40.59 27.07
C GLU C 46 24.74 39.40 26.37
N THR C 47 24.33 38.18 26.74
CA THR C 47 24.62 36.90 26.04
C THR C 47 23.28 36.26 25.61
N THR C 48 23.06 36.08 24.30
CA THR C 48 21.82 35.47 23.76
C THR C 48 22.08 34.01 23.33
N PHE C 49 21.18 33.09 23.72
CA PHE C 49 21.25 31.63 23.45
C PHE C 49 20.07 31.19 22.59
N ARG C 50 20.34 30.48 21.49
CA ARG C 50 19.28 29.88 20.64
C ARG C 50 19.64 28.42 20.29
N VAL C 51 18.64 27.54 20.38
CA VAL C 51 18.73 26.09 19.99
C VAL C 51 17.38 25.66 19.39
N TYR C 52 17.43 24.97 18.25
CA TYR C 52 16.27 24.31 17.61
C TYR C 52 15.92 23.04 18.39
N ALA C 53 14.63 22.83 18.63
CA ALA C 53 14.08 21.69 19.40
C ALA C 53 12.56 21.73 19.27
N PRO C 54 12.03 21.54 18.03
CA PRO C 54 10.62 21.77 17.75
C PRO C 54 9.66 20.88 18.55
N ARG C 55 10.08 19.64 18.86
CA ARG C 55 9.17 18.61 19.44
C ARG C 55 9.39 18.52 20.95
N ALA C 56 10.16 19.47 21.53
CA ALA C 56 10.51 19.55 22.98
C ALA C 56 9.41 20.25 23.80
N THR C 57 9.02 19.62 24.91
CA THR C 57 8.02 20.11 25.89
C THR C 57 8.57 21.34 26.65
N GLY C 58 9.89 21.43 26.79
CA GLY C 58 10.55 22.48 27.60
C GLY C 58 12.06 22.42 27.45
N VAL C 59 12.72 23.58 27.50
CA VAL C 59 14.20 23.74 27.35
C VAL C 59 14.65 24.84 28.32
N ASN C 60 15.51 24.50 29.28
CA ASN C 60 16.09 25.48 30.24
C ASN C 60 17.59 25.65 29.96
N LEU C 61 18.08 26.87 30.02
CA LEU C 61 19.54 27.17 30.08
C LEU C 61 20.09 26.68 31.42
N MET C 62 21.09 25.79 31.36
CA MET C 62 22.01 25.41 32.49
C MET C 62 23.31 26.21 32.33
N ARG C 63 23.86 26.78 33.41
CA ARG C 63 25.18 27.47 33.38
C ARG C 63 25.80 27.46 34.77
N GLU C 64 27.13 27.64 34.82
CA GLU C 64 27.94 27.60 36.06
C GLU C 64 27.60 28.82 36.92
N GLY C 65 27.39 29.98 36.30
CA GLY C 65 26.97 31.23 36.97
C GLY C 65 25.70 31.08 37.81
N THR C 66 25.00 29.93 37.69
CA THR C 66 23.73 29.59 38.40
C THR C 66 23.82 28.18 39.02
N GLY C 67 25.04 27.71 39.34
CA GLY C 67 25.31 26.43 40.03
C GLY C 67 24.69 25.21 39.35
N TRP C 68 24.29 25.33 38.08
CA TRP C 68 23.90 24.19 37.21
C TRP C 68 22.55 23.61 37.66
N ASP C 69 21.69 24.40 38.30
CA ASP C 69 20.26 24.01 38.48
C ASP C 69 19.67 23.90 37.08
N CYS C 70 19.02 22.78 36.79
CA CYS C 70 18.31 22.55 35.51
C CYS C 70 17.30 23.67 35.29
N PHE C 71 16.38 23.84 36.24
CA PHE C 71 15.12 24.63 36.09
C PHE C 71 15.33 26.13 36.40
N ALA C 72 16.57 26.57 36.68
CA ALA C 72 16.91 27.96 37.06
C ALA C 72 16.18 28.98 36.18
N GLU C 73 16.37 28.93 34.85
CA GLU C 73 15.87 29.99 33.92
C GLU C 73 15.43 29.36 32.61
N PRO C 74 14.13 28.97 32.47
CA PRO C 74 13.59 28.47 31.20
C PRO C 74 13.78 29.42 30.01
N MET C 75 13.67 28.88 28.80
CA MET C 75 13.83 29.61 27.51
C MET C 75 12.44 29.72 26.84
N THR C 76 12.24 30.66 25.91
CA THR C 76 10.96 30.90 25.19
C THR C 76 11.01 30.33 23.76
N LYS C 77 10.17 29.35 23.48
CA LYS C 77 9.95 28.75 22.14
C LYS C 77 9.20 29.74 21.24
N ASN C 78 9.89 30.35 20.27
CA ASN C 78 9.27 31.14 19.18
C ASN C 78 8.35 30.21 18.36
N GLU C 79 7.68 30.73 17.33
CA GLU C 79 6.64 29.97 16.58
C GLU C 79 7.29 28.88 15.72
N ASP C 80 8.59 29.03 15.41
CA ASP C 80 9.34 28.23 14.41
C ASP C 80 10.04 27.01 15.05
N GLY C 81 9.95 26.83 16.37
CA GLY C 81 10.51 25.69 17.12
C GLY C 81 11.81 26.04 17.81
N VAL C 82 12.26 27.29 17.69
CA VAL C 82 13.55 27.80 18.23
C VAL C 82 13.31 28.38 19.63
N TRP C 83 14.01 27.85 20.63
CA TRP C 83 14.02 28.34 22.03
C TRP C 83 15.08 29.42 22.17
N GLU C 84 14.71 30.59 22.69
CA GLU C 84 15.61 31.76 22.89
C GLU C 84 15.62 32.10 24.38
N ILE C 85 16.59 32.92 24.78
CA ILE C 85 16.71 33.57 26.12
C ILE C 85 17.94 34.45 26.04
N THR C 86 17.84 35.68 26.51
CA THR C 86 19.00 36.59 26.75
C THR C 86 19.29 36.58 28.26
N ILE C 87 20.56 36.64 28.64
CA ILE C 87 21.04 36.81 30.04
C ILE C 87 21.66 38.21 30.10
N PRO C 88 21.42 38.98 31.19
CA PRO C 88 21.93 40.35 31.28
C PRO C 88 23.40 40.41 31.74
N GLU C 89 24.30 39.66 31.09
CA GLU C 89 25.77 39.76 31.26
C GLU C 89 26.48 39.04 30.10
N ASN C 90 27.63 39.57 29.67
CA ASN C 90 28.60 38.92 28.74
C ASN C 90 29.13 37.63 29.42
N LEU C 91 28.67 36.47 28.95
CA LEU C 91 29.02 35.15 29.57
C LEU C 91 30.27 34.55 28.90
N THR C 92 30.91 35.24 27.96
CA THR C 92 32.15 34.81 27.25
C THR C 92 33.03 33.95 28.17
N TRP C 93 33.42 32.75 27.68
CA TRP C 93 34.40 31.79 28.26
C TRP C 93 33.76 30.90 29.33
N SER C 94 32.51 31.15 29.70
CA SER C 94 31.81 30.39 30.76
C SER C 94 31.10 29.20 30.09
N GLU C 95 30.90 28.11 30.82
CA GLU C 95 30.42 26.80 30.29
C GLU C 95 28.88 26.72 30.45
N TYR C 96 28.19 26.03 29.55
CA TYR C 96 26.71 25.92 29.56
C TYR C 96 26.25 24.65 28.83
N LYS C 97 25.03 24.23 29.13
CA LYS C 97 24.29 23.16 28.41
C LYS C 97 22.85 23.64 28.22
N TYR C 98 22.00 22.77 27.67
CA TYR C 98 20.53 22.92 27.64
C TYR C 98 19.92 21.69 28.31
N TYR C 99 19.16 21.85 29.41
CA TYR C 99 18.20 20.80 29.85
C TYR C 99 16.99 20.85 28.91
N ILE C 100 16.64 19.71 28.32
CA ILE C 100 15.57 19.55 27.31
C ILE C 100 14.65 18.45 27.83
N GLU C 101 13.31 18.60 27.69
CA GLU C 101 12.28 17.59 28.10
C GLU C 101 11.23 17.47 27.00
N ASN C 102 10.48 16.36 27.03
CA ASN C 102 9.39 15.99 26.08
C ASN C 102 8.50 14.93 26.77
N SER C 103 7.30 15.35 27.21
CA SER C 103 6.28 14.56 27.95
C SER C 103 5.40 13.74 26.98
N ASP C 104 5.20 14.24 25.76
CA ASP C 104 4.25 13.68 24.76
C ASP C 104 4.53 12.19 24.51
N ASP C 105 3.52 11.47 24.02
CA ASP C 105 3.52 9.98 23.87
C ASP C 105 3.67 9.62 22.40
N PRO C 110 9.35 9.32 28.67
CA PRO C 110 9.46 10.44 29.66
C PRO C 110 10.84 11.12 29.63
N TYR C 111 11.35 11.40 28.42
CA TYR C 111 12.72 11.91 28.10
C TYR C 111 12.95 13.31 28.69
N GLY C 112 14.08 13.52 29.36
CA GLY C 112 14.56 14.83 29.84
C GLY C 112 16.00 14.75 30.34
N MET C 113 16.96 15.36 29.63
CA MET C 113 18.41 15.26 29.94
C MET C 113 19.16 16.51 29.48
N ALA C 114 20.33 16.74 30.07
CA ALA C 114 21.29 17.81 29.69
C ALA C 114 22.03 17.43 28.40
N ARG C 115 21.88 18.26 27.38
CA ARG C 115 22.50 18.10 26.03
C ARG C 115 23.49 19.26 25.80
N ILE C 116 24.37 19.12 24.81
CA ILE C 116 25.33 20.20 24.43
C ILE C 116 24.69 21.03 23.30
N ASP C 117 25.22 22.23 23.07
CA ASP C 117 24.79 23.08 21.94
C ASP C 117 25.29 22.42 20.66
N PRO C 118 24.36 22.12 19.71
CA PRO C 118 24.74 21.59 18.40
C PRO C 118 25.77 22.43 17.64
N PHE C 119 25.91 23.71 18.01
CA PHE C 119 26.81 24.68 17.34
C PHE C 119 28.00 25.04 18.24
N SER C 120 28.27 24.29 19.33
CA SER C 120 29.47 24.54 20.19
C SER C 120 30.70 24.56 19.30
N PRO C 121 31.50 25.65 19.26
CA PRO C 121 32.79 25.61 18.60
C PRO C 121 33.82 24.71 19.30
N GLN C 122 33.51 24.28 20.53
CA GLN C 122 34.42 23.56 21.44
C GLN C 122 33.62 23.07 22.64
N LEU C 123 33.99 21.92 23.22
CA LEU C 123 33.38 21.40 24.46
C LEU C 123 34.42 21.50 25.57
N ALA C 124 33.95 21.71 26.80
CA ALA C 124 34.73 21.52 28.05
C ALA C 124 34.46 20.10 28.50
N VAL C 125 35.52 19.34 28.79
CA VAL C 125 35.44 17.91 29.19
C VAL C 125 36.10 17.75 30.57
N THR C 126 35.67 16.77 31.37
CA THR C 126 36.11 16.56 32.79
C THR C 126 36.06 15.07 33.12
N GLY C 131 33.98 6.70 36.61
CA GLY C 131 34.63 6.93 35.32
C GLY C 131 33.66 7.51 34.28
N THR C 132 32.92 8.56 34.67
CA THR C 132 31.86 9.23 33.87
C THR C 132 32.40 10.58 33.36
N ARG C 133 32.07 10.92 32.11
CA ARG C 133 32.53 12.17 31.43
C ARG C 133 31.41 13.22 31.42
N ASN C 134 31.68 14.43 31.90
CA ASN C 134 30.80 15.62 31.75
C ASN C 134 31.23 16.40 30.49
N PHE C 135 30.29 16.66 29.57
CA PHE C 135 30.45 17.51 28.36
C PHE C 135 29.64 18.80 28.49
N ASN C 136 30.33 19.94 28.53
CA ASN C 136 29.75 21.31 28.55
C ASN C 136 30.13 22.02 27.25
N SER C 137 29.23 22.86 26.72
CA SER C 137 29.48 23.90 25.69
C SER C 137 30.16 25.11 26.33
N ILE C 138 30.79 25.98 25.51
CA ILE C 138 31.57 27.17 25.96
C ILE C 138 31.18 28.36 25.07
N VAL C 139 30.73 29.46 25.67
CA VAL C 139 30.50 30.74 24.95
C VAL C 139 31.85 31.18 24.41
N CYS C 140 32.01 31.20 23.09
CA CYS C 140 33.29 31.53 22.43
C CYS C 140 33.23 32.91 21.80
N ASP C 141 34.36 33.62 21.86
CA ASP C 141 34.59 34.94 21.24
C ASP C 141 35.21 34.77 19.86
N ARG C 142 34.37 34.76 18.83
CA ARG C 142 34.76 34.69 17.40
C ARG C 142 35.76 35.80 17.05
N ASN C 143 35.85 36.86 17.86
CA ASN C 143 36.65 38.06 17.49
C ASN C 143 37.95 38.08 18.30
N TYR C 144 38.12 37.15 19.25
CA TYR C 144 39.28 37.09 20.19
C TYR C 144 40.59 36.80 19.43
N PHE C 145 40.60 35.84 18.50
CA PHE C 145 41.84 35.42 17.81
C PHE C 145 42.17 36.49 16.77
N GLN C 146 43.41 37.02 16.81
CA GLN C 146 43.90 38.12 15.94
C GLN C 146 44.59 37.51 14.71
N TRP C 147 43.78 37.25 13.69
CA TRP C 147 44.20 36.72 12.37
C TRP C 147 45.22 37.66 11.74
N THR C 148 46.33 37.11 11.22
CA THR C 148 47.30 37.78 10.31
C THR C 148 47.13 37.26 8.85
N HIS C 149 46.80 35.98 8.64
CA HIS C 149 46.74 35.32 7.29
C HIS C 149 45.53 34.38 7.17
N LYS C 150 44.36 34.79 7.62
CA LYS C 150 43.12 33.98 7.64
C LYS C 150 42.85 33.38 6.25
N HIS C 151 42.98 34.19 5.20
CA HIS C 151 42.71 33.81 3.79
C HIS C 151 43.89 34.29 2.95
N ILE C 152 44.86 33.42 2.64
CA ILE C 152 45.95 33.69 1.67
C ILE C 152 45.38 33.34 0.29
N ASP C 153 46.05 33.71 -0.79
CA ASP C 153 45.61 33.32 -2.16
C ASP C 153 46.51 32.14 -2.51
N LEU C 154 46.09 30.97 -2.04
CA LEU C 154 46.74 29.66 -2.31
C LEU C 154 45.99 28.98 -3.45
N PRO C 155 46.60 28.82 -4.64
CA PRO C 155 45.98 28.02 -5.68
C PRO C 155 45.83 26.57 -5.20
N HIS C 156 44.90 25.86 -5.82
CA HIS C 156 44.91 24.39 -5.89
C HIS C 156 45.35 24.01 -7.30
N PRO C 158 47.92 24.30 -8.96
CA PRO C 158 48.90 23.23 -8.57
C PRO C 158 48.74 22.88 -7.09
N MET C 159 48.80 21.61 -6.75
CA MET C 159 48.58 21.15 -5.35
C MET C 159 49.27 19.81 -5.12
N SER C 160 49.87 19.64 -3.94
CA SER C 160 50.36 18.34 -3.46
C SER C 160 49.97 18.26 -1.97
N ILE C 161 49.51 17.10 -1.52
CA ILE C 161 48.84 16.99 -0.20
C ILE C 161 49.57 15.96 0.66
N TYR C 162 49.78 16.33 1.92
CA TYR C 162 50.37 15.47 2.97
C TYR C 162 49.22 15.12 3.92
N GLU C 163 48.75 13.88 3.85
CA GLU C 163 47.69 13.39 4.76
C GLU C 163 48.31 13.06 6.12
N MET C 164 47.67 13.51 7.19
CA MET C 164 48.21 13.40 8.57
C MET C 164 47.06 13.23 9.55
N HIS C 165 47.35 12.58 10.68
CA HIS C 165 46.43 12.38 11.83
C HIS C 165 47.09 13.05 13.02
N LEU C 166 46.37 13.88 13.75
CA LEU C 166 46.91 14.88 14.72
C LEU C 166 47.74 14.20 15.84
N SER C 167 47.15 13.30 16.63
CA SER C 167 47.80 12.78 17.87
C SER C 167 48.99 11.89 17.51
N THR C 168 49.00 11.26 16.32
CA THR C 168 50.11 10.38 15.87
C THR C 168 51.21 11.23 15.24
N PHE C 169 50.82 12.34 14.62
CA PHE C 169 51.80 13.31 14.07
C PHE C 169 52.55 13.96 15.25
N HIS C 170 51.82 14.55 16.19
CA HIS C 170 52.35 15.25 17.39
C HIS C 170 51.24 15.36 18.43
N ASP C 171 51.31 14.57 19.52
CA ASP C 171 50.24 14.54 20.55
C ASP C 171 50.42 15.69 21.54
N GLY C 172 50.21 16.93 21.09
CA GLY C 172 50.30 18.15 21.91
C GLY C 172 49.27 19.17 21.47
N ASN C 173 49.49 20.44 21.83
CA ASN C 173 48.55 21.56 21.53
C ASN C 173 48.60 21.85 20.02
N TYR C 174 47.46 22.27 19.42
CA TYR C 174 47.37 22.65 17.99
C TYR C 174 48.53 23.59 17.60
N ARG C 175 48.98 24.43 18.54
CA ARG C 175 50.08 25.42 18.32
C ARG C 175 51.39 24.65 18.07
N ASP C 176 51.72 23.66 18.89
CA ASP C 176 52.97 22.88 18.75
C ASP C 176 52.89 22.05 17.46
N ILE C 177 51.71 21.49 17.16
CA ILE C 177 51.44 20.71 15.92
C ILE C 177 51.71 21.60 14.70
N ALA C 178 51.16 22.83 14.73
CA ALA C 178 51.35 23.86 13.68
C ALA C 178 52.84 24.05 13.39
N HIS C 179 53.67 24.15 14.45
CA HIS C 179 55.14 24.44 14.34
C HIS C 179 55.83 23.25 13.65
N LYS C 180 55.52 22.04 14.11
CA LYS C 180 56.06 20.79 13.49
C LYS C 180 55.49 20.64 12.06
N ILE C 181 54.22 20.98 11.79
CA ILE C 181 53.67 20.85 10.41
C ILE C 181 54.55 21.70 9.51
N VAL C 182 54.65 22.99 9.85
CA VAL C 182 55.34 24.01 9.02
C VAL C 182 56.81 23.61 8.91
N ASP C 183 57.46 23.24 10.02
CA ASP C 183 58.91 22.92 10.01
C ASP C 183 59.12 21.76 9.05
N HIS C 184 58.29 20.71 9.17
CA HIS C 184 58.41 19.50 8.32
C HIS C 184 58.01 19.82 6.88
N MET C 185 56.92 20.56 6.67
CA MET C 185 56.41 20.84 5.30
C MET C 185 57.40 21.77 4.59
N SER C 186 58.28 22.45 5.32
CA SER C 186 59.32 23.33 4.74
C SER C 186 60.23 22.50 3.83
N TYR C 187 60.77 21.38 4.30
CA TYR C 187 61.66 20.56 3.45
C TYR C 187 60.83 19.77 2.42
N MET C 188 59.76 19.11 2.87
CA MET C 188 59.01 18.14 2.01
C MET C 188 58.37 18.91 0.85
N GLY C 189 57.90 20.13 1.13
CA GLY C 189 57.38 21.07 0.12
C GLY C 189 55.95 20.79 -0.31
N PHE C 190 55.12 20.11 0.49
CA PHE C 190 53.72 19.88 0.07
C PHE C 190 52.98 21.21 0.21
N THR C 191 52.08 21.54 -0.70
CA THR C 191 51.39 22.86 -0.70
C THR C 191 50.24 22.85 0.31
N HIS C 192 49.62 21.71 0.48
CA HIS C 192 48.44 21.56 1.37
C HIS C 192 48.65 20.35 2.27
N VAL C 193 48.09 20.43 3.46
CA VAL C 193 48.08 19.37 4.50
C VAL C 193 46.64 18.85 4.54
N GLN C 194 46.42 17.52 4.57
CA GLN C 194 45.09 16.90 4.80
C GLN C 194 45.04 16.34 6.23
N ILE C 195 44.26 16.98 7.10
CA ILE C 195 44.17 16.64 8.54
C ILE C 195 42.92 15.79 8.71
N MET C 196 43.11 14.59 9.25
CA MET C 196 42.02 13.62 9.48
C MET C 196 41.06 14.23 10.51
N PRO C 197 39.81 13.75 10.62
CA PRO C 197 38.75 14.52 11.26
C PRO C 197 39.25 15.20 12.54
N PRO C 198 39.32 16.55 12.56
CA PRO C 198 39.80 17.31 13.72
C PRO C 198 38.73 17.74 14.74
N PHE C 199 37.56 17.11 14.70
CA PHE C 199 36.36 17.46 15.51
C PHE C 199 36.26 16.57 16.76
N GLN C 200 35.53 17.07 17.75
CA GLN C 200 35.29 16.38 19.03
C GLN C 200 34.74 14.98 18.75
N THR C 201 35.31 13.98 19.43
CA THR C 201 34.90 12.57 19.36
C THR C 201 35.01 11.97 20.76
N PRO C 202 34.00 11.23 21.23
CA PRO C 202 34.11 10.50 22.49
C PRO C 202 35.03 9.26 22.36
N ILE C 203 35.33 8.80 21.13
CA ILE C 203 36.11 7.55 20.85
C ILE C 203 37.35 7.89 20.02
N HIS C 204 38.49 8.15 20.67
CA HIS C 204 39.77 8.49 20.00
C HIS C 204 40.15 7.44 18.93
N GLN C 205 39.88 6.17 19.17
CA GLN C 205 40.32 5.07 18.28
C GLN C 205 39.34 4.93 17.10
N SER C 206 38.31 5.80 17.02
CA SER C 206 37.46 6.00 15.80
C SER C 206 38.25 6.78 14.74
N TRP C 207 39.41 7.34 15.11
CA TRP C 207 40.33 8.09 14.21
C TRP C 207 39.68 9.46 13.95
N GLY C 208 38.54 9.68 14.61
CA GLY C 208 37.73 10.91 14.58
C GLY C 208 36.60 10.82 13.58
N TYR C 209 36.31 9.66 13.00
CA TYR C 209 35.18 9.50 12.04
C TYR C 209 33.84 9.37 12.79
N LEU C 210 33.84 9.41 14.13
CA LEU C 210 32.59 9.36 14.95
C LEU C 210 32.48 10.65 15.77
N VAL C 211 31.81 11.68 15.24
CA VAL C 211 31.87 13.05 15.83
C VAL C 211 30.66 13.21 16.77
N GLY C 212 30.87 13.80 17.94
CA GLY C 212 29.77 14.19 18.82
C GLY C 212 29.12 15.46 18.30
N CYS C 213 29.77 16.60 18.54
CA CYS C 213 29.34 17.94 18.12
C CYS C 213 30.11 18.32 16.87
N PRO C 214 29.46 18.25 15.70
CA PRO C 214 30.13 18.51 14.42
C PRO C 214 30.78 19.90 14.27
N TYR C 215 30.38 20.91 15.05
CA TYR C 215 30.93 22.30 14.96
C TYR C 215 32.11 22.43 15.90
N ALA C 216 32.28 21.50 16.84
CA ALA C 216 33.33 21.55 17.91
C ALA C 216 34.63 20.97 17.37
N ILE C 217 35.71 21.72 17.56
CA ILE C 217 37.11 21.26 17.35
C ILE C 217 37.49 20.38 18.54
N TYR C 218 38.32 19.36 18.28
CA TYR C 218 38.71 18.30 19.25
C TYR C 218 39.45 18.97 20.42
N GLU C 219 38.92 18.75 21.62
CA GLU C 219 39.44 19.40 22.85
C GLU C 219 40.80 18.79 23.22
N ARG C 220 41.16 17.62 22.69
CA ARG C 220 42.35 16.86 23.10
C ARG C 220 43.60 17.73 22.90
N HIS C 221 43.65 18.53 21.84
CA HIS C 221 44.83 19.34 21.41
C HIS C 221 44.69 20.85 21.75
N GLY C 222 43.74 21.23 22.60
CA GLY C 222 43.57 22.63 23.08
C GLY C 222 42.27 23.23 22.56
N THR C 223 42.26 24.55 22.31
CA THR C 223 41.02 25.36 22.12
C THR C 223 40.75 25.61 20.63
N VAL C 224 39.53 26.05 20.30
CA VAL C 224 39.21 26.47 18.90
C VAL C 224 40.21 27.57 18.49
N ASP C 225 40.72 28.36 19.46
CA ASP C 225 41.59 29.52 19.18
C ASP C 225 43.00 28.97 18.89
N ASP C 226 43.45 27.96 19.64
CA ASP C 226 44.68 27.18 19.31
C ASP C 226 44.53 26.64 17.87
N PHE C 227 43.37 26.10 17.50
CA PHE C 227 43.21 25.57 16.13
C PHE C 227 43.33 26.71 15.11
N LYS C 228 42.73 27.88 15.39
CA LYS C 228 42.82 29.08 14.50
C LYS C 228 44.28 29.46 14.32
N TYR C 229 45.07 29.42 15.41
CA TYR C 229 46.54 29.67 15.39
C TYR C 229 47.19 28.76 14.36
N LEU C 230 46.87 27.47 14.42
CA LEU C 230 47.48 26.47 13.51
C LEU C 230 47.13 26.84 12.07
N VAL C 231 45.88 27.20 11.77
CA VAL C 231 45.53 27.56 10.36
C VAL C 231 46.30 28.82 9.96
N ASN C 232 46.29 29.81 10.86
CA ASN C 232 46.96 31.12 10.65
C ASN C 232 48.45 30.88 10.41
N HIS C 233 49.12 30.08 11.26
CA HIS C 233 50.58 29.80 11.15
C HIS C 233 50.88 29.10 9.82
N CYS C 234 50.15 28.03 9.49
CA CYS C 234 50.31 27.30 8.21
C CYS C 234 50.23 28.29 7.05
N HIS C 235 49.16 29.10 7.02
CA HIS C 235 48.88 30.13 5.98
C HIS C 235 50.02 31.14 5.86
N ALA C 236 50.51 31.66 6.99
CA ALA C 236 51.66 32.62 7.03
C ALA C 236 52.89 31.99 6.37
N HIS C 237 53.00 30.64 6.38
CA HIS C 237 54.10 29.93 5.69
C HIS C 237 53.62 29.26 4.40
N GLY C 238 52.48 29.69 3.82
CA GLY C 238 52.07 29.33 2.44
C GLY C 238 51.50 27.93 2.32
N ILE C 239 50.99 27.35 3.41
CA ILE C 239 50.45 25.96 3.52
C ILE C 239 48.93 26.03 3.57
N GLY C 240 48.25 25.30 2.70
CA GLY C 240 46.79 25.10 2.77
C GLY C 240 46.42 24.08 3.83
N VAL C 241 45.18 24.14 4.28
CA VAL C 241 44.66 23.20 5.29
C VAL C 241 43.31 22.69 4.82
N ILE C 242 43.27 21.39 4.58
CA ILE C 242 42.07 20.62 4.24
C ILE C 242 41.83 19.72 5.44
N VAL C 243 40.59 19.67 5.92
CA VAL C 243 40.15 18.78 7.03
C VAL C 243 39.18 17.76 6.44
N ASP C 244 39.20 16.55 7.01
CA ASP C 244 38.16 15.51 6.85
C ASP C 244 36.92 15.94 7.63
N VAL C 245 35.77 15.86 6.96
CA VAL C 245 34.45 16.15 7.55
C VAL C 245 33.57 14.92 7.38
N PRO C 246 33.30 14.16 8.45
CA PRO C 246 32.34 13.06 8.37
C PRO C 246 30.94 13.65 8.27
N LEU C 247 30.55 14.09 7.08
CA LEU C 247 29.30 14.87 6.87
C LEU C 247 28.06 13.95 6.80
N GLY C 248 28.24 12.64 6.56
CA GLY C 248 27.14 11.68 6.37
C GLY C 248 26.51 11.23 7.68
N PHE C 249 27.15 11.38 8.84
CA PHE C 249 26.68 10.73 10.08
C PHE C 249 27.46 11.22 11.29
N GLY C 250 26.90 11.03 12.49
CA GLY C 250 27.55 11.37 13.78
C GLY C 250 27.57 10.17 14.71
N VAL C 251 28.30 10.25 15.81
CA VAL C 251 28.32 9.15 16.81
C VAL C 251 26.90 9.00 17.38
N GLN C 252 26.58 7.84 17.98
CA GLN C 252 25.22 7.47 18.50
C GLN C 252 25.01 8.12 19.87
N ASP C 253 26.10 8.52 20.55
CA ASP C 253 26.08 9.01 21.96
C ASP C 253 25.20 10.26 22.08
N TRP C 254 24.45 10.36 23.20
CA TRP C 254 23.47 11.43 23.52
C TRP C 254 24.19 12.56 24.26
N ASP C 255 25.08 12.23 25.19
CA ASP C 255 25.70 13.23 26.10
C ASP C 255 26.47 14.29 25.29
N CYS C 256 27.23 13.88 24.27
CA CYS C 256 28.10 14.79 23.48
C CYS C 256 27.56 14.92 22.06
N GLY C 257 26.55 14.13 21.69
CA GLY C 257 26.10 14.01 20.28
C GLY C 257 24.78 14.73 20.08
N LEU C 258 24.10 14.43 18.99
CA LEU C 258 22.91 15.16 18.48
C LEU C 258 21.66 14.28 18.44
N ALA C 259 21.76 12.95 18.66
CA ALA C 259 20.67 12.01 18.33
C ALA C 259 19.60 12.07 19.42
N ASN C 260 18.32 11.91 19.04
CA ASN C 260 17.18 11.93 19.99
C ASN C 260 17.16 13.26 20.77
N TYR C 261 17.49 14.39 20.10
CA TYR C 261 17.93 15.65 20.76
C TYR C 261 16.78 16.27 21.55
N ASP C 262 15.56 16.21 21.02
CA ASP C 262 14.33 16.79 21.62
C ASP C 262 13.35 15.65 21.94
N GLY C 263 13.90 14.47 22.24
CA GLY C 263 13.15 13.23 22.55
C GLY C 263 12.77 12.47 21.30
N THR C 264 13.06 13.03 20.12
CA THR C 264 12.77 12.41 18.79
C THR C 264 14.03 12.52 17.92
N ASP C 265 13.94 12.00 16.70
CA ASP C 265 14.98 12.09 15.66
C ASP C 265 14.86 13.44 14.95
N LEU C 266 15.36 14.48 15.63
CA LEU C 266 15.59 15.82 15.05
C LEU C 266 16.64 15.74 13.92
N TYR C 267 17.90 15.40 14.20
CA TYR C 267 19.00 15.46 13.18
C TYR C 267 19.11 14.23 12.29
N HIS C 268 18.60 13.07 12.70
CA HIS C 268 18.77 11.80 11.93
C HIS C 268 17.44 11.24 11.45
N HIS C 269 17.46 10.51 10.33
CA HIS C 269 16.35 9.64 9.86
C HIS C 269 15.90 8.72 10.99
N SER C 270 14.64 8.29 10.94
CA SER C 270 13.97 7.38 11.89
C SER C 270 14.22 5.94 11.44
N GLY C 271 14.13 4.98 12.34
CA GLY C 271 14.28 3.57 11.95
C GLY C 271 15.61 3.35 11.25
N SER C 272 15.70 2.32 10.41
CA SER C 272 17.00 1.73 10.03
C SER C 272 17.72 2.61 8.99
N ARG C 273 17.02 3.61 8.41
CA ARG C 273 17.60 4.68 7.55
C ARG C 273 18.46 5.62 8.41
N GLY C 274 18.23 5.68 9.72
CA GLY C 274 18.95 6.60 10.62
C GLY C 274 20.14 5.96 11.33
N TRP C 275 20.62 4.80 10.86
CA TRP C 275 21.79 4.08 11.43
C TRP C 275 22.63 3.61 10.24
N ASN C 276 23.92 3.96 10.23
CA ASN C 276 24.91 3.32 9.32
C ASN C 276 25.52 2.14 10.09
N ASN C 277 25.27 0.92 9.62
CA ASN C 277 25.60 -0.35 10.33
C ASN C 277 27.10 -0.69 10.15
N GLN C 278 27.71 -0.36 9.01
CA GLN C 278 29.19 -0.48 8.90
C GLN C 278 29.88 0.29 10.03
N TRP C 279 29.37 1.43 10.50
CA TRP C 279 30.06 2.33 11.49
C TRP C 279 29.35 2.36 12.85
N ASN C 280 28.12 1.88 12.95
CA ASN C 280 27.25 2.03 14.15
C ASN C 280 27.08 3.53 14.47
N SER C 281 26.85 4.30 13.41
CA SER C 281 26.67 5.77 13.46
C SER C 281 25.22 6.15 13.06
N ARG C 282 24.84 7.40 13.32
CA ARG C 282 23.51 7.96 13.01
C ARG C 282 23.60 8.82 11.74
N ILE C 283 22.83 8.47 10.71
CA ILE C 283 22.74 9.15 9.37
C ILE C 283 21.82 10.38 9.44
N TYR C 284 22.24 11.51 8.86
CA TYR C 284 21.50 12.81 8.98
C TYR C 284 20.27 12.77 8.06
N ASN C 285 19.16 13.35 8.54
CA ASN C 285 17.96 13.61 7.70
C ASN C 285 18.18 14.91 6.92
N VAL C 286 18.74 14.81 5.72
CA VAL C 286 19.04 15.97 4.82
C VAL C 286 17.78 16.36 4.00
N GLY C 287 16.63 15.71 4.27
CA GLY C 287 15.31 16.10 3.76
C GLY C 287 14.63 17.10 4.68
N ASP C 288 15.21 17.35 5.86
CA ASP C 288 14.82 18.42 6.81
C ASP C 288 15.70 19.65 6.57
N THR C 289 15.04 20.79 6.32
CA THR C 289 15.63 22.08 5.89
C THR C 289 16.67 22.51 6.93
N TYR C 290 16.30 22.56 8.20
CA TYR C 290 17.20 23.03 9.28
C TYR C 290 18.47 22.17 9.27
N VAL C 291 18.33 20.85 9.01
CA VAL C 291 19.49 19.91 9.08
C VAL C 291 20.36 20.12 7.83
N LYS C 292 19.74 20.20 6.66
CA LYS C 292 20.43 20.64 5.41
C LYS C 292 21.26 21.90 5.71
N ASN C 293 20.67 22.92 6.33
CA ASN C 293 21.40 24.20 6.56
C ASN C 293 22.49 24.00 7.63
N TYR C 294 22.27 23.11 8.60
CA TYR C 294 23.22 22.81 9.70
C TYR C 294 24.50 22.22 9.10
N LEU C 295 24.35 21.24 8.20
CA LEU C 295 25.46 20.51 7.54
C LEU C 295 26.17 21.42 6.51
N ILE C 296 25.44 22.01 5.54
CA ILE C 296 26.09 22.95 4.58
C ILE C 296 26.71 24.09 5.40
N GLY C 297 26.02 24.51 6.45
CA GLY C 297 26.50 25.54 7.38
C GLY C 297 27.90 25.28 7.88
N LEU C 298 28.26 24.02 8.12
CA LEU C 298 29.48 23.63 8.86
C LEU C 298 30.70 23.88 7.95
N CYS C 299 30.53 23.66 6.66
CA CYS C 299 31.59 23.91 5.65
C CYS C 299 31.81 25.43 5.53
N THR C 300 30.73 26.18 5.38
CA THR C 300 30.74 27.67 5.30
C THR C 300 31.50 28.14 6.52
N TYR C 301 31.14 27.57 7.68
CA TYR C 301 31.76 27.87 8.99
C TYR C 301 33.25 27.48 8.98
N LEU C 302 33.62 26.38 8.34
CA LEU C 302 35.05 25.96 8.33
C LEU C 302 35.85 27.07 7.66
N TYR C 303 35.36 27.56 6.53
CA TYR C 303 36.03 28.65 5.77
C TYR C 303 35.98 29.98 6.57
N HIS C 304 34.79 30.50 6.89
CA HIS C 304 34.59 31.88 7.41
C HIS C 304 35.06 32.01 8.87
N GLU C 305 34.79 31.03 9.72
CA GLU C 305 35.19 31.09 11.16
C GLU C 305 36.63 30.57 11.34
N LEU C 306 37.07 29.55 10.59
CA LEU C 306 38.32 28.80 10.92
C LEU C 306 39.36 28.94 9.81
N GLY C 307 38.99 29.57 8.69
CA GLY C 307 39.93 29.90 7.61
C GLY C 307 40.42 28.69 6.82
N ILE C 308 39.78 27.52 7.03
CA ILE C 308 40.13 26.23 6.38
C ILE C 308 39.89 26.38 4.87
N ASP C 309 40.86 25.96 4.07
CA ASP C 309 40.86 26.07 2.60
C ASP C 309 39.91 25.06 1.98
N GLY C 310 39.68 23.93 2.66
CA GLY C 310 38.82 22.87 2.08
C GLY C 310 38.44 21.74 3.01
N ALA C 311 37.52 20.92 2.52
CA ALA C 311 37.02 19.73 3.24
C ALA C 311 37.10 18.52 2.32
N ARG C 312 37.61 17.41 2.85
CA ARG C 312 37.40 16.08 2.23
C ARG C 312 36.15 15.53 2.91
N ILE C 313 35.09 15.34 2.13
CA ILE C 313 33.80 14.79 2.62
C ILE C 313 33.95 13.28 2.64
N ASP C 314 33.92 12.70 3.84
CA ASP C 314 34.19 11.27 4.11
C ASP C 314 32.95 10.42 3.78
N ALA C 315 33.20 9.22 3.23
CA ALA C 315 32.21 8.14 3.12
C ALA C 315 31.05 8.62 2.22
N VAL C 316 31.43 9.28 1.12
CA VAL C 316 30.49 9.85 0.13
C VAL C 316 29.64 8.73 -0.46
N ALA C 317 30.22 7.56 -0.74
CA ALA C 317 29.50 6.43 -1.39
C ALA C 317 28.36 5.94 -0.49
N SER C 318 28.56 5.85 0.82
CA SER C 318 27.50 5.45 1.79
C SER C 318 26.44 6.54 1.91
N GLN C 319 26.74 7.79 1.55
CA GLN C 319 25.74 8.88 1.62
C GLN C 319 24.79 8.77 0.43
N ILE C 320 25.29 8.30 -0.72
CA ILE C 320 24.53 8.36 -2.01
C ILE C 320 24.06 6.98 -2.45
N PHE C 321 24.41 5.90 -1.74
CA PHE C 321 24.05 4.51 -2.14
C PHE C 321 23.48 3.81 -0.92
N PHE C 322 22.31 3.18 -1.03
CA PHE C 322 21.67 2.43 0.08
C PHE C 322 22.42 1.12 0.33
N ASP C 323 23.02 0.57 -0.71
CA ASP C 323 23.49 -0.84 -0.76
C ASP C 323 25.00 -0.95 -0.61
N TYR C 324 25.69 0.12 -0.18
CA TYR C 324 27.16 0.19 -0.26
C TYR C 324 27.70 0.98 0.93
N ASP C 325 28.53 0.34 1.74
CA ASP C 325 29.26 0.94 2.89
C ASP C 325 28.27 1.28 3.99
N ARG C 326 27.07 0.70 3.94
CA ARG C 326 26.07 0.85 5.05
C ARG C 326 26.02 -0.43 5.89
N GLY C 327 26.87 -1.41 5.57
CA GLY C 327 26.91 -2.71 6.28
C GLY C 327 25.87 -3.65 5.71
N PHE C 328 25.20 -4.43 6.58
CA PHE C 328 24.08 -5.35 6.21
C PHE C 328 22.81 -4.85 6.91
N TRP C 329 21.78 -4.51 6.14
CA TRP C 329 20.49 -4.01 6.70
C TRP C 329 19.38 -4.28 5.69
N ASP C 330 18.12 -4.23 6.12
CA ASP C 330 16.96 -4.45 5.21
C ASP C 330 16.71 -3.13 4.49
N TRP C 331 17.48 -2.86 3.42
CA TRP C 331 17.54 -1.59 2.65
C TRP C 331 16.49 -1.63 1.54
N PRO C 332 15.93 -0.46 1.10
CA PRO C 332 14.82 -0.44 0.16
C PRO C 332 15.21 -0.24 -1.32
N ARG C 333 15.06 -1.29 -2.13
CA ARG C 333 15.17 -1.15 -3.61
C ARG C 333 14.26 0.03 -3.96
N ASN C 334 14.77 1.04 -4.67
CA ASN C 334 13.89 2.10 -5.22
C ASN C 334 12.99 1.46 -6.27
N ASP C 335 11.78 1.99 -6.41
CA ASP C 335 10.90 1.73 -7.56
C ASP C 335 11.35 2.67 -8.68
N ARG C 336 11.85 2.13 -9.78
CA ARG C 336 12.35 2.95 -10.91
C ARG C 336 11.20 3.78 -11.52
N GLU C 337 9.96 3.30 -11.42
CA GLU C 337 8.77 4.03 -11.93
C GLU C 337 8.57 5.31 -11.10
N GLN C 338 8.80 5.24 -9.79
CA GLN C 338 8.47 6.31 -8.81
C GLN C 338 9.62 7.31 -8.62
N VAL C 339 10.74 7.18 -9.35
CA VAL C 339 11.90 8.12 -9.28
C VAL C 339 11.49 9.43 -9.99
N GLU C 340 11.55 10.56 -9.27
CA GLU C 340 11.38 11.93 -9.82
C GLU C 340 12.19 12.09 -11.12
N LEU C 341 11.62 12.75 -12.12
CA LEU C 341 12.26 12.99 -13.44
C LEU C 341 13.42 13.99 -13.31
N GLU C 342 13.54 14.71 -12.19
CA GLU C 342 14.73 15.58 -11.94
C GLU C 342 15.89 14.70 -11.41
N ASN C 343 15.59 13.64 -10.65
CA ASN C 343 16.63 12.70 -10.18
C ASN C 343 17.21 11.92 -11.38
N TRP C 344 16.36 11.35 -12.24
CA TRP C 344 16.78 10.72 -13.53
C TRP C 344 17.71 11.68 -14.28
N GLU C 345 17.42 12.99 -14.25
CA GLU C 345 18.14 14.02 -15.01
C GLU C 345 19.54 14.21 -14.39
N LEU C 346 19.65 14.14 -13.05
CA LEU C 346 20.93 14.15 -12.29
C LEU C 346 21.69 12.84 -12.54
N PHE C 347 21.06 11.70 -12.25
CA PHE C 347 21.62 10.34 -12.43
C PHE C 347 22.25 10.18 -13.82
N ASN C 348 21.50 10.50 -14.88
CA ASN C 348 21.98 10.31 -16.27
C ASN C 348 23.15 11.25 -16.54
N ASN C 349 23.07 12.50 -16.08
CA ASN C 349 24.14 13.53 -16.16
C ASN C 349 25.42 13.10 -15.40
N LEU C 350 25.29 12.26 -14.37
CA LEU C 350 26.39 11.66 -13.56
C LEU C 350 27.01 10.48 -14.30
N GLY C 351 26.32 9.96 -15.33
CA GLY C 351 26.85 9.00 -16.32
C GLY C 351 25.93 7.81 -16.56
N GLY C 352 24.86 7.69 -15.78
CA GLY C 352 23.72 6.81 -16.11
C GLY C 352 23.75 5.51 -15.35
N ASP C 353 23.05 4.49 -15.87
CA ASP C 353 22.77 3.21 -15.15
C ASP C 353 23.83 2.17 -15.54
N ARG C 354 23.84 1.08 -14.77
CA ARG C 354 24.77 -0.08 -14.85
C ARG C 354 24.06 -1.26 -14.18
N TYR C 355 24.14 -2.46 -14.77
CA TYR C 355 23.55 -3.69 -14.21
C TYR C 355 24.61 -4.41 -13.35
N PHE C 356 24.27 -4.76 -12.11
CA PHE C 356 25.19 -5.47 -11.20
C PHE C 356 24.82 -6.95 -11.22
N GLU C 357 25.39 -7.66 -12.20
CA GLU C 357 25.24 -9.12 -12.42
C GLU C 357 25.27 -9.85 -11.07
N GLU C 358 26.25 -9.54 -10.21
CA GLU C 358 26.59 -10.34 -8.99
C GLU C 358 25.47 -10.24 -7.95
N ARG C 359 24.70 -9.15 -7.94
CA ARG C 359 23.56 -8.89 -7.00
C ARG C 359 22.23 -8.86 -7.76
N GLY C 360 22.26 -8.53 -9.06
CA GLY C 360 21.19 -8.79 -10.04
C GLY C 360 20.19 -7.65 -10.19
N TYR C 361 20.52 -6.44 -9.73
CA TYR C 361 19.69 -5.20 -9.82
C TYR C 361 20.53 -4.03 -10.37
N TRP C 362 19.84 -3.03 -10.94
CA TRP C 362 20.49 -1.82 -11.51
C TRP C 362 20.90 -0.86 -10.37
N LEU C 363 21.89 -0.01 -10.65
CA LEU C 363 22.39 1.06 -9.74
C LEU C 363 21.21 1.97 -9.32
N SER C 364 20.44 2.43 -10.33
CA SER C 364 19.23 3.31 -10.20
C SER C 364 18.34 2.81 -9.08
N GLU C 365 18.31 1.49 -8.86
CA GLU C 365 17.51 0.86 -7.78
C GLU C 365 18.14 1.09 -6.40
N ALA C 366 19.41 1.50 -6.34
CA ALA C 366 20.22 1.51 -5.08
C ALA C 366 20.55 2.93 -4.61
N VAL C 367 20.51 3.91 -5.49
CA VAL C 367 20.81 5.35 -5.18
C VAL C 367 19.88 5.83 -4.05
N ASP C 368 20.48 6.40 -3.00
CA ASP C 368 19.83 7.31 -2.04
C ASP C 368 19.78 8.72 -2.65
N PHE C 369 18.71 9.03 -3.39
CA PHE C 369 18.60 10.29 -4.17
C PHE C 369 18.56 11.49 -3.21
N ALA C 370 18.05 11.32 -2.00
CA ALA C 370 18.12 12.39 -0.96
C ALA C 370 19.59 12.76 -0.78
N GLY C 371 20.43 11.83 -0.29
CA GLY C 371 21.89 12.01 -0.12
C GLY C 371 22.56 12.63 -1.35
N LEU C 372 22.22 12.13 -2.54
CA LEU C 372 22.82 12.58 -3.82
C LEU C 372 22.43 14.02 -4.10
N ARG C 373 21.13 14.33 -3.92
CA ARG C 373 20.58 15.69 -4.14
C ARG C 373 21.25 16.64 -3.15
N PHE C 374 21.38 16.20 -1.89
CA PHE C 374 21.93 17.00 -0.77
C PHE C 374 23.36 17.48 -1.07
N LEU C 375 24.21 16.59 -1.58
CA LEU C 375 25.63 16.90 -1.89
C LEU C 375 25.69 17.80 -3.13
N ARG C 376 24.77 17.67 -4.09
CA ARG C 376 24.59 18.66 -5.20
C ARG C 376 24.32 20.05 -4.60
N ASP C 377 23.40 20.15 -3.64
CA ASP C 377 22.93 21.43 -3.00
C ASP C 377 24.05 22.01 -2.12
N LEU C 378 24.77 21.16 -1.38
CA LEU C 378 25.95 21.59 -0.57
C LEU C 378 26.80 22.54 -1.43
N HIS C 379 27.18 22.08 -2.62
CA HIS C 379 28.12 22.80 -3.51
C HIS C 379 27.40 24.00 -4.17
N ALA C 380 26.12 23.87 -4.50
CA ALA C 380 25.30 24.93 -5.15
C ALA C 380 25.32 26.15 -4.23
N ARG C 381 25.17 25.90 -2.93
CA ARG C 381 25.15 26.91 -1.85
C ARG C 381 26.56 27.42 -1.53
N LEU C 382 27.60 26.59 -1.56
CA LEU C 382 29.00 27.02 -1.23
C LEU C 382 29.56 27.90 -2.36
N GLN C 383 29.08 27.74 -3.60
CA GLN C 383 29.42 28.60 -4.75
C GLN C 383 29.03 30.06 -4.43
N HIS C 384 28.07 30.28 -3.50
CA HIS C 384 27.61 31.59 -2.95
C HIS C 384 28.29 31.92 -1.62
N THR C 385 28.24 31.02 -0.63
CA THR C 385 28.70 31.33 0.75
C THR C 385 30.22 31.32 0.86
N ALA C 386 30.93 30.54 0.04
CA ALA C 386 32.40 30.33 0.18
C ALA C 386 33.00 29.82 -1.13
N PRO C 387 33.04 30.66 -2.19
CA PRO C 387 33.41 30.19 -3.51
C PRO C 387 34.86 29.73 -3.66
N LYS C 388 35.79 30.16 -2.80
CA LYS C 388 37.23 29.77 -2.90
C LYS C 388 37.45 28.43 -2.19
N PHE C 389 36.47 27.97 -1.41
CA PHE C 389 36.57 26.76 -0.56
C PHE C 389 36.52 25.51 -1.44
N ILE C 390 37.51 24.62 -1.36
CA ILE C 390 37.55 23.39 -2.21
C ILE C 390 37.05 22.19 -1.41
N THR C 391 36.52 21.20 -2.12
CA THR C 391 36.04 19.93 -1.51
C THR C 391 36.62 18.76 -2.29
N ILE C 392 36.81 17.65 -1.58
CA ILE C 392 37.36 16.39 -2.15
C ILE C 392 36.36 15.31 -1.79
N ALA C 393 35.84 14.58 -2.78
CA ALA C 393 34.96 13.42 -2.54
C ALA C 393 35.84 12.25 -2.10
N GLU C 394 35.67 11.72 -0.89
CA GLU C 394 36.23 10.39 -0.53
C GLU C 394 35.16 9.36 -0.90
N GLU C 395 35.14 8.92 -2.16
CA GLU C 395 33.98 8.22 -2.77
C GLU C 395 34.47 6.93 -3.43
N SER C 396 34.17 5.78 -2.83
CA SER C 396 34.96 4.53 -3.01
C SER C 396 34.37 3.64 -4.11
N ARG C 397 33.19 3.96 -4.66
CA ARG C 397 32.51 3.05 -5.62
C ARG C 397 32.87 3.42 -7.06
N ARG C 398 32.97 4.72 -7.35
CA ARG C 398 33.53 5.17 -8.64
C ARG C 398 32.67 4.62 -9.79
N VAL C 399 31.33 4.64 -9.64
CA VAL C 399 30.39 4.19 -10.70
C VAL C 399 29.65 5.38 -11.32
N PHE C 400 29.97 6.62 -10.92
CA PHE C 400 29.56 7.86 -11.61
C PHE C 400 30.79 8.60 -12.14
N PRO C 401 31.04 8.57 -13.47
CA PRO C 401 32.14 9.32 -14.07
C PRO C 401 32.22 10.83 -13.84
N LYS C 402 31.12 11.47 -13.47
CA LYS C 402 31.00 12.95 -13.44
C LYS C 402 30.59 13.41 -12.03
N LEU C 403 30.85 12.58 -11.01
CA LEU C 403 30.61 12.92 -9.58
C LEU C 403 31.28 14.24 -9.23
N ALA C 404 32.58 14.37 -9.49
CA ALA C 404 33.38 15.58 -9.17
C ALA C 404 33.51 16.42 -10.45
N CYS C 405 32.37 16.91 -10.93
CA CYS C 405 32.25 17.91 -12.03
C CYS C 405 31.38 19.04 -11.50
N PRO C 406 31.51 20.27 -12.03
CA PRO C 406 30.67 21.37 -11.56
C PRO C 406 29.18 21.01 -11.69
N VAL C 407 28.36 21.62 -10.84
CA VAL C 407 26.90 21.36 -10.79
C VAL C 407 26.28 21.61 -12.19
N ASP C 408 26.64 22.71 -12.84
CA ASP C 408 26.00 23.11 -14.13
C ASP C 408 26.48 22.21 -15.28
N GLU C 409 27.45 21.31 -15.05
CA GLU C 409 27.97 20.37 -16.09
C GLU C 409 27.43 18.96 -15.79
N GLY C 410 26.58 18.82 -14.78
CA GLY C 410 25.86 17.58 -14.50
C GLY C 410 26.45 16.76 -13.35
N GLY C 411 27.42 17.32 -12.61
CA GLY C 411 28.05 16.64 -11.45
C GLY C 411 27.43 17.04 -10.13
N LEU C 412 28.08 16.66 -9.02
CA LEU C 412 27.67 17.02 -7.65
C LEU C 412 28.37 18.29 -7.21
N GLY C 413 29.36 18.76 -7.98
CA GLY C 413 30.11 20.00 -7.68
C GLY C 413 31.45 19.82 -6.96
N PHE C 414 31.83 18.62 -6.50
CA PHE C 414 33.12 18.40 -5.78
C PHE C 414 34.30 18.92 -6.63
N THR C 415 35.18 19.70 -6.03
CA THR C 415 36.37 20.19 -6.76
C THR C 415 37.17 18.97 -7.20
N TYR C 416 37.28 17.95 -6.33
CA TYR C 416 38.11 16.75 -6.61
C TYR C 416 37.34 15.49 -6.21
N ALA C 417 37.69 14.39 -6.87
CA ALA C 417 37.45 13.04 -6.37
C ALA C 417 38.81 12.46 -5.96
N GLN C 418 38.83 11.62 -4.94
CA GLN C 418 40.03 10.83 -4.56
C GLN C 418 40.11 9.60 -5.45
N ASN C 419 41.33 9.21 -5.84
CA ASN C 419 41.61 8.06 -6.74
C ASN C 419 41.43 6.70 -6.04
N MET C 420 40.46 6.55 -5.17
CA MET C 420 40.04 5.25 -4.55
C MET C 420 39.94 4.13 -5.59
N GLY C 421 40.57 3.00 -5.29
CA GLY C 421 40.63 1.82 -6.17
C GLY C 421 41.81 1.87 -7.11
N GLU C 422 42.36 3.05 -7.39
CA GLU C 422 43.35 3.19 -8.48
C GLU C 422 44.65 2.50 -8.06
N MET C 423 45.20 2.79 -6.88
CA MET C 423 46.53 2.25 -6.52
C MET C 423 46.46 0.72 -6.44
N HIS C 424 45.31 0.16 -6.05
CA HIS C 424 45.11 -1.31 -5.99
C HIS C 424 45.35 -1.89 -7.39
N ARG C 425 44.87 -1.23 -8.44
CA ARG C 425 44.96 -1.72 -9.84
C ARG C 425 46.41 -1.61 -10.35
N ILE C 426 47.06 -0.49 -10.03
CA ILE C 426 48.46 -0.19 -10.40
C ILE C 426 49.37 -1.18 -9.67
N ARG C 427 49.06 -1.51 -8.41
CA ARG C 427 49.91 -2.43 -7.62
C ARG C 427 49.78 -3.85 -8.19
N SER C 428 48.60 -4.24 -8.66
CA SER C 428 48.33 -5.56 -9.29
C SER C 428 49.13 -5.68 -10.59
N TYR C 429 49.06 -4.66 -11.43
CA TYR C 429 49.85 -4.57 -12.69
C TYR C 429 51.33 -4.79 -12.37
N LEU C 430 51.88 -4.04 -11.40
CA LEU C 430 53.30 -4.08 -11.01
C LEU C 430 53.67 -5.42 -10.33
N GLN C 431 52.74 -6.16 -9.75
CA GLN C 431 53.05 -7.49 -9.14
C GLN C 431 53.23 -8.53 -10.25
N ILE C 432 52.71 -8.26 -11.45
CA ILE C 432 52.84 -9.21 -12.59
C ILE C 432 54.24 -9.00 -13.14
N PRO C 433 54.98 -10.10 -13.45
CA PRO C 433 56.31 -9.98 -14.05
C PRO C 433 56.21 -9.35 -15.45
N ILE C 434 57.21 -8.57 -15.86
CA ILE C 434 57.17 -7.71 -17.08
C ILE C 434 56.95 -8.57 -18.33
N GLU C 435 57.45 -9.81 -18.32
CA GLU C 435 57.37 -10.76 -19.46
C GLU C 435 55.89 -11.09 -19.74
N HIS C 436 55.02 -11.01 -18.73
CA HIS C 436 53.59 -11.46 -18.81
C HIS C 436 52.60 -10.30 -18.64
N ARG C 437 53.00 -9.05 -18.86
CA ARG C 437 52.09 -7.89 -18.76
C ARG C 437 52.33 -7.00 -19.97
N LEU C 438 51.31 -6.21 -20.35
CA LEU C 438 51.36 -5.29 -21.49
C LEU C 438 51.48 -3.85 -20.96
N ILE C 439 52.41 -3.07 -21.52
CA ILE C 439 52.54 -1.63 -21.14
C ILE C 439 51.16 -0.95 -21.31
N GLU C 440 50.33 -1.42 -22.24
CA GLU C 440 49.02 -0.78 -22.55
C GLU C 440 48.14 -0.83 -21.28
N HIS C 441 48.28 -1.86 -20.44
CA HIS C 441 47.52 -2.00 -19.17
C HIS C 441 47.77 -0.80 -18.27
N ILE C 442 49.01 -0.32 -18.16
CA ILE C 442 49.31 0.84 -17.28
C ILE C 442 48.94 2.12 -18.04
N GLU C 443 49.15 2.17 -19.37
CA GLU C 443 48.80 3.36 -20.21
C GLU C 443 47.29 3.66 -20.10
N ILE C 444 46.44 2.65 -20.10
CA ILE C 444 44.95 2.80 -19.97
C ILE C 444 44.57 3.39 -18.59
N LEU C 445 45.22 2.98 -17.50
CA LEU C 445 44.97 3.56 -16.15
C LEU C 445 45.41 5.03 -16.12
N ILE C 446 46.50 5.38 -16.79
CA ILE C 446 47.06 6.76 -16.80
C ILE C 446 46.20 7.62 -17.72
N HIS C 447 46.05 7.24 -18.99
CA HIS C 447 45.22 7.96 -20.02
C HIS C 447 43.77 7.47 -19.92
N ASN C 448 43.07 7.83 -18.84
CA ASN C 448 41.81 7.15 -18.40
C ASN C 448 40.58 7.99 -18.79
N ASN C 449 40.79 9.10 -19.48
CA ASN C 449 39.78 10.02 -20.05
C ASN C 449 38.89 10.62 -18.94
N SER C 450 39.33 10.60 -17.67
CA SER C 450 38.55 11.10 -16.49
C SER C 450 37.94 12.48 -16.82
N ALA C 451 36.68 12.70 -16.44
CA ALA C 451 36.01 14.03 -16.48
C ALA C 451 36.31 14.77 -15.17
N GLU C 452 36.93 14.08 -14.21
CA GLU C 452 37.14 14.63 -12.85
C GLU C 452 38.58 15.12 -12.66
N LYS C 453 38.77 16.10 -11.78
CA LYS C 453 40.08 16.47 -11.21
C LYS C 453 40.29 15.57 -10.00
N MET C 454 41.46 14.91 -9.97
CA MET C 454 41.76 13.75 -9.08
C MET C 454 42.86 14.12 -8.08
N VAL C 455 42.64 13.84 -6.81
CA VAL C 455 43.71 13.67 -5.81
C VAL C 455 44.26 12.26 -6.03
N ASN C 456 45.48 12.17 -6.57
CA ASN C 456 46.17 10.89 -6.87
C ASN C 456 47.00 10.49 -5.65
N ALA C 457 46.39 9.80 -4.70
CA ALA C 457 47.07 9.32 -3.49
C ALA C 457 47.89 8.08 -3.84
N MET C 458 49.18 8.09 -3.49
CA MET C 458 50.09 6.90 -3.54
C MET C 458 49.71 5.90 -2.46
N ASN C 459 49.15 6.38 -1.36
CA ASN C 459 48.83 5.59 -0.16
C ASN C 459 48.01 6.52 0.73
N THR C 460 47.17 5.98 1.61
CA THR C 460 46.26 6.72 2.52
C THR C 460 46.33 6.06 3.89
N HIS C 461 45.85 6.72 4.95
CA HIS C 461 45.80 6.15 6.31
C HIS C 461 45.18 4.73 6.22
N ASP C 462 44.18 4.56 5.34
CA ASP C 462 43.37 3.33 5.21
C ASP C 462 44.17 2.16 4.59
N GLU C 463 44.80 2.36 3.44
CA GLU C 463 45.62 1.34 2.73
C GLU C 463 46.82 0.88 3.56
N CYS C 464 47.14 1.50 4.69
CA CYS C 464 48.28 1.03 5.50
C CYS C 464 47.87 0.83 6.96
N ALA C 465 46.59 0.57 7.20
CA ALA C 465 46.01 0.20 8.50
C ALA C 465 45.78 -1.32 8.58
N ASN C 466 45.51 -1.84 9.78
CA ASN C 466 44.93 -3.20 10.02
C ASN C 466 45.72 -4.27 9.25
N GLY C 467 47.05 -4.27 9.37
CA GLY C 467 47.87 -5.37 8.86
C GLY C 467 48.09 -5.33 7.35
N LYS C 468 47.54 -4.35 6.65
CA LYS C 468 47.73 -4.21 5.19
C LYS C 468 49.23 -4.00 4.87
N VAL C 469 49.66 -4.52 3.73
CA VAL C 469 51.06 -4.34 3.25
C VAL C 469 51.16 -2.93 2.67
N ARG C 470 52.05 -2.12 3.21
CA ARG C 470 52.36 -0.77 2.66
C ARG C 470 53.08 -0.92 1.31
N LEU C 471 52.88 0.05 0.41
CA LEU C 471 53.36 0.05 -0.99
C LEU C 471 54.86 -0.28 -1.03
N ILE C 472 55.66 0.36 -0.16
CA ILE C 472 57.14 0.24 -0.18
C ILE C 472 57.53 -1.18 0.22
N THR C 473 56.88 -1.77 1.20
CA THR C 473 57.14 -3.16 1.60
C THR C 473 56.95 -4.03 0.36
N GLU C 474 55.82 -3.82 -0.33
CA GLU C 474 55.38 -4.71 -1.43
C GLU C 474 56.33 -4.52 -2.61
N LEU C 475 56.86 -3.32 -2.84
CA LEU C 475 57.80 -3.11 -3.98
C LEU C 475 59.10 -3.89 -3.70
N GLY C 476 59.46 -4.13 -2.43
CA GLY C 476 60.61 -4.97 -2.06
C GLY C 476 61.88 -4.17 -1.77
N ASN C 477 62.11 -3.08 -2.48
CA ASN C 477 63.16 -2.08 -2.13
C ASN C 477 62.65 -0.71 -2.59
N HIS C 478 63.34 0.37 -2.24
CA HIS C 478 62.86 1.76 -2.47
C HIS C 478 63.12 2.22 -3.92
N ILE C 479 63.92 1.53 -4.72
CA ILE C 479 64.29 2.03 -6.07
C ILE C 479 63.03 2.20 -6.94
N PRO C 480 62.14 1.19 -7.05
CA PRO C 480 60.91 1.36 -7.83
C PRO C 480 59.99 2.47 -7.30
N LEU C 481 60.10 2.81 -6.01
CA LEU C 481 59.21 3.83 -5.37
C LEU C 481 59.54 5.22 -5.93
N ILE C 482 60.83 5.52 -6.02
CA ILE C 482 61.38 6.80 -6.56
C ILE C 482 60.63 7.17 -7.84
N GLY C 483 60.66 6.28 -8.84
CA GLY C 483 60.02 6.50 -10.16
C GLY C 483 58.50 6.50 -10.04
N LEU C 484 57.94 5.65 -9.18
CA LEU C 484 56.46 5.53 -9.10
C LEU C 484 55.92 6.88 -8.59
N ALA C 485 56.62 7.52 -7.66
CA ALA C 485 56.24 8.85 -7.13
C ALA C 485 56.43 9.89 -8.23
N ALA C 486 57.41 9.71 -9.09
CA ALA C 486 57.59 10.60 -10.25
C ALA C 486 56.32 10.49 -11.10
N LEU C 487 55.98 9.27 -11.51
CA LEU C 487 54.77 9.06 -12.34
C LEU C 487 53.59 9.80 -11.69
N CYS C 488 53.41 9.68 -10.39
CA CYS C 488 52.25 10.25 -9.68
C CYS C 488 52.30 11.78 -9.72
N TRP C 489 53.51 12.34 -9.64
CA TRP C 489 53.70 13.81 -9.60
C TRP C 489 53.49 14.40 -11.00
N PHE C 490 53.82 13.66 -12.07
CA PHE C 490 53.84 14.23 -13.44
C PHE C 490 52.50 14.06 -14.14
N ARG C 491 51.67 13.12 -13.69
CA ARG C 491 50.32 12.95 -14.28
C ARG C 491 49.44 14.06 -13.72
N PRO C 492 48.38 14.49 -14.46
CA PRO C 492 47.46 15.51 -14.00
C PRO C 492 46.68 15.10 -12.74
N GLY C 493 46.78 15.92 -11.71
CA GLY C 493 46.11 15.72 -10.42
C GLY C 493 47.00 16.17 -9.27
N ALA C 494 46.44 16.19 -8.07
CA ALA C 494 47.14 16.55 -6.82
C ALA C 494 47.64 15.24 -6.23
N PRO C 495 48.97 14.99 -6.24
CA PRO C 495 49.53 13.83 -5.57
C PRO C 495 49.33 13.98 -4.06
N MET C 496 49.10 12.85 -3.40
CA MET C 496 48.93 12.75 -1.93
C MET C 496 49.78 11.60 -1.40
N ILE C 497 50.37 11.76 -0.21
CA ILE C 497 50.96 10.65 0.59
C ILE C 497 50.49 10.77 2.03
N PHE C 498 50.71 9.74 2.84
CA PHE C 498 50.31 9.70 4.27
C PHE C 498 51.56 9.80 5.14
N GLN C 499 51.42 10.39 6.32
CA GLN C 499 52.57 10.60 7.25
C GLN C 499 53.42 9.33 7.34
N GLY C 500 54.72 9.47 7.10
CA GLY C 500 55.70 8.39 7.12
C GLY C 500 56.16 8.01 5.74
N ASP C 501 55.33 8.23 4.72
CA ASP C 501 55.69 7.85 3.33
C ASP C 501 56.89 8.70 2.87
N GLU C 502 57.00 9.95 3.34
CA GLU C 502 58.14 10.84 3.01
C GLU C 502 59.50 10.19 3.33
N PHE C 503 59.58 9.26 4.30
CA PHE C 503 60.84 8.53 4.62
C PHE C 503 60.66 6.99 4.67
N GLY C 504 59.79 6.42 3.84
CA GLY C 504 59.69 4.96 3.62
C GLY C 504 59.27 4.18 4.87
N GLU C 505 58.33 4.70 5.65
CA GLU C 505 57.75 4.01 6.85
C GLU C 505 57.12 2.69 6.38
N GLU C 506 57.46 1.56 6.99
CA GLU C 506 56.89 0.23 6.61
C GLU C 506 55.78 -0.21 7.58
N GLY C 507 55.72 0.34 8.79
CA GLY C 507 54.71 0.01 9.81
C GLY C 507 53.30 0.41 9.38
N TYR C 508 52.32 -0.01 10.18
CA TYR C 508 50.86 0.21 9.98
C TYR C 508 50.45 1.53 10.62
N PHE C 509 49.30 2.03 10.18
CA PHE C 509 48.63 3.17 10.85
C PHE C 509 47.72 2.60 11.93
N ASP C 510 47.77 3.20 13.10
CA ASP C 510 46.80 3.02 14.21
C ASP C 510 47.06 4.18 15.17
N VAL C 511 46.28 4.30 16.23
CA VAL C 511 46.43 5.46 17.18
C VAL C 511 47.22 5.03 18.42
N PHE C 512 48.06 3.98 18.36
CA PHE C 512 48.74 3.39 19.54
C PHE C 512 50.25 3.73 19.60
N HIS C 513 50.77 4.40 18.56
CA HIS C 513 52.17 4.93 18.45
C HIS C 513 52.22 6.12 17.48
N GLY C 514 53.27 6.94 17.56
CA GLY C 514 53.44 8.14 16.71
C GLY C 514 54.13 7.84 15.38
N VAL C 515 54.18 8.81 14.49
CA VAL C 515 55.21 8.89 13.43
C VAL C 515 56.59 8.71 14.10
N ASP C 516 57.46 7.94 13.46
CA ASP C 516 58.85 7.72 13.93
C ASP C 516 59.73 8.86 13.39
N TRP C 517 60.03 9.87 14.21
CA TRP C 517 60.76 11.10 13.82
C TRP C 517 62.27 10.85 13.74
N SER C 518 62.76 9.70 14.22
CA SER C 518 64.17 9.27 14.01
C SER C 518 64.41 8.93 12.53
N LYS C 519 63.35 8.61 11.78
CA LYS C 519 63.50 8.34 10.32
C LYS C 519 63.71 9.67 9.57
N THR C 520 63.59 10.79 10.28
CA THR C 520 64.19 12.09 9.87
C THR C 520 65.26 12.47 10.92
N GLY C 521 65.95 13.55 10.68
CA GLY C 521 67.04 13.98 11.56
C GLY C 521 68.38 13.42 11.10
N PRO C 522 69.44 13.76 11.85
CA PRO C 522 70.80 13.41 11.44
C PRO C 522 71.12 11.91 11.39
N TYR C 523 70.36 11.08 12.14
CA TYR C 523 70.70 9.65 12.38
C TYR C 523 69.86 8.72 11.50
N ALA C 524 69.05 9.25 10.61
CA ALA C 524 68.15 8.46 9.74
C ALA C 524 69.01 7.65 8.75
N ALA C 525 68.44 6.58 8.20
CA ALA C 525 69.10 5.68 7.24
C ALA C 525 69.18 6.35 5.88
N LEU C 526 70.14 5.94 5.06
CA LEU C 526 70.40 6.56 3.74
C LEU C 526 69.09 6.53 2.91
N HIS C 527 68.36 5.42 2.95
CA HIS C 527 67.24 5.17 2.00
C HIS C 527 66.09 6.12 2.38
N GLN C 528 65.98 6.45 3.68
CA GLN C 528 64.97 7.37 4.25
C GLN C 528 65.21 8.79 3.72
N GLN C 529 66.47 9.24 3.76
CA GLN C 529 66.90 10.52 3.16
C GLN C 529 66.67 10.50 1.64
N GLN C 530 66.92 9.36 1.01
CA GLN C 530 66.82 9.28 -0.46
C GLN C 530 65.36 9.44 -0.89
N ILE C 531 64.43 8.78 -0.20
CA ILE C 531 62.99 8.78 -0.56
C ILE C 531 62.50 10.23 -0.37
N SER C 532 62.98 10.83 0.71
CA SER C 532 62.62 12.18 1.16
C SER C 532 63.12 13.20 0.15
N ASN C 533 64.35 13.05 -0.32
CA ASN C 533 64.95 13.97 -1.32
C ASN C 533 64.08 13.97 -2.57
N ASN C 534 63.68 12.78 -3.00
CA ASN C 534 62.84 12.59 -4.20
C ASN C 534 61.53 13.40 -4.07
N PHE C 535 60.84 13.31 -2.93
CA PHE C 535 59.59 14.06 -2.67
C PHE C 535 59.90 15.56 -2.63
N HIS C 536 61.04 15.97 -2.06
CA HIS C 536 61.48 17.40 -2.08
C HIS C 536 61.60 17.88 -3.54
N ASP C 537 62.29 17.14 -4.40
CA ASP C 537 62.58 17.64 -5.76
C ASP C 537 61.27 17.72 -6.56
N LEU C 538 60.39 16.74 -6.35
CA LEU C 538 59.14 16.59 -7.13
C LEU C 538 58.20 17.73 -6.76
N ASN C 539 58.13 18.09 -5.48
CA ASN C 539 57.30 19.22 -4.99
C ASN C 539 57.86 20.57 -5.49
N GLN C 540 59.19 20.71 -5.71
CA GLN C 540 59.80 21.95 -6.27
C GLN C 540 59.29 22.10 -7.71
N LEU C 541 59.44 21.05 -8.52
CA LEU C 541 58.92 21.03 -9.91
C LEU C 541 57.41 21.33 -9.90
N LEU C 542 56.63 20.61 -9.09
CA LEU C 542 55.16 20.79 -8.98
C LEU C 542 54.83 22.25 -8.60
N ARG C 543 55.64 22.90 -7.77
CA ARG C 543 55.40 24.28 -7.29
C ARG C 543 55.65 25.30 -8.42
N HIS C 544 56.60 25.05 -9.32
CA HIS C 544 57.19 26.08 -10.19
C HIS C 544 56.98 25.79 -11.68
N GLU C 545 56.58 24.59 -12.07
CA GLU C 545 56.42 24.24 -13.51
C GLU C 545 55.00 24.55 -13.94
N PRO C 546 54.77 25.49 -14.87
CA PRO C 546 53.43 25.68 -15.47
C PRO C 546 52.75 24.40 -16.01
N ALA C 547 53.51 23.45 -16.55
CA ALA C 547 52.94 22.19 -17.11
C ALA C 547 52.49 21.22 -16.01
N LEU C 548 52.80 21.45 -14.73
CA LEU C 548 52.23 20.61 -13.62
C LEU C 548 51.11 21.36 -12.87
N ALA C 549 50.76 22.58 -13.29
CA ALA C 549 49.68 23.39 -12.66
C ALA C 549 48.32 22.71 -12.81
N ARG C 550 47.95 22.30 -14.03
CA ARG C 550 46.53 21.97 -14.34
C ARG C 550 46.27 20.51 -13.96
N HIS C 551 45.07 20.24 -13.44
CA HIS C 551 44.65 18.89 -13.00
C HIS C 551 43.65 18.26 -13.99
N GLY C 552 43.16 19.03 -14.96
CA GLY C 552 42.39 18.51 -16.11
C GLY C 552 43.22 17.55 -16.95
N ILE C 553 42.70 16.36 -17.25
CA ILE C 553 43.49 15.28 -17.90
C ILE C 553 43.91 15.71 -19.32
N ASN C 554 43.20 16.64 -19.93
CA ASN C 554 43.51 17.16 -21.29
C ASN C 554 44.76 18.04 -21.22
N SER C 555 45.36 18.25 -20.05
CA SER C 555 46.74 18.84 -19.99
C SER C 555 47.80 17.77 -20.27
N MET C 556 47.41 16.51 -20.54
CA MET C 556 48.32 15.38 -20.82
C MET C 556 47.92 14.72 -22.14
N ILE C 557 48.91 14.33 -22.95
CA ILE C 557 48.72 13.57 -24.21
C ILE C 557 49.68 12.38 -24.21
N ARG C 558 49.19 11.19 -24.60
CA ARG C 558 50.01 10.01 -24.97
C ARG C 558 51.15 10.46 -25.89
N ASN C 559 52.40 10.10 -25.57
CA ASN C 559 53.61 10.43 -26.38
C ASN C 559 54.38 9.14 -26.74
N GLY C 560 53.67 8.05 -27.03
CA GLY C 560 54.26 6.81 -27.58
C GLY C 560 54.60 5.82 -26.47
N SER C 561 54.72 4.54 -26.81
CA SER C 561 55.14 3.47 -25.88
C SER C 561 55.76 2.32 -26.68
N ASN C 562 56.44 1.39 -26.01
CA ASN C 562 57.02 0.18 -26.63
C ASN C 562 56.94 -0.95 -25.62
N ASN C 563 56.18 -1.97 -25.98
CA ASN C 563 55.78 -3.04 -25.04
C ASN C 563 56.99 -3.92 -24.69
N GLU C 564 57.83 -4.28 -25.67
CA GLU C 564 58.98 -5.23 -25.49
C GLU C 564 60.02 -4.60 -24.55
N ARG C 565 60.29 -3.32 -24.76
CA ARG C 565 61.27 -2.52 -23.98
C ARG C 565 60.58 -1.99 -22.72
N LYS C 566 59.25 -2.10 -22.67
CA LYS C 566 58.48 -1.73 -21.45
C LYS C 566 58.75 -0.27 -21.09
N TRP C 567 58.66 0.65 -22.07
CA TRP C 567 58.68 2.12 -21.79
C TRP C 567 57.46 2.78 -22.42
N PHE C 568 56.97 3.83 -21.77
CA PHE C 568 55.91 4.72 -22.33
C PHE C 568 56.29 6.15 -21.99
N SER C 569 55.78 7.09 -22.79
CA SER C 569 56.01 8.54 -22.65
C SER C 569 54.67 9.29 -22.75
N PHE C 570 54.60 10.45 -22.10
CA PHE C 570 53.47 11.39 -22.21
C PHE C 570 54.05 12.79 -22.10
N ILE C 571 53.30 13.77 -22.59
CA ILE C 571 53.68 15.20 -22.50
C ILE C 571 52.68 15.87 -21.57
N ARG C 572 53.14 16.78 -20.74
CA ARG C 572 52.30 17.75 -19.99
C ARG C 572 52.46 19.11 -20.70
N TRP C 573 51.35 19.65 -21.21
CA TRP C 573 51.34 20.92 -21.99
C TRP C 573 51.70 22.09 -21.06
N GLY C 574 52.61 22.96 -21.48
CA GLY C 574 52.98 24.16 -20.70
C GLY C 574 51.90 25.24 -20.75
N GLY C 575 51.15 25.30 -21.86
CA GLY C 575 50.07 26.29 -22.09
C GLY C 575 48.94 25.65 -22.87
N ASP C 576 48.31 26.40 -23.80
CA ASP C 576 47.03 26.02 -24.47
C ASP C 576 47.26 25.43 -25.86
N VAL C 577 48.50 25.36 -26.33
CA VAL C 577 48.82 24.92 -27.73
C VAL C 577 49.46 23.51 -27.69
N GLY C 578 48.90 22.59 -28.49
CA GLY C 578 49.40 21.22 -28.73
C GLY C 578 50.25 21.11 -29.97
N PHE C 579 50.14 20.00 -30.71
CA PHE C 579 50.97 19.66 -31.88
C PHE C 579 50.61 20.50 -33.11
N GLU C 580 49.60 21.39 -33.03
CA GLU C 580 49.11 22.19 -34.19
C GLU C 580 50.15 23.28 -34.53
N SER C 581 50.85 23.84 -33.54
CA SER C 581 52.03 24.72 -33.76
C SER C 581 53.29 23.87 -33.68
N SER C 582 54.42 24.42 -34.13
CA SER C 582 55.78 23.87 -33.95
C SER C 582 56.74 24.98 -33.49
N ASP C 583 56.19 26.10 -33.02
CA ASP C 583 56.95 27.28 -32.54
C ASP C 583 57.48 27.01 -31.13
N PRO C 584 58.79 27.17 -30.86
CA PRO C 584 59.31 27.19 -29.50
C PRO C 584 58.50 28.05 -28.52
N LYS C 585 58.07 29.24 -28.95
CA LYS C 585 57.34 30.22 -28.09
C LYS C 585 56.14 29.54 -27.42
N ASP C 586 55.48 28.63 -28.14
CA ASP C 586 54.22 27.94 -27.74
C ASP C 586 54.52 26.81 -26.72
N HIS C 587 55.73 26.24 -26.69
CA HIS C 587 56.05 24.94 -26.04
C HIS C 587 57.19 25.01 -25.03
N LYS C 588 57.60 26.19 -24.60
CA LYS C 588 58.86 26.39 -23.81
C LYS C 588 58.71 25.80 -22.41
N ASP C 589 57.49 25.52 -21.95
CA ASP C 589 57.19 24.99 -20.59
C ASP C 589 56.53 23.60 -20.66
N ASP C 590 56.44 23.01 -21.86
CA ASP C 590 56.02 21.60 -22.07
C ASP C 590 56.97 20.71 -21.28
N ILE C 591 56.45 19.64 -20.69
CA ILE C 591 57.28 18.60 -20.00
C ILE C 591 57.06 17.28 -20.73
N ILE C 592 58.18 16.69 -21.17
CA ILE C 592 58.23 15.38 -21.84
C ILE C 592 58.59 14.36 -20.75
N PHE C 593 57.65 13.51 -20.38
CA PHE C 593 57.84 12.41 -19.40
C PHE C 593 58.09 11.07 -20.10
N VAL C 594 59.13 10.35 -19.64
CA VAL C 594 59.44 8.94 -20.04
C VAL C 594 59.66 8.07 -18.79
N ARG C 595 58.98 6.92 -18.77
CA ARG C 595 59.08 5.86 -17.74
C ARG C 595 59.56 4.55 -18.38
N ASN C 596 60.67 4.03 -17.89
CA ASN C 596 61.15 2.67 -18.23
C ASN C 596 60.83 1.75 -17.06
N GLU C 597 60.07 0.69 -17.32
CA GLU C 597 59.63 -0.32 -16.31
C GLU C 597 60.55 -1.55 -16.28
N THR C 598 61.51 -1.68 -17.22
CA THR C 598 62.46 -2.82 -17.27
C THR C 598 63.38 -2.74 -16.06
N PRO C 599 63.44 -3.79 -15.21
CA PRO C 599 64.34 -3.78 -14.05
C PRO C 599 65.78 -4.19 -14.40
N TYR C 600 65.98 -4.80 -15.57
CA TYR C 600 67.26 -5.43 -15.96
C TYR C 600 68.16 -4.41 -16.66
N PRO C 601 69.49 -4.47 -16.48
CA PRO C 601 70.38 -3.50 -17.14
C PRO C 601 70.63 -3.85 -18.62
N VAL C 602 69.61 -3.74 -19.48
CA VAL C 602 69.68 -4.19 -20.91
C VAL C 602 69.30 -3.04 -21.84
N GLU C 603 68.79 -3.41 -23.03
CA GLU C 603 68.57 -2.51 -24.20
C GLU C 603 67.24 -1.76 -24.02
N CYS C 604 67.31 -0.49 -23.67
CA CYS C 604 66.11 0.35 -23.77
C CYS C 604 66.42 1.60 -24.58
N HIS C 605 66.50 1.42 -25.90
CA HIS C 605 66.63 2.51 -26.90
C HIS C 605 65.25 3.15 -26.99
N ALA C 606 65.17 4.47 -26.88
CA ALA C 606 63.90 5.20 -26.80
C ALA C 606 63.82 6.22 -27.94
N GLU C 607 62.66 6.26 -28.60
CA GLU C 607 62.32 7.25 -29.64
C GLU C 607 61.21 8.13 -29.05
N ILE C 608 61.55 9.33 -28.59
CA ILE C 608 60.59 10.22 -27.87
C ILE C 608 60.22 11.41 -28.77
N TYR C 609 58.96 11.44 -29.19
CA TYR C 609 58.40 12.55 -30.00
C TYR C 609 58.38 13.81 -29.13
N VAL C 610 58.77 14.94 -29.72
CA VAL C 610 58.70 16.28 -29.08
C VAL C 610 57.97 17.24 -30.03
N PRO C 611 57.36 18.30 -29.51
CA PRO C 611 56.58 19.20 -30.36
C PRO C 611 57.41 20.27 -31.10
N VAL C 612 58.71 20.39 -30.78
CA VAL C 612 59.63 21.37 -31.41
C VAL C 612 60.97 20.67 -31.69
N ALA C 613 61.49 20.79 -32.91
CA ALA C 613 62.86 20.36 -33.30
C ALA C 613 63.86 21.31 -32.63
N ALA C 614 64.55 20.84 -31.59
CA ALA C 614 65.42 21.70 -30.76
C ALA C 614 66.19 20.85 -29.73
N GLU C 615 66.93 21.55 -28.87
CA GLU C 615 67.69 21.05 -27.71
C GLU C 615 66.73 20.92 -26.52
N TYR C 616 66.79 19.77 -25.81
CA TYR C 616 66.04 19.55 -24.55
C TYR C 616 67.04 19.25 -23.44
N ARG C 617 66.64 19.60 -22.21
CA ARG C 617 67.39 19.50 -20.94
C ARG C 617 66.60 18.57 -20.02
N VAL C 618 67.27 17.67 -19.31
CA VAL C 618 66.64 16.81 -18.28
C VAL C 618 66.38 17.68 -17.04
N ILE C 619 65.12 17.79 -16.58
CA ILE C 619 64.76 18.57 -15.35
C ILE C 619 64.63 17.64 -14.15
N TYR C 620 64.36 16.34 -14.37
CA TYR C 620 64.10 15.33 -13.31
C TYR C 620 64.59 13.98 -13.81
N ASN C 621 65.39 13.27 -13.01
CA ASN C 621 65.96 11.97 -13.43
C ASN C 621 66.02 11.00 -12.24
N SER C 622 65.23 9.91 -12.29
CA SER C 622 64.96 8.98 -11.17
C SER C 622 66.22 8.18 -10.84
N ILE C 623 67.17 8.02 -11.78
CA ILE C 623 68.41 7.24 -11.53
C ILE C 623 69.51 8.09 -10.87
N ASP C 624 69.23 9.33 -10.43
CA ASP C 624 70.22 10.20 -9.72
C ASP C 624 70.64 9.52 -8.40
N GLN C 625 71.91 9.65 -8.02
CA GLN C 625 72.48 8.97 -6.83
C GLN C 625 71.86 9.58 -5.58
N ARG C 626 71.39 10.81 -5.73
CA ARG C 626 70.57 11.51 -4.71
C ARG C 626 69.38 10.61 -4.33
N TYR C 627 68.89 9.74 -5.23
CA TYR C 627 67.67 8.93 -4.98
C TYR C 627 67.99 7.46 -4.76
N ILE C 628 68.88 6.85 -5.56
CA ILE C 628 69.08 5.36 -5.55
C ILE C 628 70.50 4.97 -5.13
N GLY C 629 71.29 5.92 -4.63
CA GLY C 629 72.72 5.70 -4.32
C GLY C 629 73.54 5.37 -5.56
N SER C 630 74.78 4.94 -5.36
CA SER C 630 75.75 4.59 -6.44
C SER C 630 75.34 3.28 -7.11
N GLN C 631 75.21 3.30 -8.43
CA GLN C 631 74.85 2.11 -9.24
C GLN C 631 75.70 2.12 -10.51
N HIS C 632 75.86 0.96 -11.13
CA HIS C 632 76.67 0.78 -12.36
C HIS C 632 76.14 1.72 -13.45
N TYR C 633 74.84 2.09 -13.42
CA TYR C 633 74.14 2.77 -14.55
C TYR C 633 73.92 4.28 -14.29
N ASN C 634 74.38 4.86 -13.19
CA ASN C 634 74.20 6.32 -12.95
C ASN C 634 75.54 6.99 -12.66
N GLN C 635 76.63 6.54 -13.30
CA GLN C 635 77.97 7.10 -13.04
C GLN C 635 78.16 8.35 -13.93
N HIS C 636 77.08 8.87 -14.50
CA HIS C 636 77.08 10.07 -15.39
C HIS C 636 76.34 11.23 -14.73
N ASP C 637 76.44 12.43 -15.30
CA ASP C 637 75.62 13.62 -14.93
C ASP C 637 74.18 13.32 -15.36
N PRO C 638 73.22 13.30 -14.41
CA PRO C 638 71.83 12.96 -14.72
C PRO C 638 71.06 14.05 -15.50
N TYR C 639 71.53 15.29 -15.45
CA TYR C 639 70.83 16.49 -15.95
C TYR C 639 71.47 16.90 -17.28
N TRP C 640 71.41 15.97 -18.24
CA TRP C 640 72.06 16.14 -19.56
C TRP C 640 71.16 16.96 -20.50
N THR C 641 71.73 17.25 -21.66
CA THR C 641 71.09 17.95 -22.78
C THR C 641 71.17 17.03 -23.99
N ILE C 642 70.28 17.20 -24.95
CA ILE C 642 70.25 16.39 -26.21
C ILE C 642 69.56 17.23 -27.28
N HIS C 643 70.12 17.22 -28.49
CA HIS C 643 69.46 17.79 -29.69
C HIS C 643 68.51 16.70 -30.22
N SER C 644 67.28 17.09 -30.55
CA SER C 644 66.34 16.25 -31.32
C SER C 644 66.96 15.93 -32.69
N ALA C 645 66.70 14.76 -33.25
CA ALA C 645 66.86 14.47 -34.70
C ALA C 645 65.49 14.66 -35.35
N GLY C 646 65.30 15.78 -36.05
CA GLY C 646 63.97 16.28 -36.40
C GLY C 646 63.20 16.52 -35.13
N GLN C 647 62.12 15.75 -34.92
CA GLN C 647 61.16 15.91 -33.79
C GLN C 647 61.21 14.69 -32.85
N PHE C 648 62.35 13.99 -32.82
CA PHE C 648 62.55 12.78 -31.98
C PHE C 648 63.83 12.92 -31.16
N LEU C 649 63.74 12.53 -29.88
CA LEU C 649 64.91 12.22 -29.01
C LEU C 649 65.21 10.73 -29.16
N TYR C 650 66.48 10.39 -29.42
CA TYR C 650 67.04 9.02 -29.34
C TYR C 650 68.03 9.00 -28.18
N PHE C 651 67.71 8.22 -27.14
CA PHE C 651 68.59 7.99 -25.96
C PHE C 651 68.25 6.65 -25.32
N ASP C 652 69.15 6.22 -24.42
CA ASP C 652 69.11 4.95 -23.67
C ASP C 652 68.39 5.19 -22.34
N LEU C 653 67.44 4.33 -22.04
CA LEU C 653 66.73 4.27 -20.73
C LEU C 653 67.45 3.20 -19.90
N HIS C 654 67.71 3.51 -18.63
CA HIS C 654 68.37 2.61 -17.65
C HIS C 654 67.29 2.00 -16.75
N PRO C 655 67.61 0.99 -15.92
CA PRO C 655 66.59 0.33 -15.09
C PRO C 655 65.66 1.25 -14.25
N TYR C 656 64.34 0.99 -14.30
CA TYR C 656 63.35 1.69 -13.47
C TYR C 656 63.37 3.21 -13.75
N GLN C 657 63.89 3.65 -14.89
CA GLN C 657 64.22 5.08 -15.09
C GLN C 657 62.97 5.86 -15.51
N ASN C 658 62.63 6.87 -14.71
CA ASN C 658 61.60 7.86 -15.01
C ASN C 658 62.30 9.21 -15.17
N ILE C 659 62.09 9.88 -16.31
CA ILE C 659 62.88 11.09 -16.68
C ILE C 659 61.95 12.12 -17.32
N ALA C 660 62.21 13.39 -17.04
CA ALA C 660 61.40 14.53 -17.55
C ALA C 660 62.34 15.56 -18.16
N LEU C 661 62.00 16.04 -19.37
CA LEU C 661 62.78 17.08 -20.09
C LEU C 661 61.88 18.26 -20.52
N LYS C 662 62.53 19.41 -20.77
CA LYS C 662 61.99 20.66 -21.37
C LYS C 662 62.92 21.16 -22.49
N LEU C 663 62.41 21.97 -23.41
CA LEU C 663 63.23 22.84 -24.31
C LEU C 663 64.34 23.52 -23.49
N LYS C 664 65.58 23.56 -23.98
CA LYS C 664 66.71 24.22 -23.25
C LYS C 664 66.66 25.74 -23.48
N ASN C 665 67.21 26.51 -22.52
CA ASN C 665 67.22 28.01 -22.48
C ASN C 665 65.78 28.52 -22.46
N PRO D 24 -32.04 20.10 27.82
CA PRO D 24 -31.06 19.19 27.16
C PRO D 24 -29.89 19.89 26.44
N SER D 25 -28.68 19.35 26.64
CA SER D 25 -27.39 19.79 26.05
C SER D 25 -27.52 20.09 24.55
N LEU D 26 -26.76 21.07 24.03
CA LEU D 26 -26.75 21.42 22.58
C LEU D 26 -26.07 20.30 21.79
N GLU D 27 -25.09 19.62 22.40
CA GLU D 27 -24.35 18.49 21.78
C GLU D 27 -25.37 17.38 21.46
N THR D 28 -26.22 17.05 22.43
CA THR D 28 -27.20 15.94 22.32
C THR D 28 -28.49 16.43 21.64
N ILE D 29 -28.58 17.70 21.19
CA ILE D 29 -29.68 18.16 20.30
C ILE D 29 -29.21 18.06 18.84
N LYS D 30 -27.97 18.45 18.55
CA LYS D 30 -27.36 18.35 17.19
C LYS D 30 -27.26 16.86 16.77
N GLN D 31 -27.16 15.96 17.73
CA GLN D 31 -26.93 14.51 17.45
C GLN D 31 -28.28 13.82 17.27
N ASP D 32 -29.20 14.02 18.22
CA ASP D 32 -30.46 13.24 18.34
C ASP D 32 -31.62 14.01 17.68
N TYR D 33 -31.65 15.34 17.75
CA TYR D 33 -32.75 16.17 17.19
C TYR D 33 -32.18 17.27 16.30
N PRO D 34 -31.33 16.92 15.30
CA PRO D 34 -30.63 17.93 14.51
C PRO D 34 -31.53 18.84 13.68
N TYR D 35 -32.75 18.41 13.40
CA TYR D 35 -33.77 19.20 12.67
C TYR D 35 -34.25 20.39 13.53
N GLN D 36 -33.92 20.40 14.83
CA GLN D 36 -34.31 21.43 15.83
C GLN D 36 -33.29 22.57 15.86
N TYR D 37 -32.09 22.34 15.32
CA TYR D 37 -30.94 23.28 15.28
C TYR D 37 -30.71 23.72 13.82
N PHE D 38 -30.35 22.78 12.94
CA PHE D 38 -30.26 23.03 11.47
C PHE D 38 -31.66 23.36 10.93
N GLY D 39 -31.74 24.10 9.82
CA GLY D 39 -33.01 24.50 9.18
C GLY D 39 -33.38 25.95 9.43
N ALA D 40 -34.68 26.23 9.50
CA ALA D 40 -35.30 27.55 9.72
C ALA D 40 -36.21 27.48 10.95
N HIS D 41 -35.94 28.29 11.99
CA HIS D 41 -36.68 28.30 13.28
C HIS D 41 -37.09 29.74 13.63
N PRO D 42 -38.36 30.12 13.39
CA PRO D 42 -38.86 31.46 13.73
C PRO D 42 -39.50 31.65 15.12
N ASN D 43 -39.32 32.85 15.69
CA ASN D 43 -40.19 33.49 16.72
C ASN D 43 -41.29 34.30 16.01
N GLU D 44 -42.06 35.09 16.76
CA GLU D 44 -42.95 36.14 16.19
C GLU D 44 -42.09 37.38 15.87
N THR D 45 -40.93 37.53 16.52
CA THR D 45 -39.99 38.68 16.35
C THR D 45 -38.96 38.35 15.25
N GLU D 46 -38.04 37.42 15.51
CA GLU D 46 -36.88 37.07 14.63
C GLU D 46 -37.10 35.70 13.98
N THR D 47 -36.12 35.23 13.19
CA THR D 47 -36.11 33.90 12.50
C THR D 47 -34.66 33.51 12.14
N THR D 48 -34.12 32.49 12.82
CA THR D 48 -32.73 32.00 12.66
C THR D 48 -32.67 30.90 11.59
N PHE D 49 -31.55 30.84 10.85
CA PHE D 49 -31.25 29.85 9.78
C PHE D 49 -29.89 29.23 10.03
N ARG D 50 -29.76 27.91 9.83
CA ARG D 50 -28.47 27.16 9.89
C ARG D 50 -28.43 26.07 8.84
N VAL D 51 -27.28 25.92 8.19
CA VAL D 51 -27.00 24.90 7.14
C VAL D 51 -25.54 24.45 7.29
N TYR D 52 -25.29 23.15 7.21
CA TYR D 52 -23.93 22.55 7.25
C TYR D 52 -23.37 22.61 5.82
N ALA D 53 -22.05 22.82 5.68
CA ALA D 53 -21.29 23.00 4.43
C ALA D 53 -19.82 23.26 4.78
N PRO D 54 -19.10 22.26 5.34
CA PRO D 54 -17.76 22.49 5.86
C PRO D 54 -16.78 23.03 4.80
N ARG D 55 -17.05 22.81 3.51
CA ARG D 55 -16.13 23.15 2.38
C ARG D 55 -16.66 24.36 1.60
N ALA D 56 -17.87 24.83 1.88
CA ALA D 56 -18.43 26.04 1.23
C ALA D 56 -17.51 27.25 1.51
N THR D 57 -17.15 27.97 0.45
CA THR D 57 -16.38 29.25 0.49
C THR D 57 -17.29 30.35 1.04
N GLY D 58 -18.54 30.39 0.60
CA GLY D 58 -19.57 31.36 1.03
C GLY D 58 -20.95 30.75 1.00
N VAL D 59 -21.86 31.25 1.84
CA VAL D 59 -23.30 30.87 1.86
C VAL D 59 -24.11 32.15 2.08
N ASN D 60 -25.03 32.47 1.16
CA ASN D 60 -25.98 33.61 1.30
C ASN D 60 -27.41 33.06 1.32
N LEU D 61 -28.30 33.70 2.07
CA LEU D 61 -29.75 33.39 2.16
C LEU D 61 -30.50 34.05 0.99
N MET D 62 -31.66 33.52 0.58
CA MET D 62 -32.48 34.01 -0.56
C MET D 62 -33.98 33.86 -0.23
N THR D 66 -34.02 39.84 1.20
CA THR D 66 -35.00 38.94 0.54
C THR D 66 -35.63 39.68 -0.65
N GLY D 67 -34.93 39.70 -1.80
CA GLY D 67 -35.48 40.01 -3.13
C GLY D 67 -35.14 38.91 -4.14
N TRP D 68 -34.55 37.81 -3.67
CA TRP D 68 -33.90 36.67 -4.41
C TRP D 68 -32.51 37.09 -4.90
N ASP D 69 -31.90 38.11 -4.29
CA ASP D 69 -30.46 38.44 -4.39
C ASP D 69 -29.66 37.36 -3.65
N CYS D 70 -28.58 36.86 -4.26
CA CYS D 70 -27.69 35.81 -3.71
C CYS D 70 -26.75 36.37 -2.64
N PHE D 71 -26.37 37.64 -2.75
CA PHE D 71 -25.27 38.27 -1.97
C PHE D 71 -25.82 39.25 -0.93
N ALA D 72 -27.14 39.48 -0.92
CA ALA D 72 -27.81 40.52 -0.09
C ALA D 72 -27.75 40.16 1.40
N GLU D 73 -27.54 38.90 1.77
CA GLU D 73 -27.59 38.43 3.19
C GLU D 73 -26.54 37.34 3.44
N PRO D 74 -25.22 37.64 3.33
CA PRO D 74 -24.18 36.63 3.52
C PRO D 74 -24.26 36.01 4.93
N MET D 75 -23.88 34.74 5.06
CA MET D 75 -24.03 33.97 6.33
C MET D 75 -22.65 33.76 6.96
N THR D 76 -22.60 33.65 8.29
CA THR D 76 -21.36 33.63 9.10
C THR D 76 -20.99 32.18 9.45
N LYS D 77 -20.12 31.54 8.66
CA LYS D 77 -19.59 30.19 8.99
C LYS D 77 -19.00 30.24 10.41
N ASN D 78 -19.72 29.70 11.39
CA ASN D 78 -19.20 29.40 12.75
C ASN D 78 -18.04 28.41 12.60
N GLU D 79 -17.42 28.05 13.73
CA GLU D 79 -16.19 27.21 13.80
C GLU D 79 -16.42 25.82 13.17
N ASP D 80 -17.61 25.24 13.37
CA ASP D 80 -17.93 23.80 13.11
C ASP D 80 -18.52 23.58 11.71
N GLY D 81 -18.29 24.50 10.77
CA GLY D 81 -18.68 24.36 9.35
C GLY D 81 -20.17 24.62 9.14
N VAL D 82 -20.85 25.22 10.12
CA VAL D 82 -22.31 25.55 10.07
C VAL D 82 -22.47 27.05 9.79
N TRP D 83 -23.14 27.40 8.68
CA TRP D 83 -23.42 28.80 8.27
C TRP D 83 -24.69 29.28 8.99
N GLU D 84 -24.57 30.37 9.77
CA GLU D 84 -25.67 30.96 10.58
C GLU D 84 -25.98 32.39 10.14
N ILE D 85 -27.25 32.76 10.14
CA ILE D 85 -27.71 34.16 10.05
C ILE D 85 -29.05 34.23 10.79
N THR D 86 -29.24 35.25 11.63
CA THR D 86 -30.55 35.57 12.23
C THR D 86 -31.21 36.61 11.31
N ILE D 87 -32.46 36.98 11.57
CA ILE D 87 -33.21 38.04 10.83
C ILE D 87 -34.30 38.61 11.75
N PRO D 88 -34.48 39.95 11.81
CA PRO D 88 -35.42 40.57 12.75
C PRO D 88 -36.92 40.47 12.43
N GLU D 89 -37.30 39.66 11.43
CA GLU D 89 -38.70 39.47 10.97
C GLU D 89 -39.17 38.03 11.22
N ASN D 90 -40.48 37.81 11.27
CA ASN D 90 -41.17 36.49 11.29
C ASN D 90 -41.34 36.03 9.84
N LEU D 91 -40.37 35.24 9.32
CA LEU D 91 -40.31 34.83 7.88
C LEU D 91 -41.16 33.58 7.62
N THR D 92 -41.79 33.01 8.66
CA THR D 92 -42.80 31.92 8.56
C THR D 92 -43.53 32.03 7.21
N TRP D 93 -43.60 30.92 6.47
CA TRP D 93 -44.42 30.70 5.25
C TRP D 93 -43.81 31.37 4.02
N SER D 94 -42.85 32.29 4.18
CA SER D 94 -42.09 32.87 3.04
C SER D 94 -41.11 31.80 2.57
N GLU D 95 -40.81 31.77 1.28
CA GLU D 95 -39.93 30.75 0.64
C GLU D 95 -38.49 31.26 0.78
N TYR D 96 -37.50 30.37 0.63
CA TYR D 96 -36.04 30.71 0.73
C TYR D 96 -35.18 29.62 0.08
N LYS D 97 -33.87 29.85 0.04
CA LYS D 97 -32.85 28.92 -0.50
C LYS D 97 -31.50 29.24 0.14
N TYR D 98 -30.42 28.65 -0.34
CA TYR D 98 -29.03 29.02 0.01
C TYR D 98 -28.20 29.03 -1.27
N TYR D 99 -27.64 30.19 -1.63
CA TYR D 99 -26.54 30.25 -2.62
C TYR D 99 -25.29 29.73 -1.92
N ILE D 100 -24.70 28.67 -2.49
CA ILE D 100 -23.49 28.03 -1.94
C ILE D 100 -22.41 28.14 -3.02
N GLU D 101 -21.25 28.68 -2.63
CA GLU D 101 -20.03 28.85 -3.48
C GLU D 101 -18.93 27.95 -2.88
N ASN D 102 -18.08 27.38 -3.72
CA ASN D 102 -16.79 26.76 -3.31
C ASN D 102 -15.77 26.94 -4.46
N SER D 103 -14.62 27.58 -4.19
CA SER D 103 -13.47 27.76 -5.11
C SER D 103 -12.18 27.36 -4.40
N ASP D 104 -11.51 26.29 -4.87
CA ASP D 104 -10.42 25.57 -4.17
C ASP D 104 -10.22 24.18 -4.80
N ASP D 105 -9.66 24.12 -6.01
CA ASP D 105 -9.34 22.85 -6.74
C ASP D 105 -10.60 21.98 -6.84
N PRO D 110 -15.26 25.83 -10.37
CA PRO D 110 -15.75 26.96 -9.56
C PRO D 110 -17.26 26.82 -9.28
N TYR D 111 -17.62 26.11 -8.21
CA TYR D 111 -19.00 25.70 -7.82
C TYR D 111 -19.78 26.94 -7.33
N GLY D 112 -20.97 27.14 -7.91
CA GLY D 112 -21.89 28.21 -7.49
C GLY D 112 -23.27 27.95 -8.06
N MET D 113 -24.26 27.67 -7.20
CA MET D 113 -25.69 27.46 -7.58
C MET D 113 -26.58 27.52 -6.34
N ALA D 114 -27.85 27.86 -6.56
CA ALA D 114 -28.93 27.90 -5.54
C ALA D 114 -29.27 26.47 -5.07
N ARG D 115 -29.16 26.21 -3.76
CA ARG D 115 -29.42 24.89 -3.12
C ARG D 115 -30.55 25.01 -2.10
N ILE D 116 -31.42 24.00 -2.04
CA ILE D 116 -32.53 23.94 -1.04
C ILE D 116 -31.99 23.44 0.31
N ASP D 117 -32.75 23.70 1.37
CA ASP D 117 -32.31 23.36 2.76
C ASP D 117 -32.53 21.86 2.96
N PRO D 118 -31.48 21.12 3.38
CA PRO D 118 -31.61 19.67 3.61
C PRO D 118 -32.58 19.22 4.71
N PHE D 119 -33.16 20.14 5.47
CA PHE D 119 -34.13 19.84 6.56
C PHE D 119 -35.48 20.50 6.26
N SER D 120 -35.74 20.91 5.02
CA SER D 120 -37.02 21.55 4.63
C SER D 120 -38.15 20.55 4.87
N PRO D 121 -39.09 20.82 5.78
CA PRO D 121 -40.28 19.98 5.92
C PRO D 121 -41.09 19.82 4.61
N GLN D 122 -40.88 20.71 3.63
CA GLN D 122 -41.66 20.82 2.37
C GLN D 122 -40.96 21.80 1.41
N LEU D 123 -41.23 21.65 0.10
CA LEU D 123 -40.70 22.49 -1.01
C LEU D 123 -41.85 23.14 -1.78
N ALA D 124 -41.61 24.36 -2.27
CA ALA D 124 -42.44 25.03 -3.29
C ALA D 124 -41.86 24.63 -4.63
N VAL D 125 -42.72 24.25 -5.57
CA VAL D 125 -42.33 23.83 -6.95
C VAL D 125 -43.12 24.72 -7.92
N THR D 126 -42.45 25.25 -8.96
CA THR D 126 -42.99 26.10 -10.05
C THR D 126 -42.25 25.77 -11.35
N GLY D 131 -40.23 25.32 -20.25
CA GLY D 131 -40.07 24.23 -19.26
C GLY D 131 -39.36 24.73 -18.01
N THR D 132 -38.55 23.86 -17.38
CA THR D 132 -37.56 24.20 -16.31
C THR D 132 -38.27 24.39 -14.97
N ARG D 133 -37.98 23.54 -13.98
CA ARG D 133 -38.68 23.53 -12.66
C ARG D 133 -37.82 24.24 -11.61
N ASN D 134 -38.46 24.99 -10.72
CA ASN D 134 -37.79 25.71 -9.60
C ASN D 134 -38.25 25.12 -8.26
N PHE D 135 -37.29 24.95 -7.33
CA PHE D 135 -37.46 24.33 -5.99
C PHE D 135 -36.98 25.30 -4.92
N ASN D 136 -37.91 25.88 -4.17
CA ASN D 136 -37.58 26.75 -3.00
C ASN D 136 -37.95 25.98 -1.72
N SER D 137 -37.14 26.08 -0.67
CA SER D 137 -37.50 25.68 0.71
C SER D 137 -38.60 26.61 1.23
N ILE D 138 -39.23 26.23 2.34
CA ILE D 138 -40.31 26.99 3.02
C ILE D 138 -39.96 26.99 4.51
N VAL D 139 -40.17 28.12 5.20
CA VAL D 139 -40.14 28.23 6.69
C VAL D 139 -41.48 27.70 7.20
N CYS D 140 -41.44 26.70 8.07
CA CYS D 140 -42.64 25.97 8.54
C CYS D 140 -42.78 26.19 10.04
N ASP D 141 -44.02 26.36 10.52
CA ASP D 141 -44.33 26.56 11.96
C ASP D 141 -44.64 25.20 12.56
N ARG D 142 -43.67 24.62 13.29
CA ARG D 142 -43.76 23.27 13.90
C ARG D 142 -44.94 23.18 14.88
N ASN D 143 -45.50 24.31 15.34
CA ASN D 143 -46.58 24.34 16.37
C ASN D 143 -47.92 24.66 15.71
N TYR D 144 -47.94 25.06 14.43
CA TYR D 144 -49.15 25.46 13.66
C TYR D 144 -50.26 24.42 13.80
N PHE D 145 -50.03 23.17 13.34
CA PHE D 145 -51.05 22.09 13.32
C PHE D 145 -51.48 21.77 14.75
N GLN D 146 -52.80 21.67 14.96
CA GLN D 146 -53.44 21.46 16.29
C GLN D 146 -53.74 19.96 16.45
N TRP D 147 -52.76 19.21 16.98
CA TRP D 147 -52.82 17.75 17.17
C TRP D 147 -53.91 17.42 18.19
N THR D 148 -54.76 16.43 17.89
CA THR D 148 -55.74 15.84 18.84
C THR D 148 -55.33 14.41 19.24
N HIS D 149 -54.51 13.75 18.43
CA HIS D 149 -54.22 12.29 18.52
C HIS D 149 -52.86 12.00 17.88
N LYS D 150 -51.84 12.78 18.22
CA LYS D 150 -50.49 12.68 17.63
C LYS D 150 -49.99 11.25 17.85
N HIS D 151 -50.03 10.83 19.12
CA HIS D 151 -49.54 9.52 19.59
C HIS D 151 -50.72 8.85 20.28
N ILE D 152 -51.38 7.91 19.60
CA ILE D 152 -52.44 7.04 20.22
C ILE D 152 -51.78 5.82 20.85
N ASP D 153 -52.58 4.87 21.31
CA ASP D 153 -52.13 3.63 21.98
C ASP D 153 -52.35 2.47 21.01
N LEU D 154 -51.43 2.29 20.05
CA LEU D 154 -51.58 1.33 18.93
C LEU D 154 -50.54 0.24 19.08
N PRO D 155 -50.91 -0.92 19.65
CA PRO D 155 -50.01 -2.05 19.67
C PRO D 155 -49.66 -2.42 18.23
N HIS D 156 -48.46 -2.95 18.05
CA HIS D 156 -48.09 -3.80 16.90
C HIS D 156 -48.25 -5.28 17.27
N PRO D 158 -50.66 -7.14 18.22
CA PRO D 158 -51.38 -7.58 16.98
C PRO D 158 -51.34 -6.49 15.89
N MET D 159 -51.28 -6.90 14.61
CA MET D 159 -51.13 -5.95 13.47
C MET D 159 -51.48 -6.63 12.14
N SER D 160 -52.20 -5.88 11.29
CA SER D 160 -52.47 -6.20 9.87
C SER D 160 -52.22 -4.92 9.09
N ILE D 161 -51.59 -5.01 7.91
CA ILE D 161 -51.04 -3.85 7.19
C ILE D 161 -51.65 -3.79 5.80
N TYR D 162 -52.09 -2.60 5.39
CA TYR D 162 -52.64 -2.31 4.04
C TYR D 162 -51.59 -1.45 3.34
N GLU D 163 -50.90 -2.02 2.34
CA GLU D 163 -49.88 -1.29 1.56
C GLU D 163 -50.61 -0.50 0.47
N MET D 164 -50.31 0.80 0.37
CA MET D 164 -50.92 1.69 -0.63
C MET D 164 -49.88 2.66 -1.20
N HIS D 165 -50.14 3.10 -2.42
CA HIS D 165 -49.45 4.22 -3.09
C HIS D 165 -50.42 5.40 -3.18
N LEU D 166 -49.95 6.56 -2.73
CA LEU D 166 -50.75 7.80 -2.51
C LEU D 166 -51.53 8.13 -3.78
N SER D 167 -50.83 8.29 -4.89
CA SER D 167 -51.40 8.92 -6.11
C SER D 167 -52.39 7.98 -6.80
N THR D 168 -52.18 6.66 -6.73
CA THR D 168 -53.05 5.63 -7.38
C THR D 168 -54.24 5.32 -6.46
N PHE D 169 -54.04 5.40 -5.15
CA PHE D 169 -55.12 5.26 -4.15
C PHE D 169 -56.11 6.42 -4.34
N HIS D 170 -55.64 7.67 -4.32
CA HIS D 170 -56.49 8.89 -4.47
C HIS D 170 -55.61 10.12 -4.77
N ASP D 171 -55.61 10.57 -6.02
CA ASP D 171 -54.68 11.61 -6.54
C ASP D 171 -55.20 13.00 -6.20
N GLY D 172 -55.31 13.30 -4.91
CA GLY D 172 -55.77 14.61 -4.44
C GLY D 172 -54.94 15.00 -3.25
N ASN D 173 -55.50 15.85 -2.39
CA ASN D 173 -54.79 16.42 -1.21
C ASN D 173 -54.77 15.37 -0.07
N TYR D 174 -53.75 15.39 0.77
CA TYR D 174 -53.56 14.47 1.92
C TYR D 174 -54.82 14.39 2.79
N ARG D 175 -55.61 15.47 2.85
CA ARG D 175 -56.87 15.50 3.65
C ARG D 175 -57.87 14.53 3.02
N ASP D 176 -58.06 14.61 1.70
CA ASP D 176 -59.03 13.80 0.91
C ASP D 176 -58.60 12.33 1.01
N ILE D 177 -57.29 12.08 0.90
CA ILE D 177 -56.66 10.73 0.95
C ILE D 177 -56.93 10.13 2.33
N ALA D 178 -56.66 10.90 3.37
CA ALA D 178 -56.91 10.54 4.77
C ALA D 178 -58.37 10.06 4.92
N HIS D 179 -59.35 10.76 4.33
CA HIS D 179 -60.79 10.42 4.50
C HIS D 179 -61.07 9.08 3.79
N LYS D 180 -60.51 8.88 2.60
CA LYS D 180 -60.66 7.62 1.81
C LYS D 180 -59.94 6.48 2.57
N ILE D 181 -58.78 6.72 3.19
CA ILE D 181 -58.06 5.68 4.00
C ILE D 181 -58.99 5.23 5.11
N VAL D 182 -59.52 6.16 5.89
CA VAL D 182 -60.33 5.87 7.10
C VAL D 182 -61.65 5.22 6.68
N ASP D 183 -62.35 5.78 5.71
CA ASP D 183 -63.66 5.23 5.26
C ASP D 183 -63.46 3.76 4.83
N HIS D 184 -62.47 3.48 3.96
CA HIS D 184 -62.21 2.14 3.39
C HIS D 184 -61.61 1.21 4.46
N MET D 185 -60.68 1.67 5.29
CA MET D 185 -60.08 0.81 6.36
C MET D 185 -61.17 0.40 7.39
N SER D 186 -62.20 1.25 7.58
CA SER D 186 -63.38 0.99 8.44
C SER D 186 -63.90 -0.43 8.22
N TYR D 187 -64.26 -0.76 6.97
CA TYR D 187 -64.79 -2.11 6.67
C TYR D 187 -63.63 -3.12 6.60
N MET D 188 -62.47 -2.76 6.06
CA MET D 188 -61.41 -3.75 5.73
C MET D 188 -60.76 -4.24 7.03
N GLY D 189 -60.70 -3.38 8.04
CA GLY D 189 -60.29 -3.77 9.40
C GLY D 189 -58.77 -3.78 9.60
N PHE D 190 -57.98 -3.28 8.66
CA PHE D 190 -56.50 -3.28 8.84
C PHE D 190 -56.16 -2.35 9.99
N THR D 191 -55.24 -2.75 10.87
CA THR D 191 -54.84 -1.93 12.04
C THR D 191 -53.86 -0.82 11.59
N HIS D 192 -53.18 -1.02 10.48
CA HIS D 192 -52.11 -0.11 9.99
C HIS D 192 -52.19 0.02 8.47
N VAL D 193 -51.74 1.15 7.99
CA VAL D 193 -51.59 1.45 6.56
C VAL D 193 -50.08 1.61 6.33
N GLN D 194 -49.58 1.06 5.22
CA GLN D 194 -48.16 1.15 4.79
C GLN D 194 -48.17 2.01 3.54
N ILE D 195 -47.63 3.21 3.68
CA ILE D 195 -47.69 4.27 2.66
C ILE D 195 -46.33 4.27 1.98
N MET D 196 -46.34 3.86 0.72
CA MET D 196 -45.18 3.95 -0.17
C MET D 196 -44.62 5.37 -0.12
N PRO D 197 -43.30 5.55 -0.42
CA PRO D 197 -42.55 6.71 0.03
C PRO D 197 -43.28 8.04 -0.19
N PRO D 198 -43.63 8.77 0.88
CA PRO D 198 -44.39 10.01 0.74
C PRO D 198 -43.53 11.29 0.68
N PHE D 199 -42.22 11.17 0.37
CA PHE D 199 -41.26 12.30 0.40
C PHE D 199 -41.14 12.94 -1.00
N GLN D 200 -40.53 14.12 -1.04
CA GLN D 200 -40.40 14.93 -2.29
C GLN D 200 -39.54 14.11 -3.25
N THR D 201 -40.01 14.01 -4.50
CA THR D 201 -39.32 13.33 -5.61
C THR D 201 -39.55 14.18 -6.85
N PRO D 202 -38.53 14.33 -7.72
CA PRO D 202 -38.73 15.01 -9.00
C PRO D 202 -39.28 14.04 -10.05
N ILE D 203 -39.16 12.73 -9.81
CA ILE D 203 -39.60 11.67 -10.77
C ILE D 203 -40.71 10.84 -10.11
N HIS D 204 -41.97 11.24 -10.32
CA HIS D 204 -43.18 10.50 -9.85
C HIS D 204 -43.06 9.02 -10.26
N GLN D 205 -42.63 8.75 -11.49
CA GLN D 205 -42.53 7.37 -12.04
C GLN D 205 -41.48 6.58 -11.23
N SER D 206 -40.73 7.22 -10.33
CA SER D 206 -39.79 6.54 -9.39
C SER D 206 -40.57 5.79 -8.31
N TRP D 207 -41.85 6.14 -8.10
CA TRP D 207 -42.76 5.57 -7.06
C TRP D 207 -42.47 6.23 -5.71
N GLY D 208 -41.56 7.21 -5.71
CA GLY D 208 -41.11 7.94 -4.51
C GLY D 208 -39.81 7.39 -3.97
N TYR D 209 -39.21 6.38 -4.62
CA TYR D 209 -37.98 5.72 -4.10
C TYR D 209 -36.75 6.58 -4.44
N LEU D 210 -36.87 7.56 -5.35
CA LEU D 210 -35.76 8.53 -5.68
C LEU D 210 -36.10 9.86 -5.02
N VAL D 211 -35.56 10.10 -3.82
CA VAL D 211 -35.97 11.21 -2.93
C VAL D 211 -35.07 12.41 -3.21
N GLY D 212 -35.67 13.58 -3.36
CA GLY D 212 -34.94 14.86 -3.48
C GLY D 212 -34.43 15.29 -2.13
N CYS D 213 -35.30 15.93 -1.36
CA CYS D 213 -35.01 16.42 0.01
C CYS D 213 -35.67 15.48 1.01
N PRO D 214 -34.87 14.61 1.66
CA PRO D 214 -35.37 13.62 2.61
C PRO D 214 -36.32 14.06 3.74
N TYR D 215 -36.25 15.28 4.30
CA TYR D 215 -37.16 15.72 5.41
C TYR D 215 -38.48 16.29 4.85
N ALA D 216 -38.56 16.47 3.52
CA ALA D 216 -39.70 17.12 2.82
C ALA D 216 -40.80 16.12 2.47
N ILE D 217 -42.04 16.41 2.86
CA ILE D 217 -43.23 15.67 2.37
C ILE D 217 -43.52 16.05 0.91
N TYR D 218 -44.11 15.14 0.14
CA TYR D 218 -44.35 15.28 -1.32
C TYR D 218 -45.35 16.43 -1.56
N GLU D 219 -44.87 17.49 -2.21
CA GLU D 219 -45.63 18.73 -2.57
C GLU D 219 -46.98 18.37 -3.22
N ARG D 220 -47.02 17.25 -3.96
CA ARG D 220 -48.10 16.89 -4.91
C ARG D 220 -49.47 16.81 -4.23
N HIS D 221 -49.53 16.32 -2.99
CA HIS D 221 -50.81 16.09 -2.24
C HIS D 221 -51.03 17.18 -1.19
N GLY D 222 -50.28 18.29 -1.26
CA GLY D 222 -50.47 19.48 -0.42
C GLY D 222 -49.30 19.73 0.52
N THR D 223 -49.59 20.20 1.73
CA THR D 223 -48.59 20.77 2.66
C THR D 223 -48.24 19.74 3.72
N VAL D 224 -47.13 19.97 4.41
CA VAL D 224 -46.63 19.10 5.52
C VAL D 224 -47.69 19.07 6.63
N ASP D 225 -48.49 20.14 6.76
CA ASP D 225 -49.56 20.24 7.81
C ASP D 225 -50.79 19.41 7.34
N ASP D 226 -51.10 19.41 6.03
CA ASP D 226 -52.14 18.51 5.45
C ASP D 226 -51.73 17.04 5.70
N PHE D 227 -50.43 16.74 5.71
CA PHE D 227 -49.90 15.38 6.01
C PHE D 227 -50.09 15.07 7.50
N LYS D 228 -49.66 15.96 8.39
CA LYS D 228 -50.00 15.86 9.84
C LYS D 228 -51.50 15.65 10.03
N TYR D 229 -52.34 16.31 9.23
CA TYR D 229 -53.82 16.11 9.28
C TYR D 229 -54.15 14.64 8.97
N LEU D 230 -53.53 14.07 7.94
CA LEU D 230 -53.76 12.65 7.53
C LEU D 230 -53.37 11.73 8.70
N VAL D 231 -52.25 11.96 9.35
CA VAL D 231 -51.78 11.06 10.45
C VAL D 231 -52.78 11.20 11.57
N ASN D 232 -53.14 12.45 11.85
CA ASN D 232 -54.04 12.81 12.97
C ASN D 232 -55.38 12.12 12.76
N HIS D 233 -55.94 12.22 11.55
CA HIS D 233 -57.26 11.62 11.23
C HIS D 233 -57.18 10.11 11.50
N CYS D 234 -56.27 9.40 10.82
CA CYS D 234 -56.05 7.93 10.94
C CYS D 234 -55.94 7.57 12.43
N HIS D 235 -55.19 8.35 13.20
CA HIS D 235 -54.95 8.10 14.65
C HIS D 235 -56.24 8.30 15.46
N ALA D 236 -57.04 9.31 15.11
CA ALA D 236 -58.37 9.52 15.73
C ALA D 236 -59.23 8.28 15.50
N HIS D 237 -59.09 7.59 14.36
CA HIS D 237 -59.87 6.36 14.06
C HIS D 237 -59.04 5.08 14.33
N GLY D 238 -58.01 5.15 15.17
CA GLY D 238 -57.20 4.00 15.65
C GLY D 238 -56.44 3.26 14.55
N ILE D 239 -56.10 3.94 13.44
CA ILE D 239 -55.29 3.37 12.34
C ILE D 239 -53.86 3.90 12.46
N GLY D 240 -52.89 2.98 12.51
CA GLY D 240 -51.45 3.28 12.55
C GLY D 240 -50.98 3.70 11.18
N VAL D 241 -49.95 4.52 11.09
CA VAL D 241 -49.39 4.92 9.78
C VAL D 241 -47.91 4.53 9.78
N ILE D 242 -47.52 3.80 8.74
CA ILE D 242 -46.11 3.38 8.49
C ILE D 242 -45.73 3.93 7.12
N VAL D 243 -44.57 4.58 7.00
CA VAL D 243 -44.15 5.13 5.67
C VAL D 243 -42.92 4.36 5.22
N ASP D 244 -42.78 4.24 3.91
CA ASP D 244 -41.57 3.75 3.23
C ASP D 244 -40.54 4.85 3.32
N VAL D 245 -39.36 4.54 3.85
CA VAL D 245 -38.23 5.52 3.87
C VAL D 245 -37.08 4.94 3.05
N PRO D 246 -36.71 5.58 1.91
CA PRO D 246 -35.49 5.22 1.19
C PRO D 246 -34.27 5.86 1.89
N LEU D 247 -33.78 5.20 2.94
CA LEU D 247 -32.76 5.71 3.89
C LEU D 247 -31.34 5.48 3.32
N GLY D 248 -31.22 4.65 2.28
CA GLY D 248 -29.93 4.16 1.76
C GLY D 248 -29.39 5.07 0.68
N PHE D 249 -30.22 5.94 0.09
CA PHE D 249 -29.83 6.72 -1.11
C PHE D 249 -30.88 7.77 -1.48
N GLY D 250 -30.42 8.79 -2.21
CA GLY D 250 -31.25 9.91 -2.68
C GLY D 250 -31.17 10.04 -4.19
N VAL D 251 -32.09 10.80 -4.78
CA VAL D 251 -32.00 11.11 -6.24
C VAL D 251 -30.63 11.77 -6.49
N GLN D 252 -30.11 11.62 -7.70
CA GLN D 252 -28.82 12.19 -8.19
C GLN D 252 -28.96 13.71 -8.32
N ASP D 253 -30.16 14.20 -8.66
CA ASP D 253 -30.45 15.64 -8.98
C ASP D 253 -29.87 16.55 -7.88
N TRP D 254 -29.39 17.74 -8.30
CA TRP D 254 -28.73 18.78 -7.46
C TRP D 254 -29.77 19.82 -7.02
N ASP D 255 -30.68 20.22 -7.91
CA ASP D 255 -31.66 21.32 -7.65
C ASP D 255 -32.51 20.99 -6.42
N CYS D 256 -33.19 19.84 -6.40
CA CYS D 256 -34.09 19.45 -5.29
C CYS D 256 -33.37 18.56 -4.26
N GLY D 257 -32.08 18.31 -4.45
CA GLY D 257 -31.36 17.17 -3.83
C GLY D 257 -30.21 17.61 -2.95
N LEU D 258 -29.32 16.68 -2.62
CA LEU D 258 -28.22 16.88 -1.64
C LEU D 258 -26.83 16.69 -2.26
N ALA D 259 -26.67 16.08 -3.44
CA ALA D 259 -25.34 15.61 -3.88
C ALA D 259 -24.48 16.83 -4.22
N ASN D 260 -23.17 16.74 -3.96
CA ASN D 260 -22.16 17.78 -4.29
C ASN D 260 -22.61 19.08 -3.63
N TYR D 261 -23.08 19.00 -2.37
CA TYR D 261 -23.84 20.07 -1.67
C TYR D 261 -22.94 21.30 -1.46
N ASP D 262 -21.73 21.06 -0.94
CA ASP D 262 -20.73 22.11 -0.62
C ASP D 262 -19.63 22.05 -1.68
N GLY D 263 -19.98 21.73 -2.92
CA GLY D 263 -19.02 21.46 -4.03
C GLY D 263 -18.24 20.17 -3.80
N THR D 264 -18.56 19.40 -2.77
CA THR D 264 -17.93 18.09 -2.45
C THR D 264 -19.01 17.06 -2.14
N ASP D 265 -18.60 15.79 -2.09
CA ASP D 265 -19.41 14.66 -1.57
C ASP D 265 -19.46 14.79 -0.06
N LEU D 266 -20.33 15.70 0.40
CA LEU D 266 -20.74 15.88 1.82
C LEU D 266 -21.67 14.73 2.24
N TYR D 267 -22.85 14.60 1.62
CA TYR D 267 -23.89 13.63 2.06
C TYR D 267 -23.55 12.20 1.60
N HIS D 268 -22.91 12.07 0.45
CA HIS D 268 -22.68 10.78 -0.25
C HIS D 268 -21.20 10.42 -0.24
N HIS D 269 -20.88 9.14 -0.34
CA HIS D 269 -19.50 8.63 -0.51
C HIS D 269 -18.91 9.16 -1.81
N SER D 270 -17.60 9.00 -1.99
CA SER D 270 -16.83 9.42 -3.19
C SER D 270 -16.67 8.24 -4.15
N GLY D 271 -16.57 8.52 -5.44
CA GLY D 271 -16.37 7.49 -6.47
C GLY D 271 -17.52 6.50 -6.47
N SER D 272 -17.27 5.28 -6.96
CA SER D 272 -18.33 4.29 -7.27
C SER D 272 -19.18 4.00 -6.02
N ARG D 273 -18.64 4.17 -4.80
CA ARG D 273 -19.33 3.84 -3.51
C ARG D 273 -20.54 4.76 -3.30
N GLY D 274 -20.48 6.00 -3.79
CA GLY D 274 -21.56 7.00 -3.68
C GLY D 274 -22.55 6.91 -4.83
N TRP D 275 -22.59 5.79 -5.55
CA TRP D 275 -23.60 5.57 -6.61
C TRP D 275 -24.17 4.16 -6.43
N ASN D 276 -25.49 4.02 -6.50
CA ASN D 276 -26.17 2.71 -6.64
C ASN D 276 -26.59 2.61 -8.12
N ASN D 277 -25.96 1.71 -8.87
CA ASN D 277 -26.11 1.59 -10.35
C ASN D 277 -27.45 0.93 -10.71
N GLN D 278 -28.07 0.16 -9.81
CA GLN D 278 -29.46 -0.37 -10.00
C GLN D 278 -30.46 0.79 -10.15
N TRP D 279 -30.35 1.85 -9.33
CA TRP D 279 -31.35 2.95 -9.23
C TRP D 279 -30.80 4.24 -9.86
N ASN D 280 -29.49 4.36 -10.08
CA ASN D 280 -28.81 5.63 -10.46
C ASN D 280 -29.06 6.66 -9.36
N SER D 281 -28.87 6.18 -8.14
CA SER D 281 -29.04 6.98 -6.90
C SER D 281 -27.68 7.23 -6.24
N ARG D 282 -27.67 8.23 -5.33
CA ARG D 282 -26.49 8.62 -4.50
C ARG D 282 -26.58 7.93 -3.15
N ILE D 283 -25.59 7.11 -2.83
CA ILE D 283 -25.45 6.36 -1.54
C ILE D 283 -24.80 7.25 -0.48
N TYR D 284 -25.42 7.38 0.70
CA TYR D 284 -25.01 8.28 1.81
C TYR D 284 -23.73 7.76 2.45
N ASN D 285 -22.86 8.69 2.90
CA ASN D 285 -21.66 8.39 3.74
C ASN D 285 -22.11 8.39 5.21
N VAL D 286 -22.42 7.21 5.74
CA VAL D 286 -22.96 6.99 7.11
C VAL D 286 -21.77 6.93 8.10
N GLY D 287 -20.55 6.80 7.59
CA GLY D 287 -19.30 6.92 8.38
C GLY D 287 -19.01 8.38 8.77
N ASP D 288 -19.77 9.35 8.26
CA ASP D 288 -19.71 10.79 8.63
C ASP D 288 -20.78 11.11 9.66
N THR D 289 -20.39 11.74 10.77
CA THR D 289 -21.23 11.88 11.99
C THR D 289 -22.45 12.71 11.64
N TYR D 290 -22.28 13.84 10.94
CA TYR D 290 -23.43 14.74 10.68
C TYR D 290 -24.43 13.98 9.79
N VAL D 291 -23.95 13.11 8.89
CA VAL D 291 -24.79 12.36 7.91
C VAL D 291 -25.50 11.25 8.69
N LYS D 292 -24.79 10.50 9.52
CA LYS D 292 -25.40 9.52 10.44
C LYS D 292 -26.52 10.23 11.20
N ASN D 293 -26.26 11.42 11.74
CA ASN D 293 -27.22 12.13 12.62
C ASN D 293 -28.38 12.60 11.75
N TYR D 294 -28.10 12.99 10.50
CA TYR D 294 -29.13 13.50 9.56
C TYR D 294 -30.18 12.40 9.26
N LEU D 295 -29.72 11.15 9.09
CA LEU D 295 -30.53 9.98 8.63
C LEU D 295 -31.30 9.38 9.81
N ILE D 296 -30.64 9.18 10.94
CA ILE D 296 -31.31 8.67 12.17
C ILE D 296 -32.31 9.72 12.67
N GLY D 297 -31.94 10.99 12.54
CA GLY D 297 -32.79 12.13 12.94
C GLY D 297 -34.08 12.18 12.14
N LEU D 298 -34.03 11.78 10.88
CA LEU D 298 -35.21 11.75 9.98
C LEU D 298 -36.27 10.83 10.58
N CYS D 299 -35.86 9.68 11.11
CA CYS D 299 -36.78 8.69 11.74
C CYS D 299 -37.34 9.30 13.03
N THR D 300 -36.46 9.83 13.89
CA THR D 300 -36.83 10.58 15.11
C THR D 300 -37.87 11.64 14.71
N TYR D 301 -37.57 12.39 13.65
CA TYR D 301 -38.39 13.51 13.15
C TYR D 301 -39.76 12.98 12.74
N LEU D 302 -39.76 11.85 12.02
CA LEU D 302 -40.99 11.17 11.54
C LEU D 302 -41.93 10.96 12.73
N TYR D 303 -41.40 10.47 13.86
CA TYR D 303 -42.22 10.17 15.07
C TYR D 303 -42.63 11.48 15.78
N HIS D 304 -41.67 12.29 16.22
CA HIS D 304 -41.93 13.50 17.05
C HIS D 304 -42.67 14.59 16.25
N GLU D 305 -42.29 14.85 15.01
CA GLU D 305 -42.88 15.99 14.24
C GLU D 305 -44.08 15.51 13.42
N LEU D 306 -44.02 14.33 12.79
CA LEU D 306 -45.10 13.91 11.86
C LEU D 306 -46.04 12.89 12.53
N GLY D 307 -45.69 12.37 13.71
CA GLY D 307 -46.57 11.43 14.47
C GLY D 307 -46.67 10.04 13.84
N ILE D 308 -45.80 9.75 12.87
CA ILE D 308 -45.77 8.45 12.13
C ILE D 308 -45.38 7.33 13.10
N ASP D 309 -46.08 6.20 13.03
CA ASP D 309 -45.92 5.08 14.01
C ASP D 309 -44.72 4.22 13.66
N GLY D 310 -44.24 4.27 12.43
CA GLY D 310 -43.04 3.51 12.06
C GLY D 310 -42.63 3.72 10.61
N ALA D 311 -41.48 3.16 10.27
CA ALA D 311 -40.88 3.20 8.93
C ALA D 311 -40.57 1.79 8.45
N ARG D 312 -40.88 1.52 7.18
CA ARG D 312 -40.27 0.41 6.42
C ARG D 312 -39.00 0.94 5.74
N ILE D 313 -37.83 0.49 6.21
CA ILE D 313 -36.53 0.90 5.62
C ILE D 313 -36.37 0.14 4.31
N ASP D 314 -36.28 0.86 3.19
CA ASP D 314 -36.31 0.31 1.81
C ASP D 314 -34.92 -0.15 1.42
N ALA D 315 -34.85 -1.21 0.61
CA ALA D 315 -33.62 -1.69 -0.06
C ALA D 315 -32.52 -1.89 0.97
N VAL D 316 -32.84 -2.51 2.11
CA VAL D 316 -31.90 -2.83 3.24
C VAL D 316 -30.74 -3.67 2.72
N ALA D 317 -31.02 -4.68 1.89
CA ALA D 317 -29.99 -5.58 1.33
C ALA D 317 -28.88 -4.76 0.65
N SER D 318 -29.26 -3.80 -0.18
CA SER D 318 -28.30 -2.99 -0.98
C SER D 318 -27.49 -2.05 -0.09
N GLN D 319 -27.97 -1.72 1.11
CA GLN D 319 -27.24 -0.86 2.08
C GLN D 319 -26.16 -1.68 2.80
N ILE D 320 -26.41 -2.96 3.05
CA ILE D 320 -25.53 -3.78 3.94
C ILE D 320 -24.65 -4.75 3.13
N PHE D 321 -24.82 -4.83 1.82
CA PHE D 321 -24.03 -5.74 0.93
C PHE D 321 -23.56 -4.97 -0.31
N PHE D 322 -22.30 -5.14 -0.72
CA PHE D 322 -21.70 -4.53 -1.95
C PHE D 322 -22.15 -5.26 -3.24
N ASP D 323 -22.38 -6.57 -3.16
CA ASP D 323 -22.67 -7.43 -4.35
C ASP D 323 -24.16 -7.75 -4.48
N TYR D 324 -25.08 -6.90 -3.99
CA TYR D 324 -26.54 -7.19 -3.97
C TYR D 324 -27.35 -5.90 -4.14
N ASP D 325 -27.97 -5.76 -5.33
CA ASP D 325 -28.92 -4.69 -5.68
C ASP D 325 -28.20 -3.36 -5.87
N ARG D 326 -26.90 -3.36 -6.10
CA ARG D 326 -26.15 -2.11 -6.45
C ARG D 326 -25.89 -2.06 -7.96
N GLY D 327 -26.40 -3.06 -8.69
CA GLY D 327 -26.30 -3.14 -10.16
C GLY D 327 -25.02 -3.84 -10.56
N PHE D 328 -24.34 -3.32 -11.58
CA PHE D 328 -23.02 -3.83 -12.06
C PHE D 328 -21.99 -2.70 -11.90
N TRP D 329 -21.05 -2.89 -10.97
CA TRP D 329 -19.95 -1.95 -10.63
C TRP D 329 -18.77 -2.76 -10.09
N ASP D 330 -17.54 -2.34 -10.40
CA ASP D 330 -16.32 -2.92 -9.78
C ASP D 330 -16.37 -2.58 -8.28
N TRP D 331 -16.72 -3.55 -7.43
CA TRP D 331 -17.00 -3.37 -5.97
C TRP D 331 -15.84 -3.94 -5.14
N PRO D 332 -15.41 -3.24 -4.06
CA PRO D 332 -14.21 -3.61 -3.32
C PRO D 332 -14.50 -4.77 -2.36
N ARG D 333 -13.95 -5.94 -2.70
CA ARG D 333 -13.92 -7.16 -1.85
C ARG D 333 -13.29 -6.75 -0.50
N ASN D 334 -13.83 -7.22 0.63
CA ASN D 334 -13.21 -6.92 1.94
C ASN D 334 -12.03 -7.87 2.15
N ASP D 335 -10.91 -7.31 2.58
CA ASP D 335 -9.86 -8.06 3.28
C ASP D 335 -10.45 -8.47 4.63
N ARG D 336 -10.71 -9.74 4.80
CA ARG D 336 -11.16 -10.29 6.10
C ARG D 336 -10.14 -10.00 7.22
N GLU D 337 -8.84 -9.88 6.94
CA GLU D 337 -7.80 -9.61 7.98
C GLU D 337 -8.00 -8.21 8.56
N GLN D 338 -8.58 -7.28 7.78
CA GLN D 338 -8.68 -5.84 8.10
C GLN D 338 -10.07 -5.49 8.65
N VAL D 339 -11.05 -6.41 8.55
CA VAL D 339 -12.43 -6.21 9.09
C VAL D 339 -12.33 -6.09 10.62
N GLU D 340 -12.93 -5.05 11.20
CA GLU D 340 -12.82 -4.65 12.65
C GLU D 340 -13.50 -5.70 13.56
N LEU D 341 -12.92 -5.97 14.73
CA LEU D 341 -13.28 -7.10 15.63
C LEU D 341 -14.76 -6.99 16.05
N GLU D 342 -15.27 -5.77 16.21
CA GLU D 342 -16.68 -5.54 16.64
C GLU D 342 -17.59 -5.84 15.44
N ASN D 343 -17.09 -5.65 14.20
CA ASN D 343 -17.84 -5.88 12.95
C ASN D 343 -17.93 -7.39 12.66
N TRP D 344 -17.03 -8.20 13.25
CA TRP D 344 -17.08 -9.68 13.20
C TRP D 344 -18.09 -10.18 14.22
N GLU D 345 -18.21 -9.50 15.37
CA GLU D 345 -19.10 -9.88 16.49
C GLU D 345 -20.55 -9.70 16.03
N LEU D 346 -20.83 -8.57 15.37
CA LEU D 346 -22.14 -8.29 14.77
C LEU D 346 -22.45 -9.36 13.72
N PHE D 347 -21.59 -9.50 12.70
CA PHE D 347 -21.73 -10.42 11.53
C PHE D 347 -22.00 -11.86 11.99
N ASN D 348 -21.40 -12.29 13.09
CA ASN D 348 -21.53 -13.68 13.62
C ASN D 348 -22.81 -13.80 14.44
N ASN D 349 -23.14 -12.80 15.25
CA ASN D 349 -24.40 -12.70 16.03
C ASN D 349 -25.61 -12.69 15.08
N LEU D 350 -25.49 -12.02 13.94
CA LEU D 350 -26.50 -11.97 12.85
C LEU D 350 -26.67 -13.31 12.14
N GLY D 351 -25.71 -14.25 12.25
CA GLY D 351 -25.81 -15.58 11.62
C GLY D 351 -24.50 -16.13 11.06
N GLY D 352 -23.49 -15.29 10.80
CA GLY D 352 -22.15 -15.77 10.46
C GLY D 352 -21.99 -16.01 8.97
N ASP D 353 -20.91 -16.67 8.54
CA ASP D 353 -20.45 -16.65 7.13
C ASP D 353 -21.15 -17.76 6.33
N ARG D 354 -21.21 -17.55 5.01
CA ARG D 354 -21.72 -18.45 3.96
C ARG D 354 -20.70 -18.46 2.82
N TYR D 355 -20.32 -19.62 2.28
CA TYR D 355 -19.57 -19.67 0.98
C TYR D 355 -20.56 -19.57 -0.17
N PHE D 356 -20.26 -18.73 -1.17
CA PHE D 356 -21.04 -18.60 -2.42
C PHE D 356 -20.29 -19.30 -3.55
N GLU D 357 -20.41 -20.64 -3.59
CA GLU D 357 -19.71 -21.52 -4.56
C GLU D 357 -19.91 -20.90 -5.95
N GLU D 358 -21.18 -20.80 -6.37
CA GLU D 358 -21.68 -19.99 -7.50
C GLU D 358 -20.72 -18.84 -7.82
N ARG D 359 -20.58 -17.85 -6.91
CA ARG D 359 -20.05 -16.48 -7.17
C ARG D 359 -18.52 -16.36 -6.93
N GLY D 360 -17.93 -17.18 -6.05
CA GLY D 360 -16.46 -17.27 -5.89
C GLY D 360 -15.93 -17.02 -4.48
N TYR D 361 -16.72 -16.37 -3.60
CA TYR D 361 -16.25 -15.77 -2.31
C TYR D 361 -17.20 -16.07 -1.14
N TRP D 362 -16.84 -15.58 0.05
CA TRP D 362 -17.66 -15.63 1.29
C TRP D 362 -18.51 -14.36 1.44
N LEU D 363 -19.56 -14.42 2.28
CA LEU D 363 -20.49 -13.29 2.56
C LEU D 363 -19.66 -12.14 3.17
N SER D 364 -18.79 -12.46 4.12
CA SER D 364 -17.90 -11.49 4.85
C SER D 364 -17.12 -10.63 3.85
N GLU D 365 -16.83 -11.09 2.63
CA GLU D 365 -16.07 -10.30 1.60
C GLU D 365 -16.99 -9.27 0.92
N ALA D 366 -18.31 -9.42 1.04
CA ALA D 366 -19.31 -8.65 0.27
C ALA D 366 -20.08 -7.68 1.18
N VAL D 367 -20.05 -7.89 2.49
CA VAL D 367 -20.80 -7.08 3.51
C VAL D 367 -20.21 -5.67 3.60
N ASP D 368 -20.98 -4.64 3.25
CA ASP D 368 -20.72 -3.22 3.58
C ASP D 368 -20.96 -3.01 5.09
N PHE D 369 -19.93 -3.21 5.91
CA PHE D 369 -19.99 -3.11 7.40
C PHE D 369 -20.30 -1.67 7.86
N ALA D 370 -20.07 -0.64 7.03
CA ALA D 370 -20.50 0.75 7.32
C ALA D 370 -22.04 0.81 7.32
N GLY D 371 -22.68 0.41 6.21
CA GLY D 371 -24.15 0.23 6.09
C GLY D 371 -24.73 -0.67 7.19
N LEU D 372 -24.02 -1.72 7.60
CA LEU D 372 -24.49 -2.70 8.61
C LEU D 372 -24.46 -2.08 10.01
N ARG D 373 -23.28 -1.59 10.43
CA ARG D 373 -23.02 -0.74 11.62
C ARG D 373 -24.09 0.36 11.75
N PHE D 374 -24.38 1.06 10.65
CA PHE D 374 -25.30 2.21 10.64
C PHE D 374 -26.70 1.78 11.10
N LEU D 375 -27.27 0.70 10.52
CA LEU D 375 -28.66 0.27 10.77
C LEU D 375 -28.74 -0.27 12.21
N ARG D 376 -27.67 -0.85 12.75
CA ARG D 376 -27.61 -1.23 14.20
C ARG D 376 -27.69 0.06 15.03
N ASP D 377 -26.87 1.07 14.67
CA ASP D 377 -26.78 2.37 15.40
C ASP D 377 -28.13 3.08 15.38
N LEU D 378 -28.79 3.11 14.20
CA LEU D 378 -30.16 3.68 13.98
C LEU D 378 -31.12 3.14 15.05
N HIS D 379 -31.09 1.84 15.34
CA HIS D 379 -32.03 1.18 16.29
C HIS D 379 -31.59 1.49 17.74
N ALA D 380 -30.31 1.36 18.08
CA ALA D 380 -29.73 1.76 19.38
C ALA D 380 -30.13 3.21 19.72
N ARG D 381 -30.11 4.12 18.75
CA ARG D 381 -30.47 5.54 18.97
C ARG D 381 -31.99 5.69 19.06
N LEU D 382 -32.76 4.94 18.27
CA LEU D 382 -34.24 5.10 18.21
C LEU D 382 -34.84 4.51 19.48
N GLN D 383 -34.18 3.53 20.08
CA GLN D 383 -34.60 2.97 21.39
C GLN D 383 -34.71 4.11 22.42
N HIS D 384 -33.92 5.18 22.29
CA HIS D 384 -33.90 6.28 23.30
C HIS D 384 -34.53 7.57 22.75
N THR D 385 -34.50 7.89 21.44
CA THR D 385 -35.14 9.12 20.90
C THR D 385 -36.63 8.92 20.60
N ALA D 386 -37.09 7.68 20.37
CA ALA D 386 -38.50 7.36 20.01
C ALA D 386 -38.77 5.86 20.19
N PRO D 387 -38.72 5.35 21.45
CA PRO D 387 -38.81 3.90 21.70
C PRO D 387 -40.06 3.12 21.23
N LYS D 388 -41.15 3.80 20.86
CA LYS D 388 -42.44 3.16 20.44
C LYS D 388 -42.50 3.08 18.90
N PHE D 389 -41.69 3.88 18.21
CA PHE D 389 -41.49 3.83 16.74
C PHE D 389 -41.00 2.43 16.33
N ILE D 390 -41.68 1.78 15.38
CA ILE D 390 -41.32 0.42 14.89
C ILE D 390 -40.68 0.56 13.50
N THR D 391 -39.75 -0.32 13.17
CA THR D 391 -39.15 -0.41 11.82
C THR D 391 -39.44 -1.80 11.24
N ILE D 392 -39.50 -1.86 9.92
CA ILE D 392 -39.64 -3.08 9.08
C ILE D 392 -38.52 -3.02 8.04
N ALA D 393 -37.64 -4.02 8.05
CA ALA D 393 -36.56 -4.22 7.07
C ALA D 393 -37.19 -4.69 5.74
N GLU D 394 -37.07 -3.92 4.66
CA GLU D 394 -37.33 -4.42 3.30
C GLU D 394 -36.02 -5.02 2.77
N GLU D 395 -35.66 -6.16 3.33
CA GLU D 395 -34.36 -6.86 3.18
C GLU D 395 -34.55 -8.15 2.38
N SER D 396 -34.13 -8.20 1.11
CA SER D 396 -34.55 -9.24 0.12
C SER D 396 -33.56 -10.40 0.00
N ARG D 397 -32.38 -10.33 0.61
CA ARG D 397 -31.34 -11.37 0.41
C ARG D 397 -31.57 -12.49 1.43
N ARG D 398 -31.92 -12.16 2.68
CA ARG D 398 -32.34 -13.13 3.73
C ARG D 398 -31.23 -14.12 4.08
N VAL D 399 -29.97 -13.68 4.17
CA VAL D 399 -28.85 -14.60 4.57
C VAL D 399 -28.43 -14.36 6.01
N PHE D 400 -29.12 -13.49 6.74
CA PHE D 400 -28.87 -13.26 8.20
C PHE D 400 -30.12 -13.65 8.98
N PRO D 401 -30.17 -14.88 9.54
CA PRO D 401 -31.29 -15.30 10.38
C PRO D 401 -31.75 -14.30 11.45
N LYS D 402 -30.92 -13.34 11.87
CA LYS D 402 -31.21 -12.53 13.08
C LYS D 402 -31.10 -11.04 12.76
N LEU D 403 -31.31 -10.67 11.49
CA LEU D 403 -31.33 -9.25 11.06
C LEU D 403 -32.35 -8.50 11.94
N ALA D 404 -33.61 -8.94 11.98
CA ALA D 404 -34.71 -8.27 12.71
C ALA D 404 -34.86 -8.91 14.10
N CYS D 405 -33.84 -8.73 14.93
CA CYS D 405 -33.86 -9.04 16.37
C CYS D 405 -33.33 -7.82 17.10
N PRO D 406 -33.65 -7.66 18.41
CA PRO D 406 -33.13 -6.55 19.21
C PRO D 406 -31.61 -6.49 19.15
N VAL D 407 -31.04 -5.28 19.14
CA VAL D 407 -29.57 -5.03 19.17
C VAL D 407 -28.91 -5.82 20.33
N ASP D 408 -29.53 -5.88 21.51
CA ASP D 408 -28.87 -6.48 22.70
C ASP D 408 -28.97 -8.00 22.62
N GLU D 409 -29.67 -8.53 21.61
CA GLU D 409 -29.83 -10.00 21.38
C GLU D 409 -29.02 -10.43 20.13
N GLY D 410 -28.27 -9.51 19.53
CA GLY D 410 -27.35 -9.81 18.44
C GLY D 410 -27.83 -9.34 17.07
N GLY D 411 -28.89 -8.52 16.99
CA GLY D 411 -29.53 -8.14 15.71
C GLY D 411 -29.22 -6.72 15.29
N LEU D 412 -29.74 -6.28 14.14
CA LEU D 412 -29.71 -4.86 13.71
C LEU D 412 -30.81 -4.03 14.42
N GLY D 413 -31.73 -4.68 15.13
CA GLY D 413 -32.74 -4.00 15.97
C GLY D 413 -34.07 -3.76 15.26
N PHE D 414 -34.22 -4.14 13.99
CA PHE D 414 -35.52 -4.02 13.28
C PHE D 414 -36.61 -4.73 14.09
N THR D 415 -37.79 -4.14 14.13
CA THR D 415 -38.95 -4.72 14.85
C THR D 415 -39.43 -5.90 14.00
N TYR D 416 -39.49 -5.70 12.68
CA TYR D 416 -40.01 -6.69 11.71
C TYR D 416 -39.03 -6.84 10.55
N ALA D 417 -39.01 -8.02 9.94
CA ALA D 417 -38.52 -8.22 8.56
C ALA D 417 -39.71 -8.57 7.67
N GLN D 418 -39.72 -8.09 6.45
CA GLN D 418 -40.69 -8.54 5.42
C GLN D 418 -40.34 -9.93 4.88
N ASN D 419 -41.37 -10.79 4.72
CA ASN D 419 -41.31 -12.18 4.21
C ASN D 419 -40.92 -12.21 2.72
N MET D 420 -39.91 -11.45 2.33
CA MET D 420 -39.39 -11.38 0.93
C MET D 420 -38.87 -12.75 0.52
N GLY D 421 -39.28 -13.21 -0.66
CA GLY D 421 -38.98 -14.58 -1.11
C GLY D 421 -40.02 -15.60 -0.68
N GLU D 422 -40.87 -15.35 0.31
CA GLU D 422 -41.69 -16.47 0.87
C GLU D 422 -42.83 -16.79 -0.11
N MET D 423 -43.60 -15.81 -0.56
CA MET D 423 -44.81 -16.11 -1.39
C MET D 423 -44.35 -16.79 -2.68
N HIS D 424 -43.23 -16.37 -3.26
CA HIS D 424 -42.63 -17.08 -4.42
C HIS D 424 -42.54 -18.61 -4.14
N ARG D 425 -42.04 -19.04 -2.99
CA ARG D 425 -41.90 -20.49 -2.64
C ARG D 425 -43.27 -21.14 -2.39
N ILE D 426 -44.14 -20.51 -1.61
CA ILE D 426 -45.53 -20.99 -1.41
C ILE D 426 -46.21 -21.09 -2.78
N ARG D 427 -46.06 -20.10 -3.67
CA ARG D 427 -46.81 -20.12 -4.95
C ARG D 427 -46.32 -21.29 -5.82
N SER D 428 -45.04 -21.68 -5.70
CA SER D 428 -44.38 -22.76 -6.48
C SER D 428 -44.92 -24.12 -6.00
N TYR D 429 -44.85 -24.36 -4.69
CA TYR D 429 -45.49 -25.50 -4.03
C TYR D 429 -46.92 -25.62 -4.59
N LEU D 430 -47.76 -24.60 -4.44
CA LEU D 430 -49.20 -24.65 -4.79
C LEU D 430 -49.41 -24.91 -6.30
N GLN D 431 -48.43 -24.65 -7.16
CA GLN D 431 -48.56 -24.86 -8.63
C GLN D 431 -48.21 -26.30 -9.00
N ILE D 432 -47.58 -27.06 -8.09
CA ILE D 432 -47.38 -28.52 -8.21
C ILE D 432 -48.73 -29.18 -7.95
N PRO D 433 -49.16 -30.16 -8.79
CA PRO D 433 -50.38 -30.93 -8.51
C PRO D 433 -50.21 -31.69 -7.18
N ILE D 434 -51.28 -31.85 -6.38
CA ILE D 434 -51.23 -32.36 -4.99
C ILE D 434 -50.68 -33.79 -5.00
N GLU D 435 -50.87 -34.51 -6.10
CA GLU D 435 -50.45 -35.93 -6.19
C GLU D 435 -48.91 -35.99 -6.18
N HIS D 436 -48.21 -34.90 -6.54
CA HIS D 436 -46.73 -34.87 -6.76
C HIS D 436 -46.01 -33.94 -5.76
N ARG D 437 -46.68 -33.45 -4.72
CA ARG D 437 -46.03 -32.60 -3.70
C ARG D 437 -46.25 -33.22 -2.33
N LEU D 438 -45.38 -32.92 -1.38
CA LEU D 438 -45.55 -33.38 0.02
C LEU D 438 -46.11 -32.22 0.83
N ILE D 439 -47.04 -32.50 1.72
CA ILE D 439 -47.56 -31.50 2.70
C ILE D 439 -46.42 -31.06 3.64
N GLU D 440 -45.31 -31.79 3.74
CA GLU D 440 -44.16 -31.40 4.61
C GLU D 440 -43.50 -30.12 4.09
N HIS D 441 -43.53 -29.88 2.78
CA HIS D 441 -42.86 -28.73 2.10
C HIS D 441 -43.54 -27.43 2.48
N ILE D 442 -44.87 -27.40 2.59
CA ILE D 442 -45.60 -26.19 3.05
C ILE D 442 -45.38 -26.11 4.57
N GLU D 443 -45.42 -27.23 5.26
CA GLU D 443 -45.26 -27.26 6.73
C GLU D 443 -43.88 -26.75 7.15
N ILE D 444 -42.84 -27.02 6.36
CA ILE D 444 -41.46 -26.53 6.68
C ILE D 444 -41.41 -25.02 6.45
N LEU D 445 -42.17 -24.47 5.49
CA LEU D 445 -42.19 -23.00 5.24
C LEU D 445 -42.99 -22.29 6.36
N ILE D 446 -43.98 -22.97 6.94
CA ILE D 446 -44.82 -22.43 8.05
C ILE D 446 -44.03 -22.54 9.35
N HIS D 447 -43.58 -23.73 9.72
CA HIS D 447 -42.82 -24.01 10.95
C HIS D 447 -41.33 -23.84 10.65
N ASN D 448 -40.95 -22.61 10.34
CA ASN D 448 -39.66 -22.18 9.75
C ASN D 448 -38.65 -21.80 10.85
N ASN D 449 -39.04 -21.90 12.13
CA ASN D 449 -38.22 -21.60 13.33
C ASN D 449 -37.56 -20.22 13.21
N SER D 450 -38.26 -19.22 12.66
CA SER D 450 -37.78 -17.83 12.47
C SER D 450 -37.35 -17.27 13.81
N ALA D 451 -36.27 -16.50 13.84
CA ALA D 451 -35.88 -15.74 15.05
C ALA D 451 -36.52 -14.35 14.98
N GLU D 452 -37.02 -13.95 13.81
CA GLU D 452 -37.55 -12.59 13.56
C GLU D 452 -39.07 -12.57 13.67
N LYS D 453 -39.63 -11.44 14.08
CA LYS D 453 -41.06 -11.17 13.86
C LYS D 453 -41.18 -10.71 12.40
N MET D 454 -42.19 -11.22 11.69
CA MET D 454 -42.33 -11.08 10.23
C MET D 454 -43.60 -10.29 9.90
N VAL D 455 -43.51 -9.44 8.88
CA VAL D 455 -44.65 -8.95 8.06
C VAL D 455 -44.82 -9.99 6.96
N ASN D 456 -45.93 -10.71 6.98
CA ASN D 456 -46.24 -11.84 6.07
C ASN D 456 -47.11 -11.29 4.95
N ALA D 457 -46.52 -10.65 3.95
CA ALA D 457 -47.27 -10.07 2.82
C ALA D 457 -47.72 -11.22 1.90
N MET D 458 -49.00 -11.25 1.56
CA MET D 458 -49.54 -12.15 0.52
C MET D 458 -49.10 -11.66 -0.86
N ASN D 459 -48.97 -10.36 -1.01
CA ASN D 459 -48.66 -9.68 -2.29
C ASN D 459 -48.15 -8.28 -1.94
N THR D 460 -47.35 -7.68 -2.82
CA THR D 460 -46.74 -6.34 -2.61
C THR D 460 -46.79 -5.56 -3.91
N HIS D 461 -46.53 -4.25 -3.84
CA HIS D 461 -46.53 -3.37 -5.02
C HIS D 461 -45.58 -3.99 -6.06
N ASP D 462 -44.44 -4.57 -5.63
CA ASP D 462 -43.41 -5.13 -6.55
C ASP D 462 -43.91 -6.39 -7.28
N GLU D 463 -44.58 -7.29 -6.58
CA GLU D 463 -45.00 -8.59 -7.17
C GLU D 463 -46.14 -8.37 -8.16
N CYS D 464 -46.81 -7.23 -8.19
CA CYS D 464 -47.83 -7.04 -9.26
C CYS D 464 -47.47 -5.87 -10.18
N ALA D 465 -46.18 -5.60 -10.38
CA ALA D 465 -45.67 -4.60 -11.35
C ALA D 465 -45.00 -5.31 -12.53
N ASN D 466 -44.69 -4.54 -13.57
CA ASN D 466 -43.77 -4.90 -14.67
C ASN D 466 -44.18 -6.26 -15.23
N GLY D 467 -45.48 -6.43 -15.48
CA GLY D 467 -46.03 -7.59 -16.21
C GLY D 467 -46.16 -8.85 -15.37
N LYS D 468 -45.99 -8.79 -14.05
CA LYS D 468 -46.01 -10.02 -13.20
C LYS D 468 -47.45 -10.51 -13.01
N VAL D 469 -47.60 -11.81 -12.80
CA VAL D 469 -48.94 -12.44 -12.65
C VAL D 469 -49.31 -12.25 -11.17
N ARG D 470 -50.44 -11.59 -10.88
CA ARG D 470 -50.96 -11.46 -9.50
C ARG D 470 -51.39 -12.84 -9.00
N LEU D 471 -51.20 -13.08 -7.70
CA LEU D 471 -51.64 -14.29 -6.97
C LEU D 471 -53.02 -14.74 -7.43
N ILE D 472 -54.01 -13.86 -7.35
CA ILE D 472 -55.43 -14.20 -7.67
C ILE D 472 -55.47 -14.80 -9.10
N THR D 473 -54.89 -14.12 -10.09
CA THR D 473 -54.79 -14.61 -11.49
C THR D 473 -54.17 -16.01 -11.51
N GLU D 474 -53.01 -16.20 -10.88
CA GLU D 474 -52.25 -17.47 -10.96
C GLU D 474 -53.06 -18.60 -10.29
N LEU D 475 -53.83 -18.31 -9.23
CA LEU D 475 -54.68 -19.32 -8.56
C LEU D 475 -55.83 -19.72 -9.52
N GLY D 476 -56.26 -18.81 -10.39
CA GLY D 476 -57.21 -19.09 -11.48
C GLY D 476 -58.65 -18.85 -11.06
N ASN D 477 -58.88 -18.76 -9.76
CA ASN D 477 -60.22 -18.69 -9.15
C ASN D 477 -60.02 -18.03 -7.78
N HIS D 478 -61.03 -17.36 -7.23
CA HIS D 478 -60.96 -16.71 -5.91
C HIS D 478 -61.13 -17.73 -4.77
N ILE D 479 -61.74 -18.89 -5.00
CA ILE D 479 -62.04 -19.85 -3.89
C ILE D 479 -60.73 -20.17 -3.15
N PRO D 480 -59.64 -20.61 -3.82
CA PRO D 480 -58.37 -20.88 -3.13
C PRO D 480 -57.74 -19.71 -2.35
N LEU D 481 -58.09 -18.47 -2.71
CA LEU D 481 -57.48 -17.23 -2.11
C LEU D 481 -58.06 -17.03 -0.71
N ILE D 482 -59.31 -17.42 -0.51
CA ILE D 482 -60.02 -17.24 0.79
C ILE D 482 -59.23 -17.96 1.89
N GLY D 483 -58.92 -19.25 1.68
CA GLY D 483 -58.15 -20.08 2.63
C GLY D 483 -56.68 -19.71 2.68
N LEU D 484 -56.09 -19.35 1.55
CA LEU D 484 -54.69 -18.90 1.58
C LEU D 484 -54.61 -17.67 2.48
N ALA D 485 -55.59 -16.76 2.40
CA ALA D 485 -55.59 -15.53 3.22
C ALA D 485 -55.78 -15.95 4.69
N ALA D 486 -56.64 -16.92 4.95
CA ALA D 486 -56.82 -17.43 6.33
C ALA D 486 -55.46 -17.95 6.83
N LEU D 487 -54.78 -18.77 6.04
CA LEU D 487 -53.46 -19.33 6.45
C LEU D 487 -52.51 -18.18 6.84
N CYS D 488 -52.39 -17.17 5.99
CA CYS D 488 -51.59 -15.94 6.23
C CYS D 488 -52.01 -15.28 7.57
N TRP D 489 -53.30 -15.19 7.87
CA TRP D 489 -53.76 -14.44 9.07
C TRP D 489 -53.48 -15.22 10.34
N PHE D 490 -53.56 -16.56 10.33
CA PHE D 490 -53.50 -17.38 11.59
C PHE D 490 -52.04 -17.76 11.95
N ARG D 491 -51.10 -17.66 11.01
CA ARG D 491 -49.64 -17.75 11.27
C ARG D 491 -49.15 -16.59 12.15
N PRO D 492 -48.09 -16.79 12.97
CA PRO D 492 -47.49 -15.67 13.69
C PRO D 492 -46.86 -14.69 12.69
N GLY D 493 -47.35 -13.45 12.73
CA GLY D 493 -46.82 -12.30 11.98
C GLY D 493 -47.90 -11.29 11.68
N ALA D 494 -47.54 -10.23 10.95
CA ALA D 494 -48.46 -9.16 10.55
C ALA D 494 -48.81 -9.38 9.10
N PRO D 495 -50.05 -9.79 8.78
CA PRO D 495 -50.48 -9.98 7.40
C PRO D 495 -50.38 -8.63 6.67
N MET D 496 -50.10 -8.66 5.38
CA MET D 496 -50.05 -7.43 4.53
C MET D 496 -50.64 -7.79 3.17
N ILE D 497 -51.46 -6.90 2.62
CA ILE D 497 -51.95 -7.03 1.22
C ILE D 497 -51.66 -5.69 0.59
N PHE D 498 -51.73 -5.56 -0.73
CA PHE D 498 -51.52 -4.30 -1.46
C PHE D 498 -52.85 -3.85 -2.05
N GLN D 499 -53.03 -2.53 -2.19
CA GLN D 499 -54.31 -1.93 -2.65
C GLN D 499 -54.79 -2.68 -3.89
N GLY D 500 -56.05 -3.12 -3.88
CA GLY D 500 -56.67 -3.92 -4.95
C GLY D 500 -56.87 -5.36 -4.51
N ASP D 501 -55.98 -5.88 -3.65
CA ASP D 501 -56.06 -7.27 -3.17
C ASP D 501 -57.41 -7.52 -2.47
N GLU D 502 -57.92 -6.52 -1.75
CA GLU D 502 -59.17 -6.62 -0.94
C GLU D 502 -60.36 -6.95 -1.83
N PHE D 503 -60.33 -6.67 -3.12
CA PHE D 503 -61.43 -7.05 -4.05
C PHE D 503 -60.91 -7.82 -5.26
N GLY D 504 -59.77 -8.48 -5.15
CA GLY D 504 -59.34 -9.46 -6.17
C GLY D 504 -58.93 -8.82 -7.48
N GLU D 505 -58.46 -7.56 -7.44
CA GLU D 505 -57.87 -6.80 -8.58
C GLU D 505 -56.82 -7.67 -9.30
N GLU D 506 -56.92 -7.78 -10.62
CA GLU D 506 -56.02 -8.63 -11.45
C GLU D 506 -55.03 -7.78 -12.26
N GLY D 507 -55.26 -6.48 -12.45
CA GLY D 507 -54.37 -5.60 -13.22
C GLY D 507 -53.06 -5.39 -12.48
N TYR D 508 -52.15 -4.64 -13.10
CA TYR D 508 -50.77 -4.37 -12.60
C TYR D 508 -50.75 -3.13 -11.71
N PHE D 509 -49.71 -3.04 -10.89
CA PHE D 509 -49.30 -1.75 -10.30
C PHE D 509 -48.38 -1.01 -11.28
N ASP D 510 -48.70 0.27 -11.53
CA ASP D 510 -47.89 1.32 -12.22
C ASP D 510 -48.58 2.65 -11.92
N VAL D 511 -47.89 3.78 -12.06
CA VAL D 511 -48.45 5.11 -11.71
C VAL D 511 -49.24 5.68 -12.88
N PHE D 512 -49.79 4.86 -13.78
CA PHE D 512 -50.46 5.36 -15.02
C PHE D 512 -51.98 5.15 -14.94
N HIS D 513 -52.43 4.52 -13.85
CA HIS D 513 -53.86 4.28 -13.53
C HIS D 513 -54.01 4.09 -12.00
N GLY D 514 -55.20 4.36 -11.49
CA GLY D 514 -55.53 4.34 -10.05
C GLY D 514 -56.24 3.05 -9.63
N VAL D 515 -56.55 2.93 -8.34
CA VAL D 515 -57.49 1.89 -7.80
C VAL D 515 -58.86 2.05 -8.46
N ASP D 516 -59.47 0.93 -8.84
CA ASP D 516 -60.82 0.89 -9.43
C ASP D 516 -61.81 0.84 -8.28
N TRP D 517 -62.27 2.00 -7.82
CA TRP D 517 -63.15 2.12 -6.63
C TRP D 517 -64.53 1.52 -6.92
N SER D 518 -64.89 1.35 -8.20
CA SER D 518 -66.17 0.70 -8.57
C SER D 518 -66.19 -0.75 -8.05
N LYS D 519 -65.03 -1.33 -7.73
CA LYS D 519 -64.91 -2.73 -7.24
C LYS D 519 -65.21 -2.84 -5.75
N THR D 520 -65.49 -1.73 -5.05
CA THR D 520 -65.67 -1.63 -3.58
C THR D 520 -66.99 -0.97 -3.14
N GLY D 521 -67.87 -0.50 -4.05
CA GLY D 521 -69.13 0.19 -3.71
C GLY D 521 -70.37 -0.68 -3.97
N PRO D 522 -71.57 -0.08 -4.12
CA PRO D 522 -72.80 -0.86 -4.35
C PRO D 522 -72.87 -1.69 -5.64
N TYR D 523 -72.02 -1.46 -6.64
CA TYR D 523 -72.08 -2.15 -7.96
C TYR D 523 -70.92 -3.15 -8.10
N ALA D 524 -70.24 -3.47 -6.99
CA ALA D 524 -69.10 -4.41 -6.99
C ALA D 524 -69.64 -5.79 -7.34
N ALA D 525 -68.89 -6.57 -8.12
CA ALA D 525 -69.24 -7.97 -8.44
C ALA D 525 -69.20 -8.83 -7.16
N LEU D 526 -70.00 -9.90 -7.12
CA LEU D 526 -70.19 -10.77 -5.92
C LEU D 526 -68.83 -11.29 -5.43
N HIS D 527 -67.92 -11.68 -6.33
CA HIS D 527 -66.60 -12.24 -5.99
C HIS D 527 -65.78 -11.17 -5.27
N GLN D 528 -65.94 -9.91 -5.68
CA GLN D 528 -65.26 -8.73 -5.08
C GLN D 528 -65.71 -8.59 -3.61
N GLN D 529 -67.01 -8.64 -3.35
CA GLN D 529 -67.60 -8.53 -1.98
C GLN D 529 -67.07 -9.70 -1.14
N GLN D 530 -67.09 -10.90 -1.72
CA GLN D 530 -66.72 -12.18 -1.05
C GLN D 530 -65.27 -12.13 -0.56
N ILE D 531 -64.33 -11.76 -1.44
CA ILE D 531 -62.88 -11.65 -1.09
C ILE D 531 -62.76 -10.61 0.04
N SER D 532 -63.46 -9.50 -0.11
CA SER D 532 -63.46 -8.34 0.80
C SER D 532 -63.98 -8.74 2.20
N ASN D 533 -65.04 -9.55 2.25
CA ASN D 533 -65.71 -9.92 3.53
C ASN D 533 -64.78 -10.87 4.33
N ASN D 534 -64.02 -11.69 3.62
CA ASN D 534 -63.04 -12.63 4.21
C ASN D 534 -62.01 -11.77 4.98
N PHE D 535 -61.44 -10.76 4.33
CA PHE D 535 -60.45 -9.86 4.95
C PHE D 535 -61.06 -9.20 6.17
N HIS D 536 -62.30 -8.72 6.05
CA HIS D 536 -63.07 -8.07 7.13
C HIS D 536 -63.14 -9.00 8.35
N ASP D 537 -63.54 -10.25 8.11
CA ASP D 537 -63.73 -11.23 9.22
C ASP D 537 -62.37 -11.58 9.81
N LEU D 538 -61.39 -11.88 8.96
CA LEU D 538 -60.02 -12.24 9.40
C LEU D 538 -59.47 -11.11 10.28
N ASN D 539 -59.71 -9.84 9.92
CA ASN D 539 -59.23 -8.67 10.68
C ASN D 539 -59.99 -8.53 12.02
N GLN D 540 -61.26 -8.90 12.08
CA GLN D 540 -62.02 -8.93 13.36
C GLN D 540 -61.31 -9.92 14.30
N LEU D 541 -61.16 -11.16 13.84
CA LEU D 541 -60.46 -12.19 14.65
C LEU D 541 -59.07 -11.70 15.03
N LEU D 542 -58.35 -11.09 14.11
CA LEU D 542 -56.96 -10.63 14.40
C LEU D 542 -56.96 -9.54 15.49
N ARG D 543 -57.91 -8.62 15.48
CA ARG D 543 -58.03 -7.58 16.54
C ARG D 543 -58.42 -8.20 17.89
N HIS D 544 -59.29 -9.21 17.94
CA HIS D 544 -59.98 -9.62 19.19
C HIS D 544 -59.38 -10.90 19.79
N GLU D 545 -58.63 -11.71 19.04
CA GLU D 545 -58.27 -13.07 19.51
C GLU D 545 -56.91 -13.00 20.19
N PRO D 546 -56.78 -13.28 21.50
CA PRO D 546 -55.47 -13.30 22.14
C PRO D 546 -54.42 -14.16 21.42
N ALA D 547 -54.83 -15.30 20.87
CA ALA D 547 -53.91 -16.26 20.20
C ALA D 547 -53.32 -15.65 18.92
N LEU D 548 -53.86 -14.53 18.43
CA LEU D 548 -53.37 -13.90 17.18
C LEU D 548 -52.58 -12.62 17.48
N ALA D 549 -52.44 -12.24 18.76
CA ALA D 549 -51.68 -11.03 19.18
C ALA D 549 -50.18 -11.18 18.85
N ARG D 550 -49.56 -12.30 19.20
CA ARG D 550 -48.08 -12.39 19.25
C ARG D 550 -47.53 -12.82 17.88
N HIS D 551 -46.34 -12.35 17.55
CA HIS D 551 -45.70 -12.56 16.23
C HIS D 551 -44.44 -13.41 16.35
N GLY D 552 -44.03 -13.80 17.56
CA GLY D 552 -42.99 -14.84 17.71
C GLY D 552 -43.50 -16.18 17.23
N ILE D 553 -42.70 -16.92 16.48
CA ILE D 553 -43.01 -18.28 15.93
C ILE D 553 -43.39 -19.24 17.06
N ASN D 554 -42.90 -19.06 18.30
CA ASN D 554 -43.15 -19.99 19.43
C ASN D 554 -44.58 -19.86 19.96
N SER D 555 -45.35 -18.88 19.49
CA SER D 555 -46.80 -18.75 19.78
C SER D 555 -47.61 -19.70 18.89
N MET D 556 -46.91 -20.48 18.03
CA MET D 556 -47.49 -21.54 17.16
C MET D 556 -46.77 -22.86 17.42
N ILE D 557 -47.47 -23.99 17.34
CA ILE D 557 -46.88 -25.36 17.37
C ILE D 557 -47.59 -26.24 16.33
N ARG D 558 -46.83 -27.08 15.61
CA ARG D 558 -47.36 -28.14 14.70
C ARG D 558 -48.37 -28.99 15.48
N ASN D 559 -49.48 -29.33 14.84
CA ASN D 559 -50.58 -30.11 15.46
C ASN D 559 -50.95 -31.23 14.49
N GLY D 560 -49.96 -31.80 13.81
CA GLY D 560 -50.11 -33.01 12.99
C GLY D 560 -50.49 -32.67 11.57
N SER D 561 -50.32 -33.64 10.67
CA SER D 561 -50.62 -33.53 9.23
C SER D 561 -50.87 -34.93 8.69
N ASN D 562 -51.51 -35.03 7.53
CA ASN D 562 -51.69 -36.28 6.77
C ASN D 562 -51.37 -35.98 5.31
N ASN D 563 -50.31 -36.58 4.79
CA ASN D 563 -49.81 -36.25 3.43
C ASN D 563 -50.81 -36.70 2.34
N GLU D 564 -51.57 -37.78 2.54
CA GLU D 564 -52.39 -38.35 1.43
C GLU D 564 -53.76 -37.67 1.37
N ARG D 565 -54.34 -37.30 2.52
CA ARG D 565 -55.59 -36.49 2.60
C ARG D 565 -55.23 -35.01 2.45
N LYS D 566 -53.95 -34.70 2.60
CA LYS D 566 -53.33 -33.39 2.26
C LYS D 566 -53.90 -32.32 3.19
N TRP D 567 -54.03 -32.64 4.48
CA TRP D 567 -54.37 -31.63 5.50
C TRP D 567 -53.24 -31.47 6.51
N PHE D 568 -53.13 -30.26 7.08
CA PHE D 568 -52.24 -29.99 8.22
C PHE D 568 -52.94 -29.05 9.19
N SER D 569 -52.52 -29.14 10.43
CA SER D 569 -53.05 -28.34 11.55
C SER D 569 -51.87 -27.73 12.31
N PHE D 570 -52.11 -26.60 12.95
CA PHE D 570 -51.21 -25.99 13.93
C PHE D 570 -52.08 -25.34 14.99
N ILE D 571 -51.50 -25.12 16.16
CA ILE D 571 -52.20 -24.43 17.28
C ILE D 571 -51.53 -23.06 17.49
N ARG D 572 -52.32 -22.01 17.66
CA ARG D 572 -51.86 -20.73 18.22
C ARG D 572 -52.23 -20.70 19.72
N TRP D 573 -51.23 -20.60 20.58
CA TRP D 573 -51.43 -20.51 22.06
C TRP D 573 -52.12 -19.19 22.40
N GLY D 574 -53.13 -19.25 23.29
CA GLY D 574 -53.85 -18.07 23.80
C GLY D 574 -53.07 -17.39 24.91
N GLY D 575 -52.20 -18.13 25.62
CA GLY D 575 -51.33 -17.55 26.66
C GLY D 575 -50.00 -18.27 26.73
N ASP D 576 -49.45 -18.40 27.94
CA ASP D 576 -48.03 -18.78 28.15
C ASP D 576 -47.89 -20.30 28.33
N VAL D 577 -49.00 -21.02 28.43
CA VAL D 577 -49.00 -22.45 28.86
C VAL D 577 -49.33 -23.36 27.66
N GLY D 578 -48.47 -24.35 27.39
CA GLY D 578 -48.62 -25.27 26.25
C GLY D 578 -49.27 -26.58 26.66
N PHE D 579 -48.69 -27.69 26.19
CA PHE D 579 -49.20 -29.06 26.44
C PHE D 579 -48.86 -29.56 27.85
N GLU D 580 -48.10 -28.83 28.66
CA GLU D 580 -47.81 -29.20 30.07
C GLU D 580 -49.12 -29.14 30.88
N SER D 581 -49.87 -28.03 30.81
CA SER D 581 -51.17 -27.81 31.48
C SER D 581 -52.23 -28.53 30.63
N SER D 582 -53.26 -29.06 31.26
CA SER D 582 -54.39 -29.72 30.55
C SER D 582 -55.72 -29.20 31.10
N ASP D 583 -55.65 -28.11 31.88
CA ASP D 583 -56.79 -27.41 32.49
C ASP D 583 -57.38 -26.48 31.43
N PRO D 584 -58.72 -26.49 31.23
CA PRO D 584 -59.37 -25.49 30.39
C PRO D 584 -58.88 -24.05 30.64
N LYS D 585 -58.63 -23.69 31.90
CA LYS D 585 -58.22 -22.31 32.28
C LYS D 585 -56.98 -21.92 31.49
N ASP D 586 -56.03 -22.85 31.33
CA ASP D 586 -54.72 -22.64 30.64
C ASP D 586 -54.92 -22.39 29.14
N HIS D 587 -56.08 -22.75 28.56
CA HIS D 587 -56.25 -23.02 27.11
C HIS D 587 -57.55 -22.41 26.55
N LYS D 588 -58.23 -21.51 27.28
CA LYS D 588 -59.57 -21.02 26.83
C LYS D 588 -59.44 -20.22 25.52
N ASP D 589 -58.27 -19.61 25.22
CA ASP D 589 -58.07 -18.71 24.06
C ASP D 589 -57.19 -19.35 22.97
N ASP D 590 -56.75 -20.60 23.11
CA ASP D 590 -55.97 -21.32 22.07
C ASP D 590 -56.78 -21.42 20.79
N ILE D 591 -56.15 -21.28 19.62
CA ILE D 591 -56.87 -21.52 18.34
C ILE D 591 -56.27 -22.77 17.72
N ILE D 592 -57.14 -23.72 17.38
CA ILE D 592 -56.83 -24.95 16.58
C ILE D 592 -57.12 -24.62 15.12
N PHE D 593 -56.09 -24.59 14.28
CA PHE D 593 -56.24 -24.26 12.85
C PHE D 593 -55.97 -25.51 12.02
N VAL D 594 -56.79 -25.73 11.00
CA VAL D 594 -56.68 -26.90 10.09
C VAL D 594 -56.86 -26.41 8.64
N ARG D 595 -55.99 -26.86 7.75
CA ARG D 595 -56.02 -26.51 6.32
C ARG D 595 -56.08 -27.82 5.54
N ASN D 596 -57.08 -27.95 4.67
CA ASN D 596 -57.18 -29.05 3.69
C ASN D 596 -56.90 -28.47 2.32
N GLU D 597 -55.90 -29.02 1.63
CA GLU D 597 -55.45 -28.50 0.32
C GLU D 597 -56.08 -29.34 -0.81
N THR D 598 -56.78 -30.41 -0.48
CA THR D 598 -57.42 -31.28 -1.49
C THR D 598 -58.49 -30.46 -2.21
N PRO D 599 -58.43 -30.30 -3.56
CA PRO D 599 -59.43 -29.52 -4.28
C PRO D 599 -60.70 -30.31 -4.62
N TYR D 600 -60.67 -31.64 -4.45
CA TYR D 600 -61.74 -32.56 -4.91
C TYR D 600 -62.74 -32.85 -3.80
N PRO D 601 -64.04 -32.97 -4.11
CA PRO D 601 -65.08 -33.22 -3.10
C PRO D 601 -65.10 -34.63 -2.53
N VAL D 602 -64.09 -34.98 -1.73
CA VAL D 602 -63.70 -36.40 -1.49
C VAL D 602 -63.49 -36.62 0.02
N GLU D 603 -62.84 -37.73 0.39
CA GLU D 603 -62.72 -38.25 1.79
C GLU D 603 -61.56 -37.54 2.51
N CYS D 604 -61.86 -36.50 3.27
CA CYS D 604 -60.83 -35.88 4.13
C CYS D 604 -61.28 -35.96 5.59
N HIS D 605 -61.21 -37.16 6.15
CA HIS D 605 -61.42 -37.45 7.59
C HIS D 605 -60.23 -36.89 8.33
N ALA D 606 -60.44 -36.01 9.31
CA ALA D 606 -59.34 -35.38 10.08
C ALA D 606 -59.37 -35.91 11.51
N GLU D 607 -58.19 -36.12 12.08
CA GLU D 607 -57.97 -36.45 13.50
C GLU D 607 -57.13 -35.31 14.07
N ILE D 608 -57.76 -34.36 14.75
CA ILE D 608 -57.12 -33.10 15.20
C ILE D 608 -56.90 -33.15 16.72
N TYR D 609 -55.64 -33.14 17.13
CA TYR D 609 -55.22 -33.08 18.55
C TYR D 609 -55.68 -31.73 19.12
N VAL D 610 -56.11 -31.72 20.38
CA VAL D 610 -56.50 -30.49 21.12
C VAL D 610 -56.00 -30.62 22.55
N PRO D 611 -55.64 -29.51 23.21
CA PRO D 611 -55.01 -29.56 24.52
C PRO D 611 -55.92 -29.89 25.71
N VAL D 612 -57.24 -29.95 25.49
CA VAL D 612 -58.24 -30.18 26.57
C VAL D 612 -59.37 -31.03 26.00
N ALA D 613 -59.68 -32.16 26.65
CA ALA D 613 -60.96 -32.90 26.47
C ALA D 613 -62.11 -31.94 26.82
N ALA D 614 -62.91 -31.55 25.81
CA ALA D 614 -64.04 -30.60 25.95
C ALA D 614 -64.76 -30.43 24.61
N GLU D 615 -65.75 -29.54 24.60
CA GLU D 615 -66.46 -29.07 23.38
C GLU D 615 -65.66 -27.92 22.74
N TYR D 616 -65.60 -27.88 21.41
CA TYR D 616 -64.94 -26.81 20.63
C TYR D 616 -65.96 -26.21 19.64
N ARG D 617 -65.83 -24.90 19.40
CA ARG D 617 -66.66 -24.08 18.48
C ARG D 617 -65.83 -23.61 17.27
N VAL D 618 -66.43 -23.56 16.09
CA VAL D 618 -65.78 -23.01 14.86
C VAL D 618 -65.90 -21.48 14.88
N ILE D 619 -64.79 -20.76 14.78
CA ILE D 619 -64.76 -19.27 14.81
C ILE D 619 -64.53 -18.70 13.42
N TYR D 620 -63.98 -19.51 12.54
CA TYR D 620 -63.65 -19.13 11.15
C TYR D 620 -63.81 -20.38 10.29
N ASN D 621 -64.57 -20.26 9.21
CA ASN D 621 -64.76 -21.36 8.23
C ASN D 621 -64.71 -20.78 6.83
N SER D 622 -63.72 -21.15 6.03
CA SER D 622 -63.45 -20.63 4.65
C SER D 622 -64.51 -21.13 3.65
N ILE D 623 -65.36 -22.08 4.00
CA ILE D 623 -66.38 -22.61 3.05
C ILE D 623 -67.70 -21.89 3.26
N ASP D 624 -67.76 -20.90 4.15
CA ASP D 624 -68.97 -20.04 4.33
C ASP D 624 -69.34 -19.45 2.96
N GLN D 625 -70.62 -19.51 2.61
CA GLN D 625 -71.18 -19.01 1.33
C GLN D 625 -70.89 -17.52 1.23
N ARG D 626 -70.70 -16.88 2.38
CA ARG D 626 -70.31 -15.46 2.49
C ARG D 626 -69.01 -15.23 1.69
N TYR D 627 -68.15 -16.24 1.58
CA TYR D 627 -66.80 -16.13 0.97
C TYR D 627 -66.78 -16.78 -0.41
N ILE D 628 -67.49 -17.90 -0.59
CA ILE D 628 -67.32 -18.77 -1.81
C ILE D 628 -68.66 -19.05 -2.50
N GLY D 629 -69.75 -18.42 -2.07
CA GLY D 629 -71.11 -18.65 -2.57
C GLY D 629 -71.59 -20.06 -2.31
N SER D 630 -72.68 -20.48 -2.97
CA SER D 630 -73.38 -21.76 -2.74
C SER D 630 -72.60 -22.92 -3.41
N GLN D 631 -72.34 -23.99 -2.67
CA GLN D 631 -71.63 -25.16 -3.22
C GLN D 631 -72.35 -26.40 -2.69
N HIS D 632 -72.09 -27.56 -3.26
CA HIS D 632 -72.66 -28.85 -2.77
C HIS D 632 -72.17 -29.07 -1.32
N TYR D 633 -70.97 -28.61 -0.94
CA TYR D 633 -70.31 -28.99 0.35
C TYR D 633 -70.54 -27.97 1.48
N ASN D 634 -71.22 -26.83 1.28
CA ASN D 634 -71.41 -25.80 2.35
C ASN D 634 -72.90 -25.49 2.56
N GLN D 635 -73.78 -26.45 2.33
CA GLN D 635 -75.25 -26.37 2.61
C GLN D 635 -75.47 -26.77 4.08
N HIS D 636 -74.71 -26.15 5.00
CA HIS D 636 -74.75 -26.43 6.46
C HIS D 636 -74.29 -25.19 7.23
N ASP D 637 -74.71 -25.04 8.49
CA ASP D 637 -74.20 -23.97 9.38
C ASP D 637 -72.70 -24.17 9.50
N PRO D 638 -71.86 -23.21 9.05
CA PRO D 638 -70.41 -23.37 9.11
C PRO D 638 -69.84 -23.20 10.53
N TYR D 639 -70.62 -22.66 11.46
CA TYR D 639 -70.13 -22.25 12.81
C TYR D 639 -70.61 -23.32 13.80
N TRP D 640 -70.23 -24.56 13.52
CA TRP D 640 -70.66 -25.76 14.30
C TRP D 640 -69.80 -25.93 15.55
N THR D 641 -70.21 -26.90 16.36
CA THR D 641 -69.75 -27.20 17.73
C THR D 641 -69.43 -28.70 17.71
N ILE D 642 -68.42 -29.14 18.47
CA ILE D 642 -68.02 -30.58 18.52
C ILE D 642 -67.40 -30.90 19.89
N HIS D 643 -67.84 -32.01 20.49
CA HIS D 643 -67.22 -32.68 21.67
C HIS D 643 -65.95 -33.41 21.21
N SER D 644 -64.80 -33.17 21.85
CA SER D 644 -63.60 -34.03 21.70
C SER D 644 -63.90 -35.46 22.17
N ALA D 645 -63.30 -36.45 21.50
CA ALA D 645 -63.20 -37.87 21.91
C ALA D 645 -61.83 -38.10 22.57
N GLY D 646 -61.77 -38.03 23.90
CA GLY D 646 -60.50 -37.88 24.63
C GLY D 646 -59.90 -36.53 24.32
N GLN D 647 -58.84 -36.49 23.50
CA GLN D 647 -58.13 -35.24 23.15
C GLN D 647 -57.97 -35.12 21.63
N PHE D 648 -58.85 -35.76 20.86
CA PHE D 648 -58.86 -35.66 19.38
C PHE D 648 -60.25 -35.18 18.93
N LEU D 649 -60.30 -34.31 17.92
CA LEU D 649 -61.55 -33.99 17.17
C LEU D 649 -61.55 -34.83 15.89
N TYR D 650 -62.68 -35.51 15.63
CA TYR D 650 -62.91 -36.31 14.40
C TYR D 650 -63.98 -35.59 13.61
N PHE D 651 -63.61 -35.03 12.46
CA PHE D 651 -64.55 -34.28 11.58
C PHE D 651 -64.06 -34.35 10.14
N ASP D 652 -64.98 -34.10 9.22
CA ASP D 652 -64.74 -34.11 7.75
C ASP D 652 -64.35 -32.70 7.29
N LEU D 653 -63.32 -32.63 6.46
CA LEU D 653 -62.89 -31.38 5.76
C LEU D 653 -63.38 -31.45 4.32
N HIS D 654 -63.80 -30.29 3.78
CA HIS D 654 -64.33 -30.13 2.41
C HIS D 654 -63.27 -29.44 1.57
N PRO D 655 -63.44 -29.37 0.24
CA PRO D 655 -62.41 -28.82 -0.66
C PRO D 655 -61.87 -27.43 -0.26
N TYR D 656 -60.55 -27.28 -0.26
CA TYR D 656 -59.85 -26.00 0.06
C TYR D 656 -60.26 -25.48 1.44
N GLN D 657 -60.69 -26.35 2.34
CA GLN D 657 -61.30 -25.86 3.61
C GLN D 657 -60.18 -25.50 4.59
N ASN D 658 -60.19 -24.25 5.03
CA ASN D 658 -59.35 -23.74 6.14
C ASN D 658 -60.32 -23.34 7.24
N ILE D 659 -60.15 -23.93 8.42
CA ILE D 659 -61.10 -23.83 9.55
C ILE D 659 -60.32 -23.63 10.84
N ALA D 660 -60.91 -22.87 11.76
CA ALA D 660 -60.30 -22.51 13.07
C ALA D 660 -61.33 -22.77 14.17
N LEU D 661 -60.90 -23.32 15.31
CA LEU D 661 -61.78 -23.73 16.43
C LEU D 661 -61.21 -23.23 17.76
N LYS D 662 -62.09 -22.97 18.73
CA LYS D 662 -61.76 -22.68 20.15
C LYS D 662 -62.66 -23.53 21.05
N LEU D 663 -62.21 -23.76 22.29
CA LEU D 663 -63.06 -24.23 23.43
C LEU D 663 -64.37 -23.44 23.46
N LYS D 664 -65.52 -24.13 23.41
CA LYS D 664 -66.85 -23.54 23.72
C LYS D 664 -66.91 -23.29 25.23
N ASN D 665 -66.95 -22.00 25.62
CA ASN D 665 -66.71 -21.50 27.00
C ASN D 665 -67.66 -22.18 28.00
C1 GOL E . 10.11 -42.25 19.63
O1 GOL E . 9.44 -42.07 18.37
C2 GOL E . 11.07 -41.12 19.94
O2 GOL E . 10.82 -40.65 21.27
C3 GOL E . 12.53 -41.48 19.79
O3 GOL E . 13.16 -41.79 21.03
C1 GOL F . 38.56 2.68 13.30
O1 GOL F . 38.11 2.51 11.95
C2 GOL F . 39.86 1.92 13.55
O2 GOL F . 39.82 1.29 14.82
C3 GOL F . 40.19 0.88 12.49
O3 GOL F . 41.16 -0.07 12.93
#